data_1U1E
#
_entry.id   1U1E
#
_cell.length_a   91.076
_cell.length_b   125.690
_cell.length_c   140.899
_cell.angle_alpha   90.00
_cell.angle_beta   90.00
_cell.angle_gamma   90.00
#
_symmetry.space_group_name_H-M   'P 21 21 21'
#
loop_
_entity.id
_entity.type
_entity.pdbx_description
1 polymer 'Uridine phosphorylase'
2 non-polymer 'PHOSPHATE ION'
3 non-polymer 'POTASSIUM ION'
4 non-polymer 1-((2-HYDROXYETHOXY)METHYL)-5-(PHENYLSELANYL)PYRIMIDINE-2,4(1H,3H)-DIONE
5 water water
#
_entity_poly.entity_id   1
_entity_poly.type   'polypeptide(L)'
_entity_poly.pdbx_seq_one_letter_code
;GSHMSKSDVFHLGLTKNDLQGATLAIVPGDPDRVEKIAALMDKPVKLASHREFTTWRAELDGKPVIVCSTGIGGPSTSIA
VEELAQLGIRTFLRIGTTGAIQPHINVGDVLVTTASVRLDGASLHFAPLEFPAVADFECTTALVEAAKSIGATTHVGVTA
SSDTFYPGQERYDTYSGRVVRHFKGSMEEWQAMGVMNYEMESATLLTMCASQGLRAGMVAGVIVNRTQQEIPNAETMKQT
ESHAVKIVVEAARRLL
;
_entity_poly.pdbx_strand_id   A,B,C,D,E,F
#
loop_
_chem_comp.id
_chem_comp.type
_chem_comp.name
_chem_comp.formula
182 non-polymer 1-((2-HYDROXYETHOXY)METHYL)-5-(PHENYLSELANYL)PYRIMIDINE-2,4(1H,3H)-DIONE 'C13 H14 N2 O4 Se'
K non-polymer 'POTASSIUM ION' 'K 1'
PO4 non-polymer 'PHOSPHATE ION' 'O4 P -3'
#
# COMPACT_ATOMS: atom_id res chain seq x y z
N MET A 4 -39.36 30.45 -7.53
CA MET A 4 -37.94 30.54 -7.10
C MET A 4 -37.12 29.30 -7.45
N SER A 5 -37.59 28.13 -7.01
CA SER A 5 -36.80 26.90 -7.08
C SER A 5 -37.60 25.60 -6.89
N LYS A 6 -36.94 24.46 -7.10
CA LYS A 6 -37.51 23.12 -6.84
C LYS A 6 -36.47 22.18 -6.21
N SER A 7 -35.23 22.20 -6.73
CA SER A 7 -34.12 21.47 -6.12
C SER A 7 -32.77 22.08 -6.49
N ASP A 8 -31.98 22.40 -5.47
CA ASP A 8 -30.68 23.04 -5.66
C ASP A 8 -29.52 22.06 -5.72
N VAL A 9 -29.80 20.80 -5.36
CA VAL A 9 -28.77 19.76 -5.32
C VAL A 9 -29.17 18.55 -6.16
N PHE A 10 -28.21 17.66 -6.39
CA PHE A 10 -28.40 16.54 -7.32
C PHE A 10 -29.27 15.40 -6.79
N HIS A 11 -29.27 15.17 -5.48
CA HIS A 11 -29.92 13.98 -4.90
C HIS A 11 -30.99 14.25 -3.84
N LEU A 12 -30.72 15.21 -2.96
CA LEU A 12 -31.58 15.43 -1.78
C LEU A 12 -32.98 15.95 -2.09
N GLY A 13 -33.13 16.64 -3.21
CA GLY A 13 -34.40 17.24 -3.60
C GLY A 13 -34.75 18.42 -2.72
N LEU A 14 -33.74 19.21 -2.37
CA LEU A 14 -33.91 20.37 -1.50
C LEU A 14 -33.37 21.63 -2.12
N THR A 15 -34.01 22.76 -1.81
CA THR A 15 -33.47 24.07 -2.15
C THR A 15 -32.86 24.67 -0.89
N LYS A 16 -32.00 25.67 -1.05
CA LYS A 16 -31.44 26.40 0.09
C LYS A 16 -32.53 27.13 0.85
N ASN A 17 -33.57 27.56 0.13
CA ASN A 17 -34.73 28.22 0.70
C ASN A 17 -35.55 27.32 1.64
N ASP A 18 -35.54 26.02 1.36
CA ASP A 18 -36.20 25.02 2.21
C ASP A 18 -35.61 24.98 3.62
N LEU A 19 -34.31 25.26 3.73
CA LEU A 19 -33.57 25.15 4.98
C LEU A 19 -33.81 26.31 5.94
N GLN A 20 -34.23 27.46 5.39
CA GLN A 20 -34.59 28.65 6.17
C GLN A 20 -33.45 29.18 7.07
N GLY A 21 -32.21 29.06 6.57
CA GLY A 21 -31.05 29.58 7.27
C GLY A 21 -30.36 28.59 8.20
N ALA A 22 -30.83 27.34 8.21
CA ALA A 22 -30.25 26.29 9.06
C ALA A 22 -28.80 26.01 8.70
N THR A 23 -27.97 25.85 9.73
CA THR A 23 -26.54 25.57 9.55
C THR A 23 -26.13 24.28 10.25
N LEU A 24 -27.07 23.67 10.98
CA LEU A 24 -26.83 22.42 11.68
C LEU A 24 -27.76 21.32 11.16
N ALA A 25 -27.19 20.13 10.93
CA ALA A 25 -27.95 18.97 10.53
C ALA A 25 -27.67 17.77 11.44
N ILE A 26 -28.74 17.06 11.80
CA ILE A 26 -28.63 15.76 12.46
C ILE A 26 -28.77 14.71 11.36
N VAL A 27 -27.82 13.78 11.31
CA VAL A 27 -27.75 12.82 10.20
C VAL A 27 -27.81 11.36 10.66
N PRO A 28 -29.02 10.80 10.75
CA PRO A 28 -29.18 9.35 11.03
C PRO A 28 -28.95 8.52 9.78
N GLY A 29 -28.69 7.22 9.95
CA GLY A 29 -28.52 6.31 8.83
C GLY A 29 -29.86 5.89 8.25
N ASP A 30 -30.80 5.54 9.14
CA ASP A 30 -32.12 5.05 8.77
C ASP A 30 -33.06 6.20 8.40
N PRO A 31 -33.58 6.21 7.17
CA PRO A 31 -34.60 7.19 6.75
C PRO A 31 -35.88 7.16 7.60
N ASP A 32 -36.14 6.06 8.29
CA ASP A 32 -37.32 5.93 9.14
C ASP A 32 -37.12 6.59 10.51
N ARG A 33 -35.87 6.93 10.83
CA ARG A 33 -35.52 7.58 12.09
C ARG A 33 -35.67 9.11 12.03
N VAL A 34 -35.80 9.65 10.82
CA VAL A 34 -35.83 11.10 10.59
C VAL A 34 -37.01 11.78 11.29
N GLU A 35 -38.22 11.22 11.09
CA GLU A 35 -39.43 11.73 11.74
C GLU A 35 -39.32 11.66 13.26
N LYS A 36 -38.72 10.60 13.77
CA LYS A 36 -38.53 10.39 15.21
C LYS A 36 -37.69 11.50 15.84
N ILE A 37 -36.59 11.86 15.20
CA ILE A 37 -35.71 12.94 15.68
C ILE A 37 -36.41 14.30 15.56
N ALA A 38 -37.08 14.52 14.44
CA ALA A 38 -37.77 15.80 14.18
C ALA A 38 -38.99 16.02 15.09
N ALA A 39 -39.58 14.93 15.56
CA ALA A 39 -40.74 15.00 16.46
C ALA A 39 -40.37 15.52 17.87
N LEU A 40 -39.09 15.48 18.19
CA LEU A 40 -38.59 15.96 19.48
C LEU A 40 -38.45 17.49 19.51
N MET A 41 -38.44 18.10 18.33
CA MET A 41 -38.27 19.55 18.21
C MET A 41 -39.57 20.25 17.78
N ASP A 42 -39.52 21.58 17.70
CA ASP A 42 -40.70 22.38 17.37
C ASP A 42 -40.97 22.44 15.86
N LYS A 43 -42.26 22.55 15.52
CA LYS A 43 -42.73 22.68 14.14
C LYS A 43 -42.06 21.74 13.12
N PRO A 44 -42.28 20.42 13.27
CA PRO A 44 -41.69 19.45 12.33
C PRO A 44 -42.45 19.38 11.01
N VAL A 45 -41.72 19.49 9.91
CA VAL A 45 -42.29 19.44 8.57
C VAL A 45 -41.42 18.55 7.68
N LYS A 46 -42.08 17.68 6.92
CA LYS A 46 -41.39 16.85 5.92
C LYS A 46 -41.07 17.68 4.69
N LEU A 47 -39.82 17.63 4.24
CA LEU A 47 -39.37 18.42 3.10
C LEU A 47 -39.27 17.61 1.82
N ALA A 48 -38.59 16.46 1.90
CA ALA A 48 -38.32 15.63 0.73
C ALA A 48 -38.06 14.18 1.10
N SER A 49 -38.38 13.28 0.17
CA SER A 49 -38.03 11.87 0.28
C SER A 49 -37.61 11.34 -1.09
N HIS A 50 -36.31 11.12 -1.24
CA HIS A 50 -35.75 10.58 -2.48
C HIS A 50 -34.65 9.58 -2.17
N ARG A 51 -34.71 8.41 -2.80
CA ARG A 51 -33.78 7.31 -2.54
C ARG A 51 -33.73 7.03 -1.04
N GLU A 52 -32.53 6.99 -0.46
CA GLU A 52 -32.35 6.76 0.97
C GLU A 52 -32.30 8.07 1.77
N PHE A 53 -32.53 9.19 1.08
CA PHE A 53 -32.42 10.51 1.69
C PHE A 53 -33.80 11.09 2.02
N THR A 54 -34.17 11.00 3.29
CA THR A 54 -35.38 11.62 3.80
C THR A 54 -35.00 12.84 4.63
N THR A 55 -35.61 13.98 4.34
CA THR A 55 -35.29 15.22 5.03
C THR A 55 -36.50 15.86 5.71
N TRP A 56 -36.33 16.19 6.98
CA TRP A 56 -37.31 16.96 7.75
C TRP A 56 -36.66 18.23 8.26
N ARG A 57 -37.48 19.27 8.46
CA ARG A 57 -37.02 20.51 9.09
C ARG A 57 -37.80 20.74 10.38
N ALA A 58 -37.09 21.18 11.42
CA ALA A 58 -37.71 21.50 12.70
C ALA A 58 -37.08 22.74 13.32
N GLU A 59 -37.62 23.17 14.46
CA GLU A 59 -37.13 24.33 15.18
C GLU A 59 -36.59 23.94 16.55
N LEU A 60 -35.39 24.42 16.86
CA LEU A 60 -34.77 24.19 18.16
C LEU A 60 -34.35 25.52 18.77
N ASP A 61 -35.04 25.89 19.85
CA ASP A 61 -34.86 27.19 20.51
C ASP A 61 -34.93 28.37 19.53
N GLY A 62 -35.93 28.34 18.66
CA GLY A 62 -36.14 29.38 17.66
C GLY A 62 -35.26 29.29 16.43
N LYS A 63 -34.33 28.34 16.43
CA LYS A 63 -33.40 28.17 15.31
C LYS A 63 -33.72 26.94 14.46
N PRO A 64 -33.80 27.14 13.14
CA PRO A 64 -34.05 26.03 12.21
C PRO A 64 -32.95 24.97 12.23
N VAL A 65 -33.35 23.69 12.24
CA VAL A 65 -32.42 22.57 12.22
C VAL A 65 -32.90 21.56 11.18
N ILE A 66 -31.95 20.94 10.48
CA ILE A 66 -32.26 19.91 9.50
C ILE A 66 -32.02 18.51 10.07
N VAL A 67 -32.90 17.57 9.73
CA VAL A 67 -32.66 16.16 9.95
C VAL A 67 -32.71 15.46 8.60
N CYS A 68 -31.62 14.79 8.24
CA CYS A 68 -31.50 14.14 6.93
C CYS A 68 -30.77 12.81 7.04
N SER A 69 -31.39 11.76 6.53
CA SER A 69 -30.79 10.42 6.57
C SER A 69 -29.71 10.28 5.51
N THR A 70 -28.66 9.54 5.84
CA THR A 70 -27.53 9.30 4.94
C THR A 70 -27.68 7.96 4.22
N GLY A 71 -28.42 7.05 4.82
CA GLY A 71 -28.42 5.67 4.41
C GLY A 71 -27.22 4.97 5.02
N ILE A 72 -27.10 3.67 4.78
CA ILE A 72 -25.99 2.89 5.30
C ILE A 72 -24.73 3.11 4.43
N GLY A 73 -23.62 3.44 5.09
CA GLY A 73 -22.33 3.45 4.42
C GLY A 73 -21.82 4.79 3.97
N GLY A 74 -20.51 4.87 3.81
CA GLY A 74 -19.82 6.07 3.37
C GLY A 74 -20.26 6.73 2.08
N PRO A 75 -20.42 5.95 1.00
CA PRO A 75 -20.83 6.50 -0.30
C PRO A 75 -22.08 7.38 -0.26
N SER A 76 -23.18 6.89 0.30
CA SER A 76 -24.39 7.70 0.39
C SER A 76 -24.25 8.84 1.39
N THR A 77 -23.52 8.57 2.48
CA THR A 77 -23.20 9.58 3.49
C THR A 77 -22.43 10.75 2.87
N SER A 78 -21.51 10.45 1.96
CA SER A 78 -20.73 11.48 1.28
C SER A 78 -21.59 12.37 0.38
N ILE A 79 -22.62 11.78 -0.22
CA ILE A 79 -23.57 12.54 -1.05
C ILE A 79 -24.41 13.46 -0.16
N ALA A 80 -24.95 12.90 0.93
CA ALA A 80 -25.80 13.65 1.86
C ALA A 80 -25.06 14.85 2.46
N VAL A 81 -23.85 14.61 2.96
CA VAL A 81 -23.05 15.65 3.63
C VAL A 81 -22.62 16.75 2.66
N GLU A 82 -22.13 16.36 1.48
CA GLU A 82 -21.71 17.31 0.46
C GLU A 82 -22.86 18.22 0.03
N GLU A 83 -24.00 17.62 -0.24
CA GLU A 83 -25.16 18.36 -0.75
C GLU A 83 -25.83 19.22 0.32
N LEU A 84 -25.73 18.80 1.58
CA LEU A 84 -26.16 19.61 2.71
C LEU A 84 -25.21 20.80 2.90
N ALA A 85 -23.91 20.57 2.68
CA ALA A 85 -22.91 21.62 2.75
C ALA A 85 -23.12 22.66 1.65
N GLN A 86 -23.53 22.20 0.47
CA GLN A 86 -23.90 23.08 -0.63
C GLN A 86 -25.09 23.96 -0.25
N LEU A 87 -25.98 23.43 0.59
CA LEU A 87 -27.17 24.13 1.03
C LEU A 87 -26.93 25.01 2.28
N GLY A 88 -25.73 24.93 2.85
CA GLY A 88 -25.33 25.83 3.92
C GLY A 88 -25.11 25.22 5.30
N ILE A 89 -25.16 23.90 5.40
CA ILE A 89 -24.92 23.22 6.68
C ILE A 89 -23.42 23.21 7.01
N ARG A 90 -23.09 23.66 8.22
CA ARG A 90 -21.70 23.72 8.69
C ARG A 90 -21.40 22.73 9.80
N THR A 91 -22.46 22.27 10.48
CA THR A 91 -22.32 21.34 11.60
C THR A 91 -23.15 20.08 11.40
N PHE A 92 -22.51 18.93 11.57
CA PHE A 92 -23.16 17.65 11.38
C PHE A 92 -23.06 16.79 12.64
N LEU A 93 -24.19 16.28 13.10
CA LEU A 93 -24.23 15.36 14.22
C LEU A 93 -24.85 14.05 13.75
N ARG A 94 -24.04 12.98 13.75
CA ARG A 94 -24.56 11.66 13.41
C ARG A 94 -25.07 10.94 14.65
N ILE A 95 -26.28 10.41 14.54
CA ILE A 95 -26.82 9.48 15.53
C ILE A 95 -27.04 8.12 14.86
N GLY A 96 -26.49 7.08 15.46
CA GLY A 96 -26.55 5.75 14.87
C GLY A 96 -26.81 4.61 15.82
N THR A 97 -26.78 3.40 15.28
CA THR A 97 -26.83 2.16 16.06
C THR A 97 -25.43 1.55 15.96
N THR A 98 -25.10 0.70 16.93
CA THR A 98 -23.77 0.10 16.98
C THR A 98 -23.69 -1.21 17.77
N GLY A 99 -22.72 -2.03 17.40
CA GLY A 99 -22.38 -3.23 18.15
C GLY A 99 -21.08 -2.99 18.90
N ALA A 100 -21.13 -3.13 20.22
CA ALA A 100 -19.94 -2.95 21.05
C ALA A 100 -19.07 -4.20 21.04
N ILE A 101 -17.76 -4.02 21.14
CA ILE A 101 -16.82 -5.15 21.14
C ILE A 101 -16.02 -5.27 22.43
N GLN A 102 -16.24 -4.34 23.37
CA GLN A 102 -15.60 -4.40 24.67
C GLN A 102 -16.52 -5.03 25.71
N PRO A 103 -15.97 -5.90 26.56
CA PRO A 103 -16.76 -6.60 27.59
C PRO A 103 -17.42 -5.66 28.61
N HIS A 104 -16.81 -4.52 28.90
CA HIS A 104 -17.31 -3.59 29.92
C HIS A 104 -18.44 -2.67 29.43
N ILE A 105 -18.64 -2.61 28.12
CA ILE A 105 -19.70 -1.79 27.53
C ILE A 105 -20.96 -2.64 27.33
N ASN A 106 -22.04 -2.25 28.01
CA ASN A 106 -23.29 -3.01 27.98
C ASN A 106 -24.30 -2.49 26.97
N VAL A 107 -25.29 -3.32 26.67
CA VAL A 107 -26.39 -2.93 25.78
C VAL A 107 -27.23 -1.84 26.45
N GLY A 108 -27.48 -0.76 25.72
CA GLY A 108 -28.19 0.39 26.23
C GLY A 108 -27.28 1.55 26.55
N ASP A 109 -25.97 1.30 26.55
CA ASP A 109 -24.97 2.34 26.75
C ASP A 109 -24.91 3.28 25.54
N VAL A 110 -24.32 4.46 25.76
CA VAL A 110 -24.18 5.44 24.69
C VAL A 110 -22.70 5.71 24.43
N LEU A 111 -22.31 5.70 23.15
CA LEU A 111 -20.92 5.85 22.78
C LEU A 111 -20.70 7.11 21.96
N VAL A 112 -19.81 7.96 22.45
CA VAL A 112 -19.38 9.16 21.73
C VAL A 112 -18.01 8.89 21.12
N THR A 113 -17.90 9.11 19.81
CA THR A 113 -16.69 8.81 19.07
C THR A 113 -15.77 10.03 18.98
N THR A 114 -14.55 9.88 19.50
CA THR A 114 -13.52 10.90 19.34
C THR A 114 -12.94 10.82 17.93
N ALA A 115 -12.65 9.59 17.49
CA ALA A 115 -12.12 9.34 16.16
C ALA A 115 -12.36 7.89 15.73
N SER A 116 -12.30 7.65 14.42
CA SER A 116 -12.63 6.33 13.88
C SER A 116 -11.47 5.61 13.18
N VAL A 117 -11.43 4.29 13.35
CA VAL A 117 -10.58 3.43 12.54
C VAL A 117 -11.20 3.38 11.14
N ARG A 118 -10.39 3.71 10.14
CA ARG A 118 -10.88 3.88 8.78
C ARG A 118 -10.89 2.57 7.98
N LEU A 119 -11.96 1.78 8.16
CA LEU A 119 -12.14 0.54 7.43
C LEU A 119 -13.11 0.75 6.27
N ASP A 120 -13.08 1.95 5.70
CA ASP A 120 -13.97 2.34 4.62
C ASP A 120 -13.17 2.77 3.38
N GLY A 121 -13.88 3.04 2.29
CA GLY A 121 -13.25 3.52 1.07
C GLY A 121 -13.50 4.99 0.78
N ALA A 122 -14.64 5.51 1.22
CA ALA A 122 -15.04 6.88 0.89
C ALA A 122 -14.15 7.94 1.55
N SER A 123 -13.68 7.66 2.77
CA SER A 123 -12.79 8.59 3.48
C SER A 123 -11.53 8.91 2.68
N LEU A 124 -11.03 7.91 1.95
CA LEU A 124 -9.83 8.05 1.10
C LEU A 124 -10.04 9.03 -0.05
N HIS A 125 -11.30 9.27 -0.42
CA HIS A 125 -11.64 10.19 -1.50
C HIS A 125 -11.58 11.65 -1.06
N PHE A 126 -11.30 11.89 0.22
CA PHE A 126 -11.19 13.25 0.77
C PHE A 126 -9.81 13.50 1.37
N ALA A 127 -9.23 12.45 1.98
CA ALA A 127 -7.92 12.55 2.61
C ALA A 127 -7.23 11.19 2.60
N PRO A 128 -5.90 11.18 2.45
CA PRO A 128 -5.14 9.92 2.49
C PRO A 128 -5.28 9.24 3.86
N LEU A 129 -5.01 7.94 3.91
CA LEU A 129 -5.24 7.12 5.10
C LEU A 129 -4.60 7.64 6.38
N GLU A 130 -3.43 8.29 6.25
CA GLU A 130 -2.68 8.83 7.39
C GLU A 130 -3.43 9.94 8.14
N PHE A 131 -4.36 10.61 7.45
CA PHE A 131 -5.19 11.65 8.04
C PHE A 131 -6.20 11.05 9.02
N PRO A 132 -6.29 11.59 10.23
CA PRO A 132 -7.18 11.04 11.26
C PRO A 132 -8.67 11.31 11.01
N ALA A 133 -9.48 10.27 11.10
CA ALA A 133 -10.93 10.41 11.02
C ALA A 133 -11.46 10.91 12.37
N VAL A 134 -11.18 12.18 12.68
CA VAL A 134 -11.44 12.74 14.00
C VAL A 134 -12.65 13.67 14.04
N ALA A 135 -13.44 13.52 15.10
CA ALA A 135 -14.61 14.36 15.33
C ALA A 135 -14.20 15.76 15.78
N ASP A 136 -15.05 16.74 15.49
CA ASP A 136 -14.85 18.11 15.96
C ASP A 136 -14.95 18.15 17.49
N PHE A 137 -13.99 18.86 18.11
CA PHE A 137 -13.87 18.92 19.57
C PHE A 137 -15.09 19.53 20.25
N GLU A 138 -15.63 20.60 19.67
CA GLU A 138 -16.83 21.26 20.20
C GLU A 138 -18.05 20.36 20.09
N CYS A 139 -18.14 19.60 18.99
CA CYS A 139 -19.22 18.65 18.77
C CYS A 139 -19.14 17.48 19.74
N THR A 140 -17.93 16.97 19.95
CA THR A 140 -17.68 15.90 20.92
C THR A 140 -18.01 16.35 22.34
N THR A 141 -17.58 17.57 22.69
CA THR A 141 -17.87 18.16 24.00
C THR A 141 -19.37 18.25 24.26
N ALA A 142 -20.10 18.72 23.26
CA ALA A 142 -21.56 18.88 23.34
C ALA A 142 -22.29 17.55 23.54
N LEU A 143 -21.84 16.50 22.84
CA LEU A 143 -22.45 15.18 22.94
C LEU A 143 -22.22 14.53 24.30
N VAL A 144 -20.99 14.66 24.81
CA VAL A 144 -20.64 14.16 26.14
C VAL A 144 -21.38 14.93 27.23
N GLU A 145 -21.49 16.25 27.03
CA GLU A 145 -22.23 17.10 27.97
C GLU A 145 -23.73 16.81 27.93
N ALA A 146 -24.27 16.53 26.75
CA ALA A 146 -25.68 16.19 26.58
C ALA A 146 -26.01 14.84 27.22
N ALA A 147 -25.09 13.89 27.08
CA ALA A 147 -25.23 12.56 27.68
C ALA A 147 -25.27 12.63 29.21
N LYS A 148 -24.46 13.52 29.78
CA LYS A 148 -24.44 13.75 31.22
C LYS A 148 -25.72 14.48 31.68
N SER A 149 -26.22 15.35 30.82
CA SER A 149 -27.39 16.19 31.11
C SER A 149 -28.66 15.36 31.30
N ILE A 150 -28.95 14.49 30.35
CA ILE A 150 -30.15 13.64 30.44
C ILE A 150 -29.89 12.33 31.19
N GLY A 151 -28.62 12.05 31.44
CA GLY A 151 -28.23 10.89 32.24
C GLY A 151 -28.13 9.62 31.41
N ALA A 152 -26.90 9.12 31.27
CA ALA A 152 -26.65 7.88 30.52
C ALA A 152 -25.31 7.25 30.92
N THR A 153 -25.16 5.97 30.63
CA THR A 153 -23.89 5.28 30.78
C THR A 153 -23.07 5.53 29.51
N THR A 154 -22.06 6.40 29.62
CA THR A 154 -21.33 6.89 28.47
C THR A 154 -19.87 6.42 28.44
N HIS A 155 -19.41 6.07 27.24
CA HIS A 155 -18.01 5.75 27.00
C HIS A 155 -17.50 6.60 25.83
N VAL A 156 -16.33 7.21 26.01
CA VAL A 156 -15.72 8.05 24.99
C VAL A 156 -14.44 7.39 24.46
N GLY A 157 -14.33 7.31 23.14
CA GLY A 157 -13.16 6.70 22.53
C GLY A 157 -13.24 6.43 21.04
N VAL A 158 -12.55 5.38 20.62
CA VAL A 158 -12.35 5.07 19.20
C VAL A 158 -13.37 4.06 18.68
N THR A 159 -13.89 4.33 17.48
CA THR A 159 -14.86 3.47 16.82
C THR A 159 -14.27 2.88 15.54
N ALA A 160 -14.48 1.59 15.31
CA ALA A 160 -14.13 0.97 14.04
C ALA A 160 -15.28 1.18 13.06
N SER A 161 -15.01 1.90 11.97
CA SER A 161 -16.02 2.21 10.97
C SER A 161 -15.79 1.44 9.69
N SER A 162 -16.64 0.44 9.45
CA SER A 162 -16.43 -0.54 8.40
C SER A 162 -17.31 -0.32 7.17
N ASP A 163 -16.78 -0.67 6.00
CA ASP A 163 -17.53 -0.60 4.75
C ASP A 163 -18.50 -1.78 4.59
N THR A 164 -18.40 -2.79 5.45
CA THR A 164 -19.37 -3.88 5.44
C THR A 164 -19.91 -4.18 6.84
N PHE A 165 -21.09 -4.77 6.88
CA PHE A 165 -21.72 -5.22 8.11
C PHE A 165 -21.19 -6.61 8.49
N TYR A 166 -20.88 -7.41 7.48
CA TYR A 166 -20.57 -8.83 7.73
C TYR A 166 -19.08 -9.16 7.86
N PRO A 167 -18.32 -9.28 6.76
CA PRO A 167 -16.91 -9.68 6.87
C PRO A 167 -16.00 -8.65 7.54
N GLY A 168 -16.24 -7.36 7.30
CA GLY A 168 -15.46 -6.29 7.90
C GLY A 168 -15.66 -6.16 9.41
N GLN A 169 -16.73 -6.77 9.92
CA GLN A 169 -17.00 -6.82 11.35
C GLN A 169 -16.81 -8.24 11.87
N GLU A 170 -16.17 -9.07 11.03
CA GLU A 170 -15.87 -10.46 11.33
C GLU A 170 -17.08 -11.30 11.75
N ARG A 171 -18.15 -11.22 10.96
CA ARG A 171 -19.28 -12.10 11.13
C ARG A 171 -19.10 -13.32 10.23
N TYR A 172 -19.20 -14.51 10.81
CA TYR A 172 -19.00 -15.77 10.10
C TYR A 172 -20.31 -16.50 9.77
N ASP A 173 -21.40 -16.08 10.42
CA ASP A 173 -22.71 -16.66 10.14
C ASP A 173 -23.29 -16.08 8.85
N THR A 174 -22.65 -16.44 7.74
CA THR A 174 -22.97 -15.86 6.43
C THR A 174 -23.16 -16.95 5.39
N TYR A 175 -23.49 -16.55 4.15
CA TYR A 175 -23.65 -17.48 3.04
C TYR A 175 -22.37 -18.26 2.75
N SER A 176 -21.24 -17.56 2.71
CA SER A 176 -19.94 -18.19 2.43
C SER A 176 -19.31 -18.78 3.69
N GLY A 177 -19.55 -18.15 4.82
CA GLY A 177 -18.96 -18.55 6.09
C GLY A 177 -17.48 -18.26 6.20
N ARG A 178 -16.97 -17.42 5.30
CA ARG A 178 -15.55 -17.07 5.27
C ARG A 178 -15.33 -15.58 5.43
N VAL A 179 -14.16 -15.23 5.95
CA VAL A 179 -13.72 -13.83 6.03
C VAL A 179 -12.33 -13.72 5.39
N VAL A 180 -12.20 -12.76 4.48
CA VAL A 180 -10.94 -12.48 3.78
C VAL A 180 -9.78 -12.30 4.77
N ARG A 181 -8.58 -12.72 4.35
CA ARG A 181 -7.39 -12.73 5.19
C ARG A 181 -7.18 -11.43 5.98
N HIS A 182 -7.35 -10.31 5.31
CA HIS A 182 -7.14 -8.99 5.91
C HIS A 182 -7.98 -8.74 7.15
N PHE A 183 -9.16 -9.34 7.21
CA PHE A 183 -10.08 -9.12 8.32
C PHE A 183 -10.22 -10.31 9.27
N LYS A 184 -9.59 -11.43 8.93
CA LYS A 184 -9.55 -12.58 9.83
C LYS A 184 -8.70 -12.24 11.06
N GLY A 185 -9.32 -12.34 12.23
CA GLY A 185 -8.68 -11.99 13.49
C GLY A 185 -8.67 -10.50 13.79
N SER A 186 -9.37 -9.70 12.97
CA SER A 186 -9.36 -8.25 13.09
C SER A 186 -10.10 -7.72 14.32
N MET A 187 -11.23 -8.35 14.67
CA MET A 187 -12.02 -7.92 15.83
C MET A 187 -11.21 -8.01 17.12
N GLU A 188 -10.50 -9.12 17.28
CA GLU A 188 -9.61 -9.34 18.43
C GLU A 188 -8.53 -8.26 18.53
N GLU A 189 -8.01 -7.83 17.37
CA GLU A 189 -6.99 -6.79 17.31
C GLU A 189 -7.52 -5.42 17.73
N TRP A 190 -8.70 -5.06 17.23
CA TRP A 190 -9.36 -3.80 17.61
C TRP A 190 -9.71 -3.82 19.11
N GLN A 191 -10.17 -4.97 19.59
CA GLN A 191 -10.48 -5.17 21.01
C GLN A 191 -9.25 -4.88 21.88
N ALA A 192 -8.11 -5.46 21.48
CA ALA A 192 -6.85 -5.27 22.20
C ALA A 192 -6.39 -3.81 22.16
N MET A 193 -6.75 -3.11 21.09
CA MET A 193 -6.37 -1.71 20.91
C MET A 193 -7.32 -0.73 21.59
N GLY A 194 -8.34 -1.27 22.27
CA GLY A 194 -9.27 -0.47 23.06
C GLY A 194 -10.40 0.16 22.27
N VAL A 195 -10.59 -0.29 21.02
CA VAL A 195 -11.70 0.16 20.18
C VAL A 195 -13.03 -0.28 20.80
N MET A 196 -13.99 0.64 20.86
CA MET A 196 -15.24 0.39 21.59
C MET A 196 -16.26 -0.44 20.82
N ASN A 197 -16.38 -0.18 19.51
CA ASN A 197 -17.55 -0.59 18.74
C ASN A 197 -17.39 -0.59 17.23
N TYR A 198 -18.38 -1.17 16.54
CA TYR A 198 -18.45 -1.18 15.09
C TYR A 198 -19.67 -0.39 14.62
N GLU A 199 -19.47 0.47 13.62
CA GLU A 199 -20.58 1.02 12.83
C GLU A 199 -20.09 1.27 11.39
N MET A 200 -20.84 2.02 10.59
CA MET A 200 -20.60 2.02 9.14
C MET A 200 -20.50 3.37 8.40
N GLU A 201 -20.59 4.49 9.13
CA GLU A 201 -20.58 5.80 8.48
C GLU A 201 -19.59 6.82 9.04
N SER A 202 -19.11 6.61 10.26
CA SER A 202 -18.33 7.62 10.97
C SER A 202 -16.98 7.98 10.33
N ALA A 203 -16.24 6.98 9.84
CA ALA A 203 -14.95 7.23 9.19
C ALA A 203 -15.10 8.20 8.01
N THR A 204 -16.12 7.98 7.19
CA THR A 204 -16.42 8.85 6.06
C THR A 204 -16.84 10.24 6.52
N LEU A 205 -17.84 10.28 7.40
CA LEU A 205 -18.34 11.56 7.93
C LEU A 205 -17.22 12.38 8.56
N LEU A 206 -16.51 11.79 9.52
CA LEU A 206 -15.48 12.49 10.27
C LEU A 206 -14.30 12.96 9.41
N THR A 207 -13.84 12.12 8.50
CA THR A 207 -12.75 12.47 7.59
C THR A 207 -13.15 13.62 6.65
N MET A 208 -14.29 13.48 6.01
CA MET A 208 -14.74 14.46 5.01
C MET A 208 -15.08 15.83 5.60
N CYS A 209 -15.47 15.86 6.88
CA CYS A 209 -15.77 17.13 7.54
C CYS A 209 -14.50 17.80 8.07
N ALA A 210 -13.65 17.02 8.74
CA ALA A 210 -12.40 17.53 9.30
C ALA A 210 -11.41 18.02 8.26
N SER A 211 -11.49 17.46 7.05
CA SER A 211 -10.61 17.85 5.95
C SER A 211 -11.23 18.90 5.02
N GLN A 212 -12.41 19.42 5.37
CA GLN A 212 -13.10 20.40 4.55
C GLN A 212 -13.65 21.60 5.35
N GLY A 213 -13.21 21.73 6.60
CA GLY A 213 -13.59 22.86 7.43
C GLY A 213 -15.03 22.79 7.95
N LEU A 214 -15.54 21.58 8.10
CA LEU A 214 -16.88 21.36 8.65
C LEU A 214 -16.79 20.65 10.00
N ARG A 215 -17.72 20.96 10.89
CA ARG A 215 -17.76 20.36 12.23
C ARG A 215 -18.62 19.11 12.25
N ALA A 216 -18.11 18.03 12.83
CA ALA A 216 -18.81 16.76 12.87
C ALA A 216 -18.73 16.06 14.23
N GLY A 217 -19.87 15.52 14.66
CA GLY A 217 -19.96 14.76 15.89
C GLY A 217 -20.60 13.41 15.65
N MET A 218 -20.21 12.42 16.46
CA MET A 218 -20.68 11.05 16.29
C MET A 218 -21.14 10.43 17.62
N VAL A 219 -22.40 10.01 17.65
CA VAL A 219 -22.98 9.36 18.82
C VAL A 219 -23.79 8.13 18.40
N ALA A 220 -23.74 7.08 19.21
CA ALA A 220 -24.46 5.83 18.93
C ALA A 220 -24.86 5.09 20.19
N GLY A 221 -26.05 4.49 20.15
CA GLY A 221 -26.51 3.63 21.24
C GLY A 221 -26.20 2.19 20.92
N VAL A 222 -25.56 1.49 21.85
CA VAL A 222 -25.22 0.09 21.64
C VAL A 222 -26.44 -0.81 21.89
N ILE A 223 -26.82 -1.55 20.85
CA ILE A 223 -27.98 -2.44 20.91
C ILE A 223 -27.54 -3.90 20.91
N VAL A 224 -26.25 -4.12 20.72
CA VAL A 224 -25.64 -5.45 20.76
C VAL A 224 -24.22 -5.37 21.30
N ASN A 225 -23.85 -6.33 22.15
CA ASN A 225 -22.46 -6.52 22.53
C ASN A 225 -21.95 -7.82 21.94
N ARG A 226 -20.90 -7.72 21.13
CA ARG A 226 -20.38 -8.85 20.37
C ARG A 226 -19.80 -9.99 21.23
N THR A 227 -19.34 -9.65 22.43
CA THR A 227 -18.84 -10.67 23.37
C THR A 227 -19.97 -11.36 24.14
N GLN A 228 -21.18 -10.80 24.04
CA GLN A 228 -22.32 -11.29 24.81
C GLN A 228 -23.44 -11.89 23.96
N GLN A 229 -23.69 -11.30 22.80
CA GLN A 229 -24.75 -11.76 21.88
C GLN A 229 -24.52 -11.33 20.43
N GLU A 230 -25.43 -11.72 19.55
CA GLU A 230 -25.40 -11.32 18.13
C GLU A 230 -26.70 -10.66 17.70
N ILE A 231 -27.83 -11.21 18.13
CA ILE A 231 -29.15 -10.69 17.77
C ILE A 231 -29.63 -9.69 18.82
N PRO A 232 -29.99 -8.48 18.37
CA PRO A 232 -30.53 -7.45 19.26
C PRO A 232 -31.94 -7.78 19.73
N ASN A 233 -32.31 -7.27 20.90
CA ASN A 233 -33.65 -7.44 21.44
C ASN A 233 -34.59 -6.38 20.87
N ALA A 234 -35.73 -6.83 20.33
CA ALA A 234 -36.72 -5.95 19.72
C ALA A 234 -37.61 -5.25 20.75
N GLU A 235 -36.96 -4.50 21.64
CA GLU A 235 -37.61 -3.67 22.65
C GLU A 235 -36.53 -2.78 23.25
N THR A 236 -35.41 -3.40 23.61
CA THR A 236 -34.21 -2.67 24.04
C THR A 236 -33.69 -1.82 22.88
N MET A 237 -33.89 -2.30 21.66
CA MET A 237 -33.58 -1.55 20.44
C MET A 237 -34.29 -0.20 20.42
N LYS A 238 -35.59 -0.23 20.71
CA LYS A 238 -36.43 0.97 20.68
C LYS A 238 -36.08 1.97 21.79
N GLN A 239 -35.83 1.45 22.99
CA GLN A 239 -35.48 2.29 24.14
C GLN A 239 -34.11 2.94 23.99
N THR A 240 -33.15 2.17 23.47
CA THR A 240 -31.79 2.66 23.23
C THR A 240 -31.76 3.75 22.17
N GLU A 241 -32.52 3.56 21.09
CA GLU A 241 -32.65 4.55 20.03
C GLU A 241 -33.27 5.84 20.57
N SER A 242 -34.33 5.71 21.36
CA SER A 242 -35.00 6.83 22.01
C SER A 242 -34.02 7.59 22.92
N HIS A 243 -33.21 6.85 23.66
CA HIS A 243 -32.15 7.39 24.51
C HIS A 243 -31.18 8.23 23.70
N ALA A 244 -30.66 7.65 22.62
CA ALA A 244 -29.66 8.30 21.76
C ALA A 244 -30.23 9.50 21.00
N VAL A 245 -31.48 9.40 20.58
CA VAL A 245 -32.16 10.48 19.86
C VAL A 245 -32.34 11.71 20.76
N LYS A 246 -32.62 11.48 22.04
CA LYS A 246 -32.75 12.56 23.01
C LYS A 246 -31.41 13.25 23.28
N ILE A 247 -30.32 12.48 23.22
CA ILE A 247 -28.97 13.02 23.44
C ILE A 247 -28.48 13.86 22.26
N VAL A 248 -28.77 13.42 21.03
CA VAL A 248 -28.33 14.14 19.83
C VAL A 248 -29.07 15.48 19.64
N VAL A 249 -30.31 15.56 20.09
CA VAL A 249 -31.09 16.80 20.03
C VAL A 249 -30.57 17.78 21.07
N GLU A 250 -30.24 17.27 22.26
CA GLU A 250 -29.70 18.08 23.35
C GLU A 250 -28.31 18.62 23.04
N ALA A 251 -27.52 17.82 22.32
CA ALA A 251 -26.18 18.22 21.87
C ALA A 251 -26.25 19.27 20.75
N ALA A 252 -27.31 19.16 19.94
CA ALA A 252 -27.59 20.14 18.89
C ALA A 252 -27.94 21.50 19.49
N ARG A 253 -28.59 21.49 20.65
CA ARG A 253 -28.95 22.70 21.39
C ARG A 253 -27.71 23.51 21.79
N ARG A 254 -26.68 22.80 22.25
CA ARG A 254 -25.44 23.43 22.73
C ARG A 254 -24.57 24.00 21.61
N LEU A 255 -24.85 23.61 20.36
CA LEU A 255 -24.00 23.97 19.23
C LEU A 255 -24.57 25.06 18.31
N LEU A 256 -25.79 25.51 18.60
CA LEU A 256 -26.44 26.56 17.81
C LEU A 256 -25.78 27.90 18.01
N LYS B 6 -41.10 -12.92 11.20
CA LYS B 6 -41.47 -12.36 9.85
C LYS B 6 -40.24 -12.02 9.01
N SER B 7 -39.06 -12.43 9.48
CA SER B 7 -37.81 -12.21 8.75
C SER B 7 -36.76 -13.26 9.09
N ASP B 8 -36.07 -13.74 8.05
CA ASP B 8 -34.95 -14.67 8.20
C ASP B 8 -33.62 -13.94 8.15
N VAL B 9 -33.68 -12.63 7.85
CA VAL B 9 -32.47 -11.81 7.71
C VAL B 9 -32.54 -10.55 8.58
N PHE B 10 -31.39 -9.90 8.76
CA PHE B 10 -31.27 -8.76 9.68
C PHE B 10 -31.86 -7.45 9.18
N HIS B 11 -31.78 -7.19 7.88
CA HIS B 11 -32.16 -5.88 7.34
C HIS B 11 -33.31 -5.88 6.34
N LEU B 12 -33.35 -6.89 5.45
CA LEU B 12 -34.30 -6.90 4.34
C LEU B 12 -35.75 -7.11 4.74
N GLY B 13 -35.99 -7.81 5.85
CA GLY B 13 -37.33 -8.10 6.32
C GLY B 13 -38.03 -9.11 5.45
N LEU B 14 -37.32 -10.17 5.09
CA LEU B 14 -37.84 -11.21 4.20
C LEU B 14 -37.59 -12.61 4.75
N THR B 15 -38.49 -13.53 4.43
CA THR B 15 -38.28 -14.95 4.69
C THR B 15 -38.00 -15.67 3.38
N LYS B 16 -37.44 -16.86 3.47
CA LYS B 16 -37.18 -17.70 2.29
C LYS B 16 -38.48 -17.99 1.53
N ASN B 17 -39.59 -18.09 2.27
CA ASN B 17 -40.91 -18.34 1.70
C ASN B 17 -41.46 -17.18 0.87
N ASP B 18 -41.09 -15.95 1.24
CA ASP B 18 -41.48 -14.76 0.47
C ASP B 18 -40.95 -14.81 -0.96
N LEU B 19 -39.81 -15.49 -1.15
CA LEU B 19 -39.14 -15.58 -2.43
C LEU B 19 -39.82 -16.58 -3.37
N GLN B 20 -40.55 -17.53 -2.79
CA GLN B 20 -41.28 -18.57 -3.54
C GLN B 20 -40.38 -19.40 -4.47
N GLY B 21 -39.13 -19.59 -4.06
CA GLY B 21 -38.19 -20.41 -4.81
C GLY B 21 -37.31 -19.66 -5.80
N ALA B 22 -37.41 -18.32 -5.79
CA ALA B 22 -36.61 -17.47 -6.68
C ALA B 22 -35.12 -17.59 -6.39
N THR B 23 -34.33 -17.67 -7.47
CA THR B 23 -32.86 -17.74 -7.36
C THR B 23 -32.19 -16.55 -8.04
N LEU B 24 -33.00 -15.74 -8.73
CA LEU B 24 -32.49 -14.56 -9.42
C LEU B 24 -33.09 -13.27 -8.87
N ALA B 25 -32.24 -12.27 -8.68
CA ALA B 25 -32.68 -10.94 -8.23
C ALA B 25 -32.14 -9.82 -9.13
N ILE B 26 -33.02 -8.91 -9.51
CA ILE B 26 -32.60 -7.66 -10.14
C ILE B 26 -32.38 -6.64 -9.04
N VAL B 27 -31.18 -6.04 -9.02
CA VAL B 27 -30.78 -5.17 -7.93
C VAL B 27 -30.45 -3.73 -8.37
N PRO B 28 -31.47 -2.87 -8.44
CA PRO B 28 -31.23 -1.44 -8.71
C PRO B 28 -30.68 -0.74 -7.48
N GLY B 29 -30.08 0.43 -7.68
CA GLY B 29 -29.63 1.25 -6.58
C GLY B 29 -30.79 1.96 -5.90
N ASP B 30 -31.72 2.44 -6.72
CA ASP B 30 -32.84 3.27 -6.26
C ASP B 30 -34.06 2.44 -5.82
N PRO B 31 -34.48 2.58 -4.55
CA PRO B 31 -35.71 1.96 -4.07
C PRO B 31 -36.97 2.37 -4.83
N ASP B 32 -36.97 3.59 -5.38
CA ASP B 32 -38.11 4.10 -6.15
C ASP B 32 -38.23 3.47 -7.54
N ARG B 33 -37.16 2.79 -7.96
CA ARG B 33 -37.09 2.12 -9.26
C ARG B 33 -37.60 0.68 -9.20
N VAL B 34 -37.70 0.13 -7.98
CA VAL B 34 -38.08 -1.26 -7.76
C VAL B 34 -39.46 -1.60 -8.35
N GLU B 35 -40.45 -0.76 -8.08
CA GLU B 35 -41.80 -0.95 -8.62
C GLU B 35 -41.83 -0.92 -10.15
N LYS B 36 -41.07 0.00 -10.73
CA LYS B 36 -41.00 0.17 -12.18
C LYS B 36 -40.50 -1.08 -12.91
N ILE B 37 -39.46 -1.70 -12.36
CA ILE B 37 -38.89 -2.93 -12.92
C ILE B 37 -39.85 -4.11 -12.75
N ALA B 38 -40.46 -4.19 -11.57
CA ALA B 38 -41.43 -5.24 -11.25
C ALA B 38 -42.67 -5.18 -12.14
N ALA B 39 -43.10 -3.96 -12.47
CA ALA B 39 -44.29 -3.73 -13.30
C ALA B 39 -44.13 -4.24 -14.73
N LEU B 40 -42.89 -4.42 -15.16
CA LEU B 40 -42.59 -4.95 -16.48
C LEU B 40 -42.83 -6.47 -16.57
N MET B 41 -42.84 -7.12 -15.41
CA MET B 41 -43.09 -8.57 -15.32
C MET B 41 -44.52 -8.84 -14.85
N ASP B 42 -44.94 -10.10 -14.96
CA ASP B 42 -46.31 -10.52 -14.62
C ASP B 42 -46.53 -10.60 -13.11
N LYS B 43 -47.75 -10.28 -12.68
CA LYS B 43 -48.20 -10.38 -11.29
C LYS B 43 -47.18 -9.88 -10.23
N PRO B 44 -46.80 -8.61 -10.28
CA PRO B 44 -45.86 -8.05 -9.29
C PRO B 44 -46.52 -7.71 -7.96
N VAL B 45 -45.86 -8.08 -6.86
CA VAL B 45 -46.35 -7.77 -5.51
C VAL B 45 -45.22 -7.22 -4.64
N LYS B 46 -45.56 -6.24 -3.80
CA LYS B 46 -44.60 -5.69 -2.83
C LYS B 46 -44.44 -6.65 -1.65
N LEU B 47 -43.19 -6.94 -1.30
CA LEU B 47 -42.89 -7.85 -0.21
C LEU B 47 -42.48 -7.11 1.07
N ALA B 48 -41.53 -6.19 0.93
CA ALA B 48 -40.96 -5.48 2.08
C ALA B 48 -40.34 -4.13 1.71
N SER B 49 -40.29 -3.24 2.69
CA SER B 49 -39.56 -1.98 2.57
C SER B 49 -38.98 -1.58 3.93
N HIS B 50 -37.66 -1.67 4.04
CA HIS B 50 -36.94 -1.31 5.26
C HIS B 50 -35.66 -0.58 4.89
N ARG B 51 -35.46 0.58 5.52
CA ARG B 51 -34.37 1.49 5.18
C ARG B 51 -34.36 1.78 3.68
N GLU B 52 -33.23 1.58 3.01
CA GLU B 52 -33.12 1.78 1.56
C GLU B 52 -33.38 0.50 0.78
N PHE B 53 -33.80 -0.56 1.48
CA PHE B 53 -34.05 -1.86 0.86
C PHE B 53 -35.55 -2.08 0.64
N THR B 54 -35.97 -1.85 -0.60
CA THR B 54 -37.35 -2.12 -1.01
C THR B 54 -37.35 -3.36 -1.92
N THR B 55 -38.21 -4.32 -1.58
CA THR B 55 -38.26 -5.59 -2.29
C THR B 55 -39.63 -5.88 -2.90
N TRP B 56 -39.62 -6.24 -4.17
CA TRP B 56 -40.82 -6.70 -4.87
C TRP B 56 -40.55 -8.08 -5.45
N ARG B 57 -41.61 -8.87 -5.58
CA ARG B 57 -41.54 -10.15 -6.28
C ARG B 57 -42.45 -10.11 -7.49
N ALA B 58 -41.99 -10.70 -8.59
CA ALA B 58 -42.75 -10.74 -9.83
C ALA B 58 -42.57 -12.06 -10.57
N GLU B 59 -43.43 -12.30 -11.56
CA GLU B 59 -43.38 -13.51 -12.35
C GLU B 59 -42.87 -13.23 -13.75
N LEU B 60 -41.85 -14.00 -14.16
CA LEU B 60 -41.28 -13.87 -15.50
C LEU B 60 -41.24 -15.25 -16.14
N ASP B 61 -41.96 -15.38 -17.26
CA ASP B 61 -42.14 -16.66 -17.97
C ASP B 61 -42.62 -17.80 -17.05
N GLY B 62 -43.46 -17.45 -16.10
CA GLY B 62 -44.00 -18.42 -15.15
C GLY B 62 -43.01 -18.82 -14.07
N LYS B 63 -42.07 -17.92 -13.76
CA LYS B 63 -41.05 -18.17 -12.74
C LYS B 63 -40.83 -16.94 -11.87
N PRO B 64 -40.73 -17.13 -10.55
CA PRO B 64 -40.57 -16.02 -9.61
C PRO B 64 -39.22 -15.31 -9.73
N VAL B 65 -39.26 -13.98 -9.75
CA VAL B 65 -38.07 -13.14 -9.83
C VAL B 65 -38.15 -12.03 -8.78
N ILE B 66 -37.04 -11.82 -8.07
CA ILE B 66 -36.97 -10.79 -7.03
C ILE B 66 -36.39 -9.49 -7.57
N VAL B 67 -36.96 -8.36 -7.15
CA VAL B 67 -36.38 -7.05 -7.38
C VAL B 67 -36.15 -6.39 -6.04
N CYS B 68 -34.90 -6.03 -5.75
CA CYS B 68 -34.51 -5.50 -4.45
C CYS B 68 -33.49 -4.39 -4.60
N SER B 69 -33.74 -3.25 -3.97
CA SER B 69 -32.83 -2.12 -4.04
C SER B 69 -31.66 -2.26 -3.06
N THR B 70 -30.50 -1.80 -3.50
CA THR B 70 -29.26 -1.90 -2.74
C THR B 70 -28.98 -0.60 -2.00
N GLY B 71 -29.53 0.50 -2.51
CA GLY B 71 -29.12 1.83 -2.10
C GLY B 71 -27.84 2.22 -2.82
N ILE B 72 -27.41 3.46 -2.63
CA ILE B 72 -26.17 3.96 -3.22
C ILE B 72 -24.96 3.43 -2.45
N GLY B 73 -24.03 2.81 -3.16
CA GLY B 73 -22.74 2.45 -2.60
C GLY B 73 -22.55 1.00 -2.20
N GLY B 74 -21.28 0.62 -2.13
CA GLY B 74 -20.87 -0.73 -1.76
C GLY B 74 -21.37 -1.29 -0.43
N PRO B 75 -21.27 -0.51 0.65
CA PRO B 75 -21.72 -0.96 1.98
C PRO B 75 -23.14 -1.50 2.06
N SER B 76 -24.14 -0.76 1.56
CA SER B 76 -25.51 -1.23 1.61
C SER B 76 -25.79 -2.29 0.54
N THR B 77 -25.03 -2.23 -0.56
CA THR B 77 -25.05 -3.28 -1.56
C THR B 77 -24.60 -4.60 -0.93
N SER B 78 -23.49 -4.55 -0.20
CA SER B 78 -22.93 -5.74 0.45
C SER B 78 -23.91 -6.40 1.41
N ILE B 79 -24.73 -5.60 2.09
CA ILE B 79 -25.77 -6.10 3.00
C ILE B 79 -26.89 -6.78 2.21
N ALA B 80 -27.42 -6.09 1.19
CA ALA B 80 -28.52 -6.60 0.39
C ALA B 80 -28.18 -7.91 -0.33
N VAL B 81 -27.02 -7.93 -0.99
CA VAL B 81 -26.55 -9.10 -1.74
C VAL B 81 -26.34 -10.31 -0.82
N GLU B 82 -25.66 -10.08 0.31
CA GLU B 82 -25.41 -11.13 1.29
C GLU B 82 -26.70 -11.74 1.83
N GLU B 83 -27.65 -10.89 2.20
CA GLU B 83 -28.89 -11.35 2.80
C GLU B 83 -29.81 -12.03 1.78
N LEU B 84 -29.79 -11.52 0.55
CA LEU B 84 -30.47 -12.21 -0.56
C LEU B 84 -29.85 -13.58 -0.84
N ALA B 85 -28.52 -13.66 -0.71
CA ALA B 85 -27.80 -14.93 -0.87
C ALA B 85 -28.20 -15.91 0.23
N GLN B 86 -28.37 -15.41 1.45
CA GLN B 86 -28.85 -16.21 2.58
C GLN B 86 -30.26 -16.74 2.31
N LEU B 87 -31.05 -15.96 1.58
CA LEU B 87 -32.44 -16.30 1.27
C LEU B 87 -32.57 -17.20 0.04
N GLY B 88 -31.46 -17.42 -0.67
CA GLY B 88 -31.44 -18.37 -1.77
C GLY B 88 -31.09 -17.83 -3.15
N ILE B 89 -30.90 -16.52 -3.27
CA ILE B 89 -30.55 -15.90 -4.55
C ILE B 89 -29.12 -16.24 -4.97
N ARG B 90 -28.96 -16.68 -6.20
CA ARG B 90 -27.67 -17.10 -6.74
C ARG B 90 -27.21 -16.24 -7.93
N THR B 91 -28.16 -15.58 -8.58
CA THR B 91 -27.87 -14.70 -9.71
C THR B 91 -28.33 -13.28 -9.42
N PHE B 92 -27.43 -12.32 -9.61
CA PHE B 92 -27.68 -10.91 -9.32
C PHE B 92 -27.48 -10.06 -10.57
N LEU B 93 -28.51 -9.31 -10.96
CA LEU B 93 -28.40 -8.42 -12.11
C LEU B 93 -28.63 -6.98 -11.68
N ARG B 94 -27.56 -6.19 -11.71
CA ARG B 94 -27.66 -4.78 -11.35
C ARG B 94 -28.07 -3.93 -12.55
N ILE B 95 -29.05 -3.07 -12.32
CA ILE B 95 -29.46 -2.05 -13.28
C ILE B 95 -29.19 -0.68 -12.66
N GLY B 96 -28.31 0.08 -13.32
CA GLY B 96 -27.88 1.36 -12.78
C GLY B 96 -28.07 2.55 -13.69
N THR B 97 -27.72 3.71 -13.16
CA THR B 97 -27.58 4.94 -13.94
C THR B 97 -26.10 5.23 -14.00
N THR B 98 -25.66 5.99 -14.99
CA THR B 98 -24.23 6.23 -15.15
C THR B 98 -23.86 7.53 -15.87
N GLY B 99 -22.65 8.01 -15.57
CA GLY B 99 -22.06 9.13 -16.27
C GLY B 99 -20.90 8.63 -17.11
N ALA B 100 -21.05 8.72 -18.43
CA ALA B 100 -20.02 8.28 -19.36
C ALA B 100 -18.87 9.27 -19.42
N ILE B 101 -17.66 8.76 -19.66
CA ILE B 101 -16.47 9.60 -19.72
C ILE B 101 -15.73 9.50 -21.07
N GLN B 102 -16.32 8.77 -22.01
CA GLN B 102 -15.79 8.66 -23.37
C GLN B 102 -16.65 9.46 -24.35
N PRO B 103 -16.01 10.21 -25.25
CA PRO B 103 -16.72 11.08 -26.20
C PRO B 103 -17.62 10.35 -27.20
N HIS B 104 -17.33 9.08 -27.50
CA HIS B 104 -18.10 8.32 -28.48
C HIS B 104 -19.40 7.72 -27.91
N ILE B 105 -19.54 7.76 -26.59
CA ILE B 105 -20.74 7.26 -25.92
C ILE B 105 -21.72 8.41 -25.69
N ASN B 106 -22.94 8.25 -26.20
CA ASN B 106 -23.96 9.29 -26.09
C ASN B 106 -24.98 9.02 -24.98
N VAL B 107 -25.70 10.06 -24.59
CA VAL B 107 -26.83 9.91 -23.68
C VAL B 107 -27.89 9.05 -24.37
N GLY B 108 -28.40 8.06 -23.66
CA GLY B 108 -29.36 7.13 -24.23
C GLY B 108 -28.75 5.77 -24.52
N ASP B 109 -27.42 5.71 -24.58
CA ASP B 109 -26.70 4.46 -24.79
C ASP B 109 -26.76 3.59 -23.54
N VAL B 110 -26.58 2.28 -23.75
CA VAL B 110 -26.57 1.32 -22.64
C VAL B 110 -25.18 0.71 -22.51
N LEU B 111 -24.69 0.62 -21.27
CA LEU B 111 -23.37 0.09 -21.02
C LEU B 111 -23.43 -1.21 -20.25
N VAL B 112 -22.75 -2.23 -20.78
CA VAL B 112 -22.61 -3.51 -20.10
C VAL B 112 -21.17 -3.63 -19.59
N THR B 113 -21.05 -3.90 -18.29
CA THR B 113 -19.75 -3.93 -17.61
C THR B 113 -19.18 -5.34 -17.57
N THR B 114 -17.98 -5.51 -18.13
CA THR B 114 -17.25 -6.78 -18.06
C THR B 114 -16.51 -6.90 -16.74
N ALA B 115 -16.00 -5.76 -16.26
CA ALA B 115 -15.26 -5.68 -15.01
C ALA B 115 -15.10 -4.24 -14.57
N SER B 116 -14.83 -4.04 -13.28
CA SER B 116 -14.79 -2.69 -12.72
C SER B 116 -13.46 -2.29 -12.12
N VAL B 117 -13.13 -1.02 -12.25
CA VAL B 117 -12.03 -0.41 -11.51
C VAL B 117 -12.52 -0.22 -10.08
N ARG B 118 -11.76 -0.78 -9.14
CA ARG B 118 -12.17 -0.83 -7.74
C ARG B 118 -11.77 0.44 -6.99
N LEU B 119 -12.61 1.46 -7.09
CA LEU B 119 -12.40 2.71 -6.36
C LEU B 119 -13.31 2.76 -5.14
N ASP B 120 -13.54 1.60 -4.56
CA ASP B 120 -14.42 1.43 -3.40
C ASP B 120 -13.67 0.80 -2.24
N GLY B 121 -14.34 0.71 -1.09
CA GLY B 121 -13.77 0.06 0.08
C GLY B 121 -14.33 -1.32 0.34
N ALA B 122 -15.61 -1.52 0.03
CA ALA B 122 -16.31 -2.76 0.38
C ALA B 122 -15.80 -4.00 -0.36
N SER B 123 -15.36 -3.84 -1.61
CA SER B 123 -14.79 -4.95 -2.37
C SER B 123 -13.61 -5.59 -1.64
N LEU B 124 -12.80 -4.77 -0.98
CA LEU B 124 -11.64 -5.22 -0.22
C LEU B 124 -11.98 -6.12 0.97
N HIS B 125 -13.23 -6.03 1.44
CA HIS B 125 -13.69 -6.84 2.56
C HIS B 125 -14.05 -8.27 2.13
N PHE B 126 -13.93 -8.54 0.82
CA PHE B 126 -14.24 -9.86 0.26
C PHE B 126 -13.05 -10.46 -0.47
N ALA B 127 -12.20 -9.61 -1.04
CA ALA B 127 -11.03 -10.03 -1.81
C ALA B 127 -10.01 -8.90 -1.87
N PRO B 128 -8.73 -9.23 -1.83
CA PRO B 128 -7.67 -8.22 -1.93
C PRO B 128 -7.71 -7.52 -3.29
N LEU B 129 -7.13 -6.33 -3.38
CA LEU B 129 -7.25 -5.47 -4.57
C LEU B 129 -6.86 -6.14 -5.89
N GLU B 130 -5.89 -7.05 -5.82
CA GLU B 130 -5.42 -7.79 -6.99
C GLU B 130 -6.49 -8.65 -7.66
N PHE B 131 -7.50 -9.05 -6.89
CA PHE B 131 -8.63 -9.84 -7.42
C PHE B 131 -9.48 -8.95 -8.32
N PRO B 132 -9.82 -9.43 -9.51
CA PRO B 132 -10.58 -8.64 -10.48
C PRO B 132 -12.07 -8.55 -10.16
N ALA B 133 -12.60 -7.33 -10.16
CA ALA B 133 -14.04 -7.13 -10.02
C ALA B 133 -14.72 -7.48 -11.34
N VAL B 134 -14.70 -8.76 -11.69
CA VAL B 134 -15.17 -9.24 -12.98
C VAL B 134 -16.61 -9.75 -12.93
N ALA B 135 -17.38 -9.44 -13.96
CA ALA B 135 -18.75 -9.93 -14.09
C ALA B 135 -18.76 -11.38 -14.57
N ASP B 136 -19.82 -12.10 -14.20
CA ASP B 136 -20.05 -13.47 -14.66
C ASP B 136 -20.27 -13.48 -16.18
N PHE B 137 -19.68 -14.48 -16.84
CA PHE B 137 -19.70 -14.56 -18.30
C PHE B 137 -21.11 -14.76 -18.87
N GLU B 138 -21.90 -15.63 -18.24
CA GLU B 138 -23.27 -15.92 -18.68
C GLU B 138 -24.18 -14.70 -18.50
N CYS B 139 -23.99 -13.99 -17.39
CA CYS B 139 -24.76 -12.78 -17.10
C CYS B 139 -24.46 -11.67 -18.09
N THR B 140 -23.16 -11.46 -18.35
CA THR B 140 -22.70 -10.48 -19.33
C THR B 140 -23.23 -10.80 -20.73
N THR B 141 -23.17 -12.09 -21.10
CA THR B 141 -23.68 -12.57 -22.38
C THR B 141 -25.18 -12.28 -22.53
N ALA B 142 -25.94 -12.59 -21.48
CA ALA B 142 -27.39 -12.39 -21.49
C ALA B 142 -27.76 -10.91 -21.56
N LEU B 143 -26.94 -10.05 -20.95
CA LEU B 143 -27.16 -8.61 -21.00
C LEU B 143 -26.87 -8.04 -22.39
N VAL B 144 -25.84 -8.57 -23.04
CA VAL B 144 -25.49 -8.17 -24.40
C VAL B 144 -26.55 -8.64 -25.40
N GLU B 145 -27.02 -9.88 -25.22
CA GLU B 145 -28.09 -10.45 -26.04
C GLU B 145 -29.41 -9.68 -25.85
N ALA B 146 -29.70 -9.32 -24.60
CA ALA B 146 -30.91 -8.58 -24.25
C ALA B 146 -30.92 -7.17 -24.80
N ALA B 147 -29.73 -6.56 -24.88
CA ALA B 147 -29.57 -5.22 -25.45
C ALA B 147 -29.92 -5.20 -26.94
N LYS B 148 -29.53 -6.27 -27.64
CA LYS B 148 -29.85 -6.43 -29.05
C LYS B 148 -31.32 -6.80 -29.24
N SER B 149 -31.89 -7.48 -28.24
CA SER B 149 -33.28 -7.90 -28.26
C SER B 149 -34.25 -6.71 -28.31
N ILE B 150 -33.95 -5.66 -27.55
CA ILE B 150 -34.78 -4.46 -27.55
C ILE B 150 -34.32 -3.43 -28.60
N GLY B 151 -33.10 -3.59 -29.09
CA GLY B 151 -32.55 -2.74 -30.14
C GLY B 151 -32.00 -1.42 -29.62
N ALA B 152 -30.96 -1.51 -28.79
CA ALA B 152 -30.30 -0.34 -28.22
C ALA B 152 -28.88 -0.17 -28.75
N THR B 153 -28.33 1.03 -28.56
CA THR B 153 -26.92 1.28 -28.84
C THR B 153 -26.12 0.88 -27.60
N THR B 154 -25.28 -0.13 -27.76
CA THR B 154 -24.60 -0.76 -26.63
C THR B 154 -23.08 -0.64 -26.69
N HIS B 155 -22.47 -0.38 -25.54
CA HIS B 155 -21.02 -0.43 -25.38
C HIS B 155 -20.67 -1.41 -24.27
N VAL B 156 -19.67 -2.24 -24.51
CA VAL B 156 -19.23 -3.26 -23.56
C VAL B 156 -17.79 -2.97 -23.13
N GLY B 157 -17.54 -2.93 -21.83
CA GLY B 157 -16.20 -2.65 -21.33
C GLY B 157 -16.04 -2.42 -19.84
N VAL B 158 -15.00 -1.68 -19.48
CA VAL B 158 -14.62 -1.46 -18.09
C VAL B 158 -15.31 -0.23 -17.49
N THR B 159 -15.75 -0.36 -16.24
CA THR B 159 -16.43 0.71 -15.51
C THR B 159 -15.59 1.09 -14.29
N ALA B 160 -15.50 2.40 -14.01
CA ALA B 160 -14.89 2.88 -12.77
C ALA B 160 -15.96 2.99 -11.70
N SER B 161 -15.80 2.23 -10.62
CA SER B 161 -16.79 2.15 -9.56
C SER B 161 -16.28 2.84 -8.29
N SER B 162 -16.90 3.97 -7.97
CA SER B 162 -16.39 4.90 -6.96
C SER B 162 -17.23 4.93 -5.68
N ASP B 163 -16.56 5.04 -4.54
CA ASP B 163 -17.23 5.18 -3.24
C ASP B 163 -17.79 6.58 -3.03
N THR B 164 -17.59 7.46 -3.99
CA THR B 164 -18.16 8.81 -3.90
C THR B 164 -18.65 9.31 -5.27
N PHE B 165 -19.65 10.20 -5.23
CA PHE B 165 -20.22 10.78 -6.43
C PHE B 165 -19.38 11.96 -6.93
N TYR B 166 -18.71 12.63 -6.00
CA TYR B 166 -18.02 13.89 -6.32
C TYR B 166 -16.49 13.76 -6.57
N PRO B 167 -15.66 13.74 -5.52
CA PRO B 167 -14.21 13.76 -5.73
C PRO B 167 -13.64 12.51 -6.43
N GLY B 168 -14.20 11.35 -6.13
CA GLY B 168 -13.80 10.09 -6.76
C GLY B 168 -14.19 10.01 -8.22
N GLN B 169 -15.06 10.92 -8.65
CA GLN B 169 -15.45 11.04 -10.05
C GLN B 169 -14.93 12.37 -10.60
N GLU B 170 -13.97 12.93 -9.86
CA GLU B 170 -13.32 14.21 -10.17
C GLU B 170 -14.28 15.36 -10.50
N ARG B 171 -15.32 15.50 -9.68
CA ARG B 171 -16.21 16.66 -9.76
C ARG B 171 -15.62 17.77 -8.90
N TYR B 172 -15.58 18.98 -9.46
CA TYR B 172 -15.05 20.15 -8.76
C TYR B 172 -16.15 21.13 -8.36
N ASP B 173 -17.36 20.87 -8.85
CA ASP B 173 -18.53 21.68 -8.52
C ASP B 173 -19.06 21.32 -7.12
N THR B 174 -18.25 21.61 -6.10
CA THR B 174 -18.54 21.17 -4.73
C THR B 174 -18.39 22.32 -3.73
N TYR B 175 -18.62 22.03 -2.46
CA TYR B 175 -18.43 22.99 -1.38
C TYR B 175 -16.96 23.38 -1.25
N SER B 176 -16.07 22.38 -1.29
CA SER B 176 -14.64 22.63 -1.15
C SER B 176 -13.97 23.08 -2.45
N GLY B 177 -14.45 22.56 -3.57
CA GLY B 177 -13.89 22.87 -4.88
C GLY B 177 -12.57 22.19 -5.13
N ARG B 178 -12.20 21.26 -4.25
CA ARG B 178 -10.93 20.55 -4.33
C ARG B 178 -11.11 19.04 -4.45
N VAL B 179 -10.14 18.39 -5.09
CA VAL B 179 -10.10 16.94 -5.16
C VAL B 179 -8.76 16.47 -4.60
N VAL B 180 -8.81 15.52 -3.68
CA VAL B 180 -7.63 14.93 -3.06
C VAL B 180 -6.62 14.45 -4.12
N ARG B 181 -5.34 14.57 -3.80
CA ARG B 181 -4.24 14.27 -4.72
C ARG B 181 -4.42 12.96 -5.49
N HIS B 182 -4.78 11.90 -4.77
CA HIS B 182 -4.98 10.57 -5.35
C HIS B 182 -5.93 10.57 -6.54
N PHE B 183 -6.96 11.41 -6.48
CA PHE B 183 -7.97 11.46 -7.54
C PHE B 183 -7.80 12.65 -8.49
N LYS B 184 -6.84 13.53 -8.20
CA LYS B 184 -6.54 14.64 -9.10
C LYS B 184 -5.97 14.09 -10.41
N GLY B 185 -6.61 14.44 -11.51
CA GLY B 185 -6.23 13.94 -12.84
C GLY B 185 -6.64 12.50 -13.09
N SER B 186 -7.45 11.92 -12.21
CA SER B 186 -7.83 10.52 -12.31
C SER B 186 -8.76 10.22 -13.49
N MET B 187 -9.72 11.10 -13.75
CA MET B 187 -10.66 10.90 -14.85
C MET B 187 -9.93 10.77 -16.19
N GLU B 188 -8.95 11.64 -16.40
CA GLU B 188 -8.13 11.62 -17.61
C GLU B 188 -7.36 10.32 -17.75
N GLU B 189 -6.86 9.78 -16.63
CA GLU B 189 -6.20 8.48 -16.59
C GLU B 189 -7.15 7.36 -17.02
N TRP B 190 -8.33 7.31 -16.40
CA TRP B 190 -9.33 6.29 -16.72
C TRP B 190 -9.78 6.38 -18.18
N GLN B 191 -9.99 7.61 -18.66
CA GLN B 191 -10.35 7.87 -20.06
C GLN B 191 -9.34 7.27 -21.03
N ALA B 192 -8.05 7.50 -20.77
CA ALA B 192 -6.97 7.00 -21.60
C ALA B 192 -6.87 5.48 -21.58
N MET B 193 -7.35 4.87 -20.50
CA MET B 193 -7.34 3.42 -20.33
C MET B 193 -8.59 2.76 -20.91
N GLY B 194 -9.45 3.56 -21.54
CA GLY B 194 -10.64 3.06 -22.20
C GLY B 194 -11.83 2.77 -21.28
N VAL B 195 -11.75 3.23 -20.04
CA VAL B 195 -12.86 3.11 -19.08
C VAL B 195 -14.06 3.91 -19.61
N MET B 196 -15.22 3.27 -19.64
CA MET B 196 -16.41 3.85 -20.27
C MET B 196 -17.10 4.90 -19.41
N ASN B 197 -17.17 4.65 -18.11
CA ASN B 197 -18.11 5.36 -17.24
C ASN B 197 -17.83 5.26 -15.74
N TYR B 198 -18.57 6.08 -14.99
CA TYR B 198 -18.54 6.07 -13.52
C TYR B 198 -19.89 5.58 -12.99
N GLU B 199 -19.83 4.72 -11.97
CA GLU B 199 -20.97 4.47 -11.10
C GLU B 199 -20.46 4.09 -9.71
N MET B 200 -21.32 3.57 -8.84
CA MET B 200 -20.98 3.48 -7.42
C MET B 200 -21.20 2.13 -6.71
N GLU B 201 -21.59 1.09 -7.46
CA GLU B 201 -21.91 -0.20 -6.81
C GLU B 201 -21.27 -1.43 -7.44
N SER B 202 -20.88 -1.35 -8.71
CA SER B 202 -20.45 -2.53 -9.46
C SER B 202 -19.21 -3.23 -8.90
N ALA B 203 -18.21 -2.46 -8.47
CA ALA B 203 -16.99 -3.05 -7.91
C ALA B 203 -17.30 -3.95 -6.72
N THR B 204 -18.10 -3.45 -5.78
CA THR B 204 -18.51 -4.22 -4.62
C THR B 204 -19.29 -5.46 -5.03
N LEU B 205 -20.33 -5.25 -5.85
CA LEU B 205 -21.21 -6.34 -6.29
C LEU B 205 -20.44 -7.43 -7.05
N LEU B 206 -19.68 -7.04 -8.07
CA LEU B 206 -18.96 -8.00 -8.89
C LEU B 206 -17.88 -8.75 -8.12
N THR B 207 -17.14 -8.04 -7.26
CA THR B 207 -16.10 -8.67 -6.44
C THR B 207 -16.67 -9.68 -5.45
N MET B 208 -17.67 -9.26 -4.68
CA MET B 208 -18.26 -10.14 -3.67
C MET B 208 -18.96 -11.37 -4.26
N CYS B 209 -19.51 -11.22 -5.46
CA CYS B 209 -20.16 -12.34 -6.14
C CYS B 209 -19.17 -13.31 -6.78
N ALA B 210 -18.19 -12.76 -7.49
CA ALA B 210 -17.16 -13.56 -8.16
C ALA B 210 -16.27 -14.33 -7.19
N SER B 211 -16.13 -13.82 -5.97
CA SER B 211 -15.30 -14.47 -4.95
C SER B 211 -16.10 -15.37 -3.99
N GLN B 212 -17.38 -15.53 -4.26
CA GLN B 212 -18.26 -16.33 -3.40
C GLN B 212 -19.16 -17.29 -4.18
N GLY B 213 -18.85 -17.47 -5.46
CA GLY B 213 -19.56 -18.43 -6.29
C GLY B 213 -20.95 -18.00 -6.73
N LEU B 214 -21.20 -16.70 -6.68
CA LEU B 214 -22.47 -16.14 -7.14
C LEU B 214 -22.29 -15.47 -8.50
N ARG B 215 -23.30 -15.58 -9.36
CA ARG B 215 -23.26 -14.96 -10.68
C ARG B 215 -23.77 -13.52 -10.60
N ALA B 216 -23.05 -12.61 -11.26
CA ALA B 216 -23.43 -11.20 -11.25
C ALA B 216 -23.22 -10.54 -12.62
N GLY B 217 -24.18 -9.71 -13.01
CA GLY B 217 -24.10 -8.93 -14.23
C GLY B 217 -24.40 -7.47 -13.93
N MET B 218 -23.88 -6.59 -14.79
CA MET B 218 -23.99 -5.15 -14.58
C MET B 218 -24.36 -4.42 -15.86
N VAL B 219 -25.45 -3.66 -15.80
CA VAL B 219 -25.92 -2.85 -16.94
C VAL B 219 -26.39 -1.47 -16.46
N ALA B 220 -26.15 -0.45 -17.28
CA ALA B 220 -26.51 0.92 -16.92
C ALA B 220 -26.88 1.79 -18.12
N GLY B 221 -27.82 2.70 -17.89
CA GLY B 221 -28.22 3.68 -18.89
C GLY B 221 -27.44 4.96 -18.71
N VAL B 222 -26.93 5.50 -19.82
CA VAL B 222 -26.15 6.73 -19.79
C VAL B 222 -27.07 7.94 -19.66
N ILE B 223 -26.96 8.61 -18.51
CA ILE B 223 -27.78 9.78 -18.20
C ILE B 223 -27.05 11.05 -18.62
N VAL B 224 -25.75 11.08 -18.37
CA VAL B 224 -24.90 12.24 -18.67
C VAL B 224 -23.59 11.77 -19.28
N ASN B 225 -23.07 12.52 -20.24
CA ASN B 225 -21.68 12.34 -20.67
C ASN B 225 -20.83 13.50 -20.14
N ARG B 226 -19.79 13.15 -19.40
CA ARG B 226 -18.96 14.13 -18.70
C ARG B 226 -18.09 15.00 -19.62
N THR B 227 -17.96 14.60 -20.88
CA THR B 227 -17.17 15.36 -21.85
C THR B 227 -18.00 16.38 -22.64
N GLN B 228 -19.30 16.43 -22.37
CA GLN B 228 -20.20 17.37 -23.06
C GLN B 228 -21.13 18.16 -22.16
N GLN B 229 -21.64 17.52 -21.09
CA GLN B 229 -22.59 18.15 -20.18
C GLN B 229 -22.41 17.73 -18.71
N GLU B 230 -23.05 18.46 -17.80
CA GLU B 230 -23.01 18.14 -16.37
C GLU B 230 -24.40 17.96 -15.75
N ILE B 231 -25.35 18.78 -16.17
CA ILE B 231 -26.73 18.71 -15.66
C ILE B 231 -27.60 17.89 -16.62
N PRO B 232 -28.22 16.82 -16.12
CA PRO B 232 -29.08 15.94 -16.94
C PRO B 232 -30.40 16.58 -17.33
N ASN B 233 -30.98 16.11 -18.44
CA ASN B 233 -32.31 16.51 -18.88
C ASN B 233 -33.38 15.70 -18.14
N ALA B 234 -34.47 16.36 -17.80
CA ALA B 234 -35.53 15.75 -16.98
C ALA B 234 -36.32 14.67 -17.72
N GLU B 235 -36.52 14.86 -19.03
CA GLU B 235 -37.28 13.92 -19.84
C GLU B 235 -36.44 12.75 -20.34
N THR B 236 -35.24 13.05 -20.84
CA THR B 236 -34.30 12.04 -21.35
C THR B 236 -33.89 11.06 -20.26
N MET B 237 -33.82 11.55 -19.02
CA MET B 237 -33.52 10.72 -17.84
C MET B 237 -34.45 9.53 -17.71
N LYS B 238 -35.75 9.77 -17.89
CA LYS B 238 -36.78 8.73 -17.77
C LYS B 238 -36.76 7.74 -18.93
N GLN B 239 -36.56 8.24 -20.14
CA GLN B 239 -36.51 7.42 -21.35
C GLN B 239 -35.32 6.44 -21.33
N THR B 240 -34.17 6.95 -20.91
CA THR B 240 -32.94 6.14 -20.80
C THR B 240 -33.07 5.06 -19.73
N GLU B 241 -33.69 5.43 -18.61
CA GLU B 241 -33.94 4.49 -17.51
C GLU B 241 -34.85 3.34 -17.94
N SER B 242 -35.92 3.67 -18.68
CA SER B 242 -36.87 2.67 -19.18
C SER B 242 -36.21 1.70 -20.17
N HIS B 243 -35.36 2.24 -21.04
CA HIS B 243 -34.62 1.46 -22.03
C HIS B 243 -33.78 0.37 -21.37
N ALA B 244 -32.99 0.75 -20.37
CA ALA B 244 -32.09 -0.16 -19.67
C ALA B 244 -32.85 -1.14 -18.77
N VAL B 245 -33.96 -0.69 -18.18
CA VAL B 245 -34.83 -1.54 -17.36
C VAL B 245 -35.42 -2.67 -18.20
N LYS B 246 -35.78 -2.36 -19.45
CA LYS B 246 -36.27 -3.36 -20.40
C LYS B 246 -35.20 -4.42 -20.69
N ILE B 247 -33.95 -3.99 -20.78
CA ILE B 247 -32.83 -4.89 -21.06
C ILE B 247 -32.55 -5.85 -19.89
N VAL B 248 -32.55 -5.32 -18.66
CA VAL B 248 -32.27 -6.12 -17.46
C VAL B 248 -33.34 -7.20 -17.19
N VAL B 249 -34.58 -6.92 -17.57
CA VAL B 249 -35.68 -7.88 -17.46
C VAL B 249 -35.52 -8.96 -18.52
N GLU B 250 -35.23 -8.55 -19.75
CA GLU B 250 -35.00 -9.46 -20.88
C GLU B 250 -33.77 -10.36 -20.66
N ALA B 251 -32.76 -9.82 -19.97
CA ALA B 251 -31.57 -10.59 -19.63
C ALA B 251 -31.90 -11.67 -18.60
N ALA B 252 -32.72 -11.30 -17.61
CA ALA B 252 -33.19 -12.21 -16.58
C ALA B 252 -33.96 -13.39 -17.18
N ARG B 253 -34.72 -13.11 -18.24
CA ARG B 253 -35.44 -14.12 -19.01
C ARG B 253 -34.52 -15.21 -19.55
N ARG B 254 -33.35 -14.78 -20.02
CA ARG B 254 -32.36 -15.69 -20.59
C ARG B 254 -31.59 -16.48 -19.53
N LEU B 255 -31.64 -16.02 -18.28
CA LEU B 255 -30.87 -16.62 -17.19
C LEU B 255 -31.71 -17.43 -16.21
N LEU B 256 -32.98 -17.62 -16.52
CA LEU B 256 -33.89 -18.37 -15.64
C LEU B 256 -33.67 -19.88 -15.77
N SER C 7 18.06 -0.08 38.35
CA SER C 7 17.33 0.26 37.09
C SER C 7 16.38 -0.86 36.66
N ASP C 8 15.09 -0.53 36.57
CA ASP C 8 14.07 -1.50 36.16
C ASP C 8 13.80 -1.45 34.66
N VAL C 9 14.33 -0.42 34.01
CA VAL C 9 14.10 -0.21 32.57
C VAL C 9 15.42 -0.22 31.78
N PHE C 10 15.31 -0.39 30.46
CA PHE C 10 16.46 -0.55 29.59
C PHE C 10 17.20 0.75 29.26
N HIS C 11 16.48 1.87 29.28
CA HIS C 11 17.05 3.14 28.79
C HIS C 11 16.99 4.32 29.76
N LEU C 12 15.84 4.49 30.42
CA LEU C 12 15.61 5.67 31.26
C LEU C 12 16.44 5.73 32.54
N GLY C 13 16.81 4.55 33.05
CA GLY C 13 17.60 4.46 34.27
C GLY C 13 16.80 4.79 35.52
N LEU C 14 15.55 4.34 35.55
CA LEU C 14 14.66 4.59 36.68
C LEU C 14 14.06 3.31 37.22
N THR C 15 13.69 3.34 38.51
CA THR C 15 12.99 2.23 39.15
C THR C 15 11.55 2.63 39.43
N LYS C 16 10.71 1.64 39.76
CA LYS C 16 9.32 1.88 40.14
C LYS C 16 9.23 2.77 41.37
N ASN C 17 10.20 2.63 42.26
CA ASN C 17 10.28 3.41 43.49
C ASN C 17 10.65 4.88 43.27
N ASP C 18 11.44 5.14 42.23
CA ASP C 18 11.87 6.51 41.88
C ASP C 18 10.68 7.42 41.55
N LEU C 19 9.63 6.83 41.00
CA LEU C 19 8.42 7.55 40.61
C LEU C 19 7.54 7.91 41.81
N GLN C 20 7.60 7.08 42.85
CA GLN C 20 6.83 7.25 44.07
C GLN C 20 5.31 7.28 43.84
N GLY C 21 4.84 6.40 42.95
CA GLY C 21 3.42 6.25 42.69
C GLY C 21 2.83 7.22 41.69
N ALA C 22 3.68 7.87 40.90
CA ALA C 22 3.24 8.81 39.87
C ALA C 22 2.48 8.11 38.75
N THR C 23 1.40 8.74 38.30
CA THR C 23 0.57 8.20 37.21
C THR C 23 0.55 9.13 35.99
N LEU C 24 0.97 10.38 36.20
CA LEU C 24 0.99 11.37 35.13
C LEU C 24 2.42 11.79 34.79
N ALA C 25 2.68 11.96 33.51
CA ALA C 25 3.98 12.44 33.04
C ALA C 25 3.85 13.50 31.96
N ILE C 26 4.59 14.59 32.11
CA ILE C 26 4.72 15.61 31.08
C ILE C 26 5.94 15.26 30.23
N VAL C 27 5.73 15.17 28.92
CA VAL C 27 6.77 14.67 28.02
C VAL C 27 7.19 15.66 26.92
N PRO C 28 8.20 16.48 27.22
CA PRO C 28 8.78 17.37 26.21
C PRO C 28 9.74 16.65 25.29
N GLY C 29 10.03 17.24 24.13
CA GLY C 29 11.02 16.69 23.21
C GLY C 29 12.43 17.04 23.64
N ASP C 30 12.63 18.32 23.97
CA ASP C 30 13.94 18.85 24.36
C ASP C 30 14.32 18.43 25.78
N PRO C 31 15.44 17.72 25.93
CA PRO C 31 15.99 17.39 27.26
C PRO C 31 16.44 18.60 28.07
N ASP C 32 16.61 19.75 27.42
CA ASP C 32 16.97 20.99 28.10
C ASP C 32 15.73 21.71 28.64
N ARG C 33 14.55 21.17 28.33
CA ARG C 33 13.28 21.75 28.76
C ARG C 33 12.75 21.08 30.04
N VAL C 34 13.29 19.91 30.36
CA VAL C 34 12.88 19.12 31.53
C VAL C 34 13.07 19.90 32.83
N GLU C 35 14.22 20.54 32.98
CA GLU C 35 14.54 21.37 34.13
C GLU C 35 13.64 22.60 34.22
N LYS C 36 13.27 23.14 33.06
CA LYS C 36 12.41 24.32 32.97
C LYS C 36 10.99 24.05 33.45
N ILE C 37 10.44 22.91 33.05
CA ILE C 37 9.08 22.51 33.42
C ILE C 37 8.98 22.11 34.90
N ALA C 38 9.99 21.38 35.39
CA ALA C 38 10.01 20.89 36.76
C ALA C 38 10.25 22.00 37.80
N ALA C 39 10.87 23.10 37.37
CA ALA C 39 11.13 24.25 38.24
C ALA C 39 9.87 25.02 38.58
N LEU C 40 8.85 24.90 37.73
CA LEU C 40 7.57 25.58 37.93
C LEU C 40 6.66 24.85 38.93
N MET C 41 7.02 23.60 39.23
CA MET C 41 6.29 22.80 40.22
C MET C 41 7.06 22.73 41.54
N ASP C 42 6.39 22.24 42.59
CA ASP C 42 6.99 22.17 43.93
C ASP C 42 7.98 21.03 44.06
N LYS C 43 9.12 21.32 44.69
CA LYS C 43 10.19 20.36 44.97
C LYS C 43 10.69 19.59 43.74
N PRO C 44 11.59 20.21 42.96
CA PRO C 44 12.16 19.56 41.77
C PRO C 44 13.43 18.75 42.11
N VAL C 45 13.46 17.50 41.63
CA VAL C 45 14.58 16.60 41.89
C VAL C 45 15.01 15.89 40.60
N LYS C 46 16.29 15.98 40.27
CA LYS C 46 16.86 15.27 39.13
C LYS C 46 17.02 13.79 39.45
N LEU C 47 16.43 12.94 38.61
CA LEU C 47 16.48 11.50 38.82
C LEU C 47 17.60 10.84 38.02
N ALA C 48 17.51 10.94 36.70
CA ALA C 48 18.48 10.30 35.81
C ALA C 48 18.62 11.03 34.47
N SER C 49 19.81 10.94 33.89
CA SER C 49 20.06 11.44 32.54
C SER C 49 20.87 10.41 31.74
N HIS C 50 20.21 9.78 30.79
CA HIS C 50 20.83 8.77 29.94
C HIS C 50 20.44 8.99 28.48
N ARG C 51 21.45 9.04 27.61
CA ARG C 51 21.28 9.32 26.19
C ARG C 51 20.54 10.65 25.97
N GLU C 52 19.34 10.60 25.42
CA GLU C 52 18.50 11.79 25.21
C GLU C 52 17.37 11.87 26.23
N PHE C 53 17.36 10.94 27.18
CA PHE C 53 16.30 10.87 28.18
C PHE C 53 16.75 11.46 29.53
N THR C 54 16.20 12.62 29.86
CA THR C 54 16.43 13.25 31.15
C THR C 54 15.12 13.27 31.93
N THR C 55 15.16 12.77 33.17
CA THR C 55 13.95 12.65 33.98
C THR C 55 14.07 13.45 35.29
N TRP C 56 13.03 14.23 35.57
CA TRP C 56 12.94 15.01 36.80
C TRP C 56 11.64 14.69 37.54
N ARG C 57 11.73 14.60 38.87
CA ARG C 57 10.56 14.37 39.71
C ARG C 57 10.14 15.65 40.40
N ALA C 58 8.85 15.97 40.32
CA ALA C 58 8.29 17.15 40.95
C ALA C 58 6.97 16.83 41.67
N GLU C 59 6.45 17.82 42.39
CA GLU C 59 5.17 17.66 43.09
C GLU C 59 4.18 18.74 42.67
N LEU C 60 2.97 18.29 42.30
CA LEU C 60 1.90 19.18 41.89
C LEU C 60 0.65 18.93 42.72
N ASP C 61 0.29 19.91 43.54
CA ASP C 61 -0.85 19.82 44.47
C ASP C 61 -0.75 18.65 45.45
N GLY C 62 0.47 18.39 45.92
CA GLY C 62 0.74 17.31 46.85
C GLY C 62 0.75 15.92 46.22
N LYS C 63 1.01 15.87 44.92
CA LYS C 63 1.07 14.60 44.19
C LYS C 63 2.28 14.55 43.26
N PRO C 64 3.02 13.44 43.29
CA PRO C 64 4.22 13.28 42.45
C PRO C 64 3.93 13.26 40.96
N VAL C 65 4.62 14.12 40.21
CA VAL C 65 4.48 14.20 38.76
C VAL C 65 5.87 14.08 38.12
N ILE C 66 5.94 13.33 37.02
CA ILE C 66 7.19 13.06 36.32
C ILE C 66 7.33 13.91 35.06
N VAL C 67 8.52 14.48 34.85
CA VAL C 67 8.86 15.14 33.59
C VAL C 67 10.00 14.36 32.93
N CYS C 68 9.77 13.89 31.72
CA CYS C 68 10.73 13.06 31.00
C CYS C 68 10.82 13.40 29.52
N SER C 69 12.04 13.67 29.04
CA SER C 69 12.27 14.02 27.65
C SER C 69 12.18 12.81 26.74
N THR C 70 11.50 12.97 25.60
CA THR C 70 11.35 11.90 24.61
C THR C 70 12.41 12.00 23.53
N GLY C 71 12.92 13.21 23.31
CA GLY C 71 13.80 13.49 22.18
C GLY C 71 12.97 13.80 20.95
N ILE C 72 13.64 14.07 19.83
CA ILE C 72 12.95 14.33 18.57
C ILE C 72 12.55 13.03 17.89
N GLY C 73 11.28 12.91 17.54
CA GLY C 73 10.81 11.80 16.73
C GLY C 73 10.20 10.64 17.49
N GLY C 74 9.48 9.80 16.74
CA GLY C 74 8.76 8.66 17.27
C GLY C 74 9.56 7.55 17.94
N PRO C 75 10.67 7.12 17.33
CA PRO C 75 11.49 6.03 17.88
C PRO C 75 11.88 6.17 19.36
N SER C 76 12.44 7.31 19.76
CA SER C 76 12.80 7.50 21.16
C SER C 76 11.58 7.86 22.02
N THR C 77 10.57 8.46 21.38
CA THR C 77 9.29 8.71 22.04
C THR C 77 8.62 7.37 22.41
N SER C 78 8.75 6.39 21.52
CA SER C 78 8.22 5.04 21.77
C SER C 78 8.95 4.33 22.90
N ILE C 79 10.26 4.54 22.99
CA ILE C 79 11.06 4.01 24.10
C ILE C 79 10.66 4.67 25.43
N ALA C 80 10.59 6.00 25.41
CA ALA C 80 10.27 6.77 26.62
C ALA C 80 8.89 6.43 27.17
N VAL C 81 7.87 6.45 26.31
CA VAL C 81 6.49 6.19 26.72
C VAL C 81 6.30 4.76 27.23
N GLU C 82 6.85 3.78 26.49
CA GLU C 82 6.75 2.36 26.87
C GLU C 82 7.38 2.08 28.23
N GLU C 83 8.58 2.60 28.44
CA GLU C 83 9.32 2.35 29.68
C GLU C 83 8.75 3.10 30.88
N LEU C 84 8.14 4.26 30.63
CA LEU C 84 7.43 5.00 31.68
C LEU C 84 6.13 4.29 32.05
N ALA C 85 5.49 3.67 31.05
CA ALA C 85 4.26 2.91 31.27
C ALA C 85 4.51 1.67 32.12
N GLN C 86 5.66 1.03 31.91
CA GLN C 86 6.11 -0.11 32.70
C GLN C 86 6.32 0.28 34.17
N LEU C 87 6.65 1.55 34.40
CA LEU C 87 6.90 2.05 35.75
C LEU C 87 5.65 2.62 36.42
N GLY C 88 4.55 2.71 35.68
CA GLY C 88 3.26 3.07 36.24
C GLY C 88 2.56 4.30 35.67
N ILE C 89 3.16 4.94 34.67
CA ILE C 89 2.55 6.14 34.07
C ILE C 89 1.38 5.78 33.17
N ARG C 90 0.24 6.41 33.43
CA ARG C 90 -1.00 6.12 32.70
C ARG C 90 -1.49 7.32 31.89
N THR C 91 -0.94 8.50 32.18
CA THR C 91 -1.31 9.72 31.47
C THR C 91 -0.06 10.44 30.95
N PHE C 92 -0.09 10.78 29.66
CA PHE C 92 1.03 11.45 29.01
C PHE C 92 0.58 12.78 28.39
N LEU C 93 1.26 13.85 28.77
CA LEU C 93 0.98 15.17 28.20
C LEU C 93 2.22 15.69 27.48
N ARG C 94 2.10 15.88 26.16
CA ARG C 94 3.22 16.34 25.36
C ARG C 94 3.27 17.86 25.23
N ILE C 95 4.43 18.42 25.52
CA ILE C 95 4.70 19.85 25.32
C ILE C 95 5.80 20.01 24.27
N GLY C 96 5.49 20.73 23.20
CA GLY C 96 6.44 20.91 22.12
C GLY C 96 6.41 22.26 21.45
N THR C 97 7.27 22.43 20.46
CA THR C 97 7.26 23.58 19.57
C THR C 97 6.64 23.13 18.25
N THR C 98 6.13 24.09 17.48
CA THR C 98 5.54 23.77 16.18
C THR C 98 5.69 24.89 15.16
N GLY C 99 5.63 24.51 13.88
CA GLY C 99 5.59 25.44 12.78
C GLY C 99 4.20 25.43 12.19
N ALA C 100 3.49 26.55 12.30
CA ALA C 100 2.14 26.67 11.78
C ALA C 100 2.14 26.82 10.27
N ILE C 101 1.12 26.25 9.62
CA ILE C 101 0.99 26.32 8.16
C ILE C 101 -0.28 27.06 7.71
N GLN C 102 -1.05 27.56 8.68
CA GLN C 102 -2.25 28.34 8.39
C GLN C 102 -1.97 29.83 8.61
N PRO C 103 -2.42 30.67 7.67
CA PRO C 103 -2.21 32.12 7.76
C PRO C 103 -2.90 32.80 8.93
N HIS C 104 -4.04 32.25 9.38
CA HIS C 104 -4.79 32.84 10.50
C HIS C 104 -4.19 32.52 11.87
N ILE C 105 -3.26 31.56 11.91
CA ILE C 105 -2.51 31.25 13.11
C ILE C 105 -1.20 32.03 13.12
N ASN C 106 -0.96 32.80 14.18
CA ASN C 106 0.23 33.64 14.30
C ASN C 106 1.30 33.03 15.21
N VAL C 107 2.53 33.55 15.09
CA VAL C 107 3.63 33.18 15.98
C VAL C 107 3.32 33.66 17.40
N GLY C 108 3.36 32.74 18.36
CA GLY C 108 3.04 33.04 19.74
C GLY C 108 1.76 32.34 20.20
N ASP C 109 0.96 31.90 19.24
CA ASP C 109 -0.29 31.21 19.53
C ASP C 109 -0.06 29.79 20.04
N VAL C 110 -1.06 29.25 20.73
CA VAL C 110 -1.00 27.91 21.30
C VAL C 110 -2.00 26.99 20.60
N LEU C 111 -1.55 25.77 20.27
CA LEU C 111 -2.37 24.81 19.54
C LEU C 111 -2.57 23.51 20.30
N VAL C 112 -3.83 23.08 20.38
CA VAL C 112 -4.18 21.80 20.99
C VAL C 112 -4.57 20.81 19.90
N THR C 113 -3.91 19.66 19.91
CA THR C 113 -4.11 18.64 18.88
C THR C 113 -5.18 17.63 19.27
N THR C 114 -6.24 17.54 18.45
CA THR C 114 -7.27 16.52 18.64
C THR C 114 -6.79 15.18 18.11
N ALA C 115 -6.17 15.22 16.93
CA ALA C 115 -5.60 14.02 16.30
C ALA C 115 -4.53 14.43 15.28
N SER C 116 -3.71 13.47 14.87
CA SER C 116 -2.55 13.78 14.03
C SER C 116 -2.49 13.00 12.72
N VAL C 117 -2.03 13.70 11.67
CA VAL C 117 -1.70 13.05 10.40
C VAL C 117 -0.42 12.25 10.62
N ARG C 118 -0.50 10.94 10.35
CA ARG C 118 0.60 10.03 10.63
C ARG C 118 1.62 9.99 9.49
N LEU C 119 2.57 10.92 9.52
CA LEU C 119 3.69 10.91 8.57
C LEU C 119 4.92 10.33 9.24
N ASP C 120 4.69 9.33 10.08
CA ASP C 120 5.75 8.69 10.86
C ASP C 120 5.76 7.18 10.63
N GLY C 121 6.80 6.52 11.15
CA GLY C 121 6.92 5.08 11.03
C GLY C 121 6.57 4.32 12.30
N ALA C 122 6.90 4.90 13.45
CA ALA C 122 6.74 4.22 14.74
C ALA C 122 5.29 3.91 15.10
N SER C 123 4.37 4.78 14.70
CA SER C 123 2.94 4.58 14.97
C SER C 123 2.41 3.28 14.37
N LEU C 124 2.94 2.93 13.20
CA LEU C 124 2.60 1.68 12.50
C LEU C 124 3.02 0.44 13.28
N HIS C 125 4.02 0.60 14.15
CA HIS C 125 4.52 -0.50 14.99
C HIS C 125 3.56 -0.82 16.14
N PHE C 126 2.53 0.02 16.31
CA PHE C 126 1.54 -0.18 17.36
C PHE C 126 0.13 -0.43 16.82
N ALA C 127 -0.17 0.19 15.67
CA ALA C 127 -1.49 0.06 15.04
C ALA C 127 -1.39 0.38 13.55
N PRO C 128 -2.17 -0.31 12.71
CA PRO C 128 -2.17 -0.05 11.27
C PRO C 128 -2.59 1.39 10.95
N LEU C 129 -2.22 1.87 9.77
CA LEU C 129 -2.41 3.28 9.39
C LEU C 129 -3.85 3.79 9.55
N GLU C 130 -4.82 2.93 9.32
CA GLU C 130 -6.25 3.27 9.42
C GLU C 130 -6.70 3.68 10.82
N PHE C 131 -5.92 3.31 11.83
CA PHE C 131 -6.18 3.68 13.22
C PHE C 131 -5.86 5.16 13.43
N PRO C 132 -6.78 5.90 14.05
CA PRO C 132 -6.59 7.35 14.25
C PRO C 132 -5.58 7.68 15.33
N ALA C 133 -4.62 8.54 15.01
CA ALA C 133 -3.69 9.07 15.99
C ALA C 133 -4.41 10.13 16.82
N VAL C 134 -5.37 9.68 17.63
CA VAL C 134 -6.26 10.59 18.35
C VAL C 134 -5.87 10.77 19.82
N ALA C 135 -5.97 12.01 20.29
CA ALA C 135 -5.69 12.34 21.68
C ALA C 135 -6.87 11.96 22.57
N ASP C 136 -6.57 11.69 23.84
CA ASP C 136 -7.60 11.38 24.84
C ASP C 136 -8.49 12.60 25.07
N PHE C 137 -9.80 12.37 25.08
CA PHE C 137 -10.80 13.43 25.21
C PHE C 137 -10.67 14.23 26.51
N GLU C 138 -10.36 13.55 27.61
CA GLU C 138 -10.19 14.21 28.90
C GLU C 138 -8.93 15.08 28.92
N CYS C 139 -7.87 14.59 28.28
CA CYS C 139 -6.61 15.31 28.17
C CYS C 139 -6.73 16.55 27.30
N THR C 140 -7.41 16.41 26.16
CA THR C 140 -7.68 17.52 25.25
C THR C 140 -8.53 18.59 25.95
N THR C 141 -9.57 18.15 26.66
CA THR C 141 -10.44 19.04 27.44
C THR C 141 -9.63 19.88 28.43
N ALA C 142 -8.73 19.21 29.15
CA ALA C 142 -7.91 19.87 30.16
C ALA C 142 -6.98 20.94 29.56
N LEU C 143 -6.36 20.62 28.44
CA LEU C 143 -5.45 21.53 27.75
C LEU C 143 -6.16 22.77 27.21
N VAL C 144 -7.36 22.57 26.65
CA VAL C 144 -8.18 23.67 26.15
C VAL C 144 -8.65 24.56 27.31
N GLU C 145 -9.09 23.93 28.39
CA GLU C 145 -9.56 24.64 29.58
C GLU C 145 -8.43 25.38 30.30
N ALA C 146 -7.22 24.80 30.27
CA ALA C 146 -6.04 25.44 30.85
C ALA C 146 -5.58 26.63 30.03
N ALA C 147 -5.74 26.54 28.71
CA ALA C 147 -5.42 27.63 27.80
C ALA C 147 -6.36 28.82 28.01
N LYS C 148 -7.63 28.53 28.27
CA LYS C 148 -8.64 29.55 28.56
C LYS C 148 -8.41 30.19 29.94
N SER C 149 -7.82 29.41 30.84
CA SER C 149 -7.54 29.85 32.21
C SER C 149 -6.46 30.94 32.26
N ILE C 150 -5.39 30.75 31.51
CA ILE C 150 -4.26 31.69 31.50
C ILE C 150 -4.46 32.85 30.52
N GLY C 151 -5.42 32.68 29.60
CA GLY C 151 -5.72 33.71 28.62
C GLY C 151 -4.76 33.71 27.45
N ALA C 152 -5.05 32.89 26.45
CA ALA C 152 -4.20 32.77 25.26
C ALA C 152 -5.04 32.47 24.01
N THR C 153 -4.57 32.95 22.87
CA THR C 153 -5.21 32.68 21.58
C THR C 153 -4.97 31.24 21.17
N THR C 154 -6.03 30.44 21.26
CA THR C 154 -5.93 28.99 21.09
C THR C 154 -6.69 28.49 19.86
N HIS C 155 -6.06 27.58 19.14
CA HIS C 155 -6.69 26.89 18.01
C HIS C 155 -6.69 25.38 18.29
N VAL C 156 -7.84 24.76 18.04
CA VAL C 156 -8.01 23.33 18.26
C VAL C 156 -8.26 22.63 16.93
N GLY C 157 -7.47 21.59 16.64
CA GLY C 157 -7.59 20.86 15.39
C GLY C 157 -6.52 19.82 15.12
N VAL C 158 -6.25 19.62 13.83
CA VAL C 158 -5.37 18.55 13.35
C VAL C 158 -3.92 19.01 13.18
N THR C 159 -2.99 18.12 13.52
CA THR C 159 -1.56 18.36 13.42
C THR C 159 -0.92 17.32 12.50
N ALA C 160 -0.06 17.77 11.59
CA ALA C 160 0.73 16.86 10.76
C ALA C 160 2.03 16.49 11.47
N SER C 161 2.18 15.20 11.80
CA SER C 161 3.32 14.71 12.55
C SER C 161 4.32 13.96 11.66
N SER C 162 5.41 14.65 11.31
CA SER C 162 6.38 14.14 10.34
C SER C 162 7.56 13.43 10.98
N ASP C 163 8.04 12.38 10.32
CA ASP C 163 9.22 11.64 10.77
C ASP C 163 10.52 12.36 10.38
N THR C 164 10.38 13.54 9.79
CA THR C 164 11.53 14.30 9.33
C THR C 164 11.25 15.81 9.45
N PHE C 165 12.31 16.59 9.61
CA PHE C 165 12.18 18.04 9.76
C PHE C 165 12.11 18.76 8.41
N TYR C 166 12.78 18.22 7.40
CA TYR C 166 12.94 18.92 6.13
C TYR C 166 11.98 18.49 5.01
N PRO C 167 12.24 17.39 4.28
CA PRO C 167 11.38 17.00 3.16
C PRO C 167 9.94 16.64 3.54
N GLY C 168 9.76 16.04 4.72
CA GLY C 168 8.44 15.68 5.21
C GLY C 168 7.60 16.88 5.59
N GLN C 169 8.26 18.00 5.83
CA GLN C 169 7.59 19.27 6.10
C GLN C 169 7.73 20.21 4.89
N GLU C 170 8.09 19.60 3.76
CA GLU C 170 8.31 20.28 2.47
C GLU C 170 9.21 21.53 2.56
N ARG C 171 10.39 21.35 3.15
CA ARG C 171 11.42 22.38 3.14
C ARG C 171 12.36 22.13 1.97
N TYR C 172 12.61 23.17 1.17
CA TYR C 172 13.46 23.07 -0.01
C TYR C 172 14.83 23.72 0.21
N ASP C 173 14.97 24.43 1.31
CA ASP C 173 16.23 25.07 1.68
C ASP C 173 17.18 24.07 2.36
N THR C 174 17.55 23.04 1.59
CA THR C 174 18.33 21.91 2.09
C THR C 174 19.58 21.68 1.26
N TYR C 175 20.32 20.62 1.59
CA TYR C 175 21.53 20.23 0.85
C TYR C 175 21.22 19.85 -0.59
N SER C 176 20.29 18.91 -0.78
CA SER C 176 19.90 18.44 -2.10
C SER C 176 18.99 19.45 -2.81
N GLY C 177 18.12 20.10 -2.04
CA GLY C 177 17.17 21.06 -2.58
C GLY C 177 16.00 20.40 -3.28
N ARG C 178 15.80 19.11 -3.01
CA ARG C 178 14.72 18.35 -3.60
C ARG C 178 13.86 17.67 -2.53
N VAL C 179 12.59 17.48 -2.85
CA VAL C 179 11.67 16.74 -1.99
C VAL C 179 11.14 15.55 -2.77
N VAL C 180 11.12 14.38 -2.14
CA VAL C 180 10.62 13.14 -2.75
C VAL C 180 9.18 13.32 -3.25
N ARG C 181 8.86 12.66 -4.36
CA ARG C 181 7.56 12.77 -5.02
C ARG C 181 6.38 12.73 -4.03
N HIS C 182 6.43 11.79 -3.10
CA HIS C 182 5.35 11.58 -2.12
C HIS C 182 4.99 12.82 -1.32
N PHE C 183 6.00 13.63 -1.00
CA PHE C 183 5.80 14.82 -0.18
C PHE C 183 5.77 16.13 -0.97
N LYS C 184 5.89 16.04 -2.29
CA LYS C 184 5.81 17.19 -3.17
C LYS C 184 4.39 17.78 -3.21
N GLY C 185 4.28 19.05 -2.85
CA GLY C 185 2.99 19.73 -2.80
C GLY C 185 2.12 19.30 -1.64
N SER C 186 2.71 18.58 -0.68
CA SER C 186 1.97 18.04 0.46
C SER C 186 1.55 19.12 1.47
N MET C 187 2.35 20.17 1.61
CA MET C 187 2.04 21.24 2.55
C MET C 187 0.75 21.96 2.15
N GLU C 188 0.58 22.21 0.85
CA GLU C 188 -0.65 22.79 0.31
C GLU C 188 -1.84 21.87 0.53
N GLU C 189 -1.62 20.56 0.42
CA GLU C 189 -2.66 19.56 0.65
C GLU C 189 -3.17 19.62 2.09
N TRP C 190 -2.25 19.61 3.05
CA TRP C 190 -2.60 19.70 4.47
C TRP C 190 -3.28 21.03 4.79
N GLN C 191 -2.80 22.12 4.16
CA GLN C 191 -3.36 23.45 4.32
C GLN C 191 -4.84 23.50 3.93
N ALA C 192 -5.17 22.93 2.77
CA ALA C 192 -6.54 22.88 2.28
C ALA C 192 -7.42 21.99 3.16
N MET C 193 -6.81 21.00 3.80
CA MET C 193 -7.49 20.08 4.70
C MET C 193 -7.64 20.63 6.12
N GLY C 194 -7.17 21.86 6.32
CA GLY C 194 -7.31 22.55 7.59
C GLY C 194 -6.32 22.12 8.67
N VAL C 195 -5.25 21.44 8.28
CA VAL C 195 -4.18 21.06 9.20
C VAL C 195 -3.50 22.33 9.72
N MET C 196 -3.38 22.42 11.05
CA MET C 196 -2.87 23.62 11.69
C MET C 196 -1.36 23.78 11.56
N ASN C 197 -0.62 22.69 11.72
CA ASN C 197 0.81 22.76 12.01
C ASN C 197 1.63 21.49 11.76
N TYR C 198 2.95 21.65 11.84
CA TYR C 198 3.91 20.55 11.71
C TYR C 198 4.66 20.35 13.01
N GLU C 199 4.75 19.11 13.47
CA GLU C 199 5.71 18.70 14.50
C GLU C 199 6.15 17.25 14.27
N MET C 200 6.87 16.67 15.23
CA MET C 200 7.58 15.42 14.96
C MET C 200 7.34 14.24 15.92
N GLU C 201 6.44 14.40 16.90
CA GLU C 201 6.26 13.36 17.92
C GLU C 201 4.82 12.88 18.16
N SER C 202 3.85 13.73 17.84
CA SER C 202 2.45 13.46 18.22
C SER C 202 1.84 12.20 17.63
N ALA C 203 2.12 11.92 16.35
CA ALA C 203 1.57 10.73 15.68
C ALA C 203 1.92 9.44 16.41
N THR C 204 3.19 9.31 16.80
CA THR C 204 3.65 8.14 17.54
C THR C 204 3.02 8.09 18.94
N LEU C 205 3.13 9.20 19.66
CA LEU C 205 2.62 9.28 21.03
C LEU C 205 1.12 8.98 21.10
N LEU C 206 0.34 9.65 20.26
CA LEU C 206 -1.12 9.51 20.28
C LEU C 206 -1.61 8.13 19.85
N THR C 207 -0.99 7.55 18.82
CA THR C 207 -1.34 6.20 18.36
C THR C 207 -1.02 5.13 19.40
N MET C 208 0.21 5.17 19.92
CA MET C 208 0.69 4.14 20.85
C MET C 208 -0.05 4.17 22.19
N CYS C 209 -0.54 5.34 22.59
CA CYS C 209 -1.29 5.47 23.83
C CYS C 209 -2.74 5.04 23.66
N ALA C 210 -3.37 5.50 22.58
CA ALA C 210 -4.78 5.20 22.30
C ALA C 210 -5.03 3.74 21.95
N SER C 211 -3.97 3.05 21.49
CA SER C 211 -4.06 1.62 21.17
C SER C 211 -3.57 0.72 22.31
N GLN C 212 -3.31 1.32 23.47
CA GLN C 212 -2.80 0.57 24.63
C GLN C 212 -3.48 0.98 25.95
N GLY C 213 -4.60 1.69 25.85
CA GLY C 213 -5.36 2.10 27.02
C GLY C 213 -4.75 3.23 27.82
N LEU C 214 -3.80 3.93 27.22
CA LEU C 214 -3.13 5.06 27.87
C LEU C 214 -3.70 6.38 27.39
N ARG C 215 -3.77 7.35 28.29
CA ARG C 215 -4.29 8.68 27.96
C ARG C 215 -3.16 9.60 27.50
N ALA C 216 -3.41 10.34 26.42
CA ALA C 216 -2.41 11.23 25.85
C ALA C 216 -3.00 12.56 25.38
N GLY C 217 -2.30 13.64 25.69
CA GLY C 217 -2.70 14.98 25.29
C GLY C 217 -1.54 15.71 24.64
N MET C 218 -1.86 16.61 23.71
CA MET C 218 -0.82 17.25 22.91
C MET C 218 -1.04 18.76 22.78
N VAL C 219 -0.04 19.52 23.22
CA VAL C 219 -0.05 20.98 23.11
C VAL C 219 1.30 21.50 22.60
N ALA C 220 1.25 22.58 21.81
CA ALA C 220 2.46 23.18 21.26
C ALA C 220 2.33 24.69 21.09
N GLY C 221 3.46 25.39 21.22
CA GLY C 221 3.54 26.81 20.97
C GLY C 221 4.09 27.10 19.58
N VAL C 222 3.43 28.01 18.87
CA VAL C 222 3.87 28.39 17.53
C VAL C 222 5.05 29.35 17.61
N ILE C 223 6.22 28.87 17.16
CA ILE C 223 7.42 29.70 17.15
C ILE C 223 7.81 30.12 15.73
N VAL C 224 7.20 29.48 14.74
CA VAL C 224 7.38 29.85 13.33
C VAL C 224 6.10 29.67 12.54
N ASN C 225 5.86 30.58 11.59
CA ASN C 225 4.77 30.46 10.64
C ASN C 225 5.31 30.32 9.23
N ARG C 226 4.96 29.20 8.59
CA ARG C 226 5.56 28.81 7.31
C ARG C 226 5.16 29.67 6.11
N THR C 227 4.08 30.45 6.27
CA THR C 227 3.58 31.30 5.19
C THR C 227 4.14 32.72 5.19
N GLN C 228 5.08 33.01 6.09
CA GLN C 228 5.65 34.37 6.17
C GLN C 228 7.18 34.43 6.29
N GLN C 229 7.75 33.77 7.29
CA GLN C 229 9.19 33.82 7.54
C GLN C 229 9.74 32.50 8.09
N GLU C 230 10.94 32.13 7.64
CA GLU C 230 11.54 30.84 7.97
C GLU C 230 12.36 30.87 9.27
N ILE C 231 13.14 31.93 9.46
CA ILE C 231 14.00 32.07 10.63
C ILE C 231 13.24 32.71 11.81
N PRO C 232 13.14 31.98 12.93
CA PRO C 232 12.46 32.48 14.12
C PRO C 232 13.27 33.54 14.86
N ASN C 233 12.60 34.28 15.74
CA ASN C 233 13.25 35.31 16.53
C ASN C 233 13.90 34.75 17.80
N ALA C 234 15.10 35.25 18.10
CA ALA C 234 15.89 34.76 19.24
C ALA C 234 15.47 35.39 20.57
N GLU C 235 14.16 35.60 20.74
CA GLU C 235 13.58 36.14 21.97
C GLU C 235 12.13 35.71 22.12
N THR C 236 11.36 35.81 21.04
CA THR C 236 9.96 35.40 21.01
C THR C 236 9.82 33.89 21.16
N MET C 237 10.86 33.16 20.75
CA MET C 237 10.91 31.71 20.88
C MET C 237 10.83 31.26 22.33
N LYS C 238 11.62 31.90 23.19
CA LYS C 238 11.66 31.58 24.62
C LYS C 238 10.36 31.97 25.33
N GLN C 239 9.79 33.10 24.92
CA GLN C 239 8.52 33.59 25.48
C GLN C 239 7.36 32.64 25.16
N THR C 240 7.32 32.14 23.92
CA THR C 240 6.29 31.20 23.48
C THR C 240 6.44 29.84 24.17
N GLU C 241 7.69 29.38 24.30
CA GLU C 241 8.00 28.13 25.00
C GLU C 241 7.56 28.17 26.45
N SER C 242 7.86 29.28 27.13
CA SER C 242 7.48 29.49 28.52
C SER C 242 5.98 29.65 28.70
N HIS C 243 5.32 30.18 27.66
CA HIS C 243 3.87 30.37 27.66
C HIS C 243 3.14 29.02 27.58
N ALA C 244 3.64 28.13 26.73
CA ALA C 244 3.04 26.82 26.52
C ALA C 244 3.24 25.89 27.73
N VAL C 245 4.38 26.05 28.42
CA VAL C 245 4.69 25.27 29.62
C VAL C 245 3.67 25.52 30.74
N LYS C 246 3.30 26.79 30.92
CA LYS C 246 2.30 27.18 31.91
C LYS C 246 0.96 26.48 31.69
N ILE C 247 0.60 26.29 30.41
CA ILE C 247 -0.64 25.62 30.03
C ILE C 247 -0.61 24.13 30.38
N VAL C 248 0.49 23.45 30.05
CA VAL C 248 0.63 22.01 30.27
C VAL C 248 0.66 21.62 31.76
N VAL C 249 1.16 22.52 32.60
CA VAL C 249 1.20 22.30 34.05
C VAL C 249 -0.19 22.51 34.65
N GLU C 250 -0.89 23.54 34.15
CA GLU C 250 -2.26 23.84 34.56
C GLU C 250 -3.23 22.74 34.13
N ALA C 251 -2.99 22.17 32.95
CA ALA C 251 -3.79 21.05 32.45
C ALA C 251 -3.54 19.77 33.25
N ALA C 252 -2.29 19.60 33.70
CA ALA C 252 -1.90 18.46 34.53
C ALA C 252 -2.60 18.46 35.89
N ARG C 253 -2.89 19.66 36.38
CA ARG C 253 -3.62 19.85 37.63
C ARG C 253 -5.04 19.30 37.54
N ARG C 254 -5.68 19.51 36.39
CA ARG C 254 -7.06 19.10 36.14
C ARG C 254 -7.21 17.59 35.89
N LEU C 255 -6.09 16.93 35.60
CA LEU C 255 -6.11 15.50 35.21
C LEU C 255 -5.69 14.54 36.32
N LEU C 256 -5.11 15.07 37.40
CA LEU C 256 -4.63 14.25 38.51
C LEU C 256 -5.77 13.77 39.40
N SER D 7 25.33 30.54 14.39
CA SER D 7 24.97 29.19 13.88
C SER D 7 24.39 29.26 12.47
N ASP D 8 24.93 28.44 11.57
CA ASP D 8 24.46 28.36 10.19
C ASP D 8 23.36 27.33 10.01
N VAL D 9 23.17 26.49 11.04
CA VAL D 9 22.17 25.42 11.02
C VAL D 9 21.07 25.64 12.08
N PHE D 10 19.98 24.87 11.95
CA PHE D 10 18.81 25.05 12.80
C PHE D 10 18.89 24.36 14.17
N HIS D 11 19.55 23.20 14.22
CA HIS D 11 19.54 22.37 15.42
C HIS D 11 20.90 22.12 16.05
N LEU D 12 21.91 21.87 15.22
CA LEU D 12 23.23 21.46 15.70
C LEU D 12 24.01 22.59 16.38
N GLY D 13 23.75 23.82 15.96
CA GLY D 13 24.44 24.99 16.49
C GLY D 13 25.90 25.03 16.07
N LEU D 14 26.13 24.91 14.76
CA LEU D 14 27.49 24.86 14.20
C LEU D 14 27.64 25.75 12.98
N THR D 15 28.86 26.23 12.78
CA THR D 15 29.21 27.00 11.59
C THR D 15 30.13 26.19 10.68
N LYS D 16 30.21 26.57 9.41
CA LYS D 16 31.10 25.93 8.44
C LYS D 16 32.56 26.04 8.85
N ASN D 17 32.90 27.11 9.56
CA ASN D 17 34.25 27.34 10.05
C ASN D 17 34.64 26.44 11.22
N ASP D 18 33.65 26.07 12.04
CA ASP D 18 33.85 25.17 13.18
C ASP D 18 34.39 23.81 12.75
N LEU D 19 34.07 23.41 11.52
CA LEU D 19 34.43 22.11 10.98
C LEU D 19 35.87 22.04 10.48
N GLN D 20 36.43 23.20 10.12
CA GLN D 20 37.79 23.32 9.58
C GLN D 20 38.03 22.53 8.29
N GLY D 21 36.98 22.42 7.48
CA GLY D 21 37.06 21.74 6.19
C GLY D 21 36.92 20.23 6.23
N ALA D 22 36.38 19.71 7.33
CA ALA D 22 36.16 18.28 7.49
C ALA D 22 35.08 17.78 6.54
N THR D 23 35.34 16.63 5.89
CA THR D 23 34.39 16.03 4.96
C THR D 23 33.82 14.73 5.51
N LEU D 24 34.48 14.15 6.50
CA LEU D 24 34.06 12.90 7.12
C LEU D 24 33.53 13.12 8.53
N ALA D 25 32.51 12.35 8.90
CA ALA D 25 31.96 12.38 10.25
C ALA D 25 31.52 11.00 10.73
N ILE D 26 31.97 10.64 11.94
CA ILE D 26 31.50 9.42 12.59
C ILE D 26 30.26 9.76 13.41
N VAL D 27 29.17 9.03 13.16
CA VAL D 27 27.87 9.35 13.75
C VAL D 27 27.30 8.23 14.62
N PRO D 28 27.59 8.26 15.93
CA PRO D 28 26.98 7.32 16.88
C PRO D 28 25.56 7.75 17.26
N GLY D 29 24.82 6.84 17.88
CA GLY D 29 23.48 7.16 18.37
C GLY D 29 23.54 7.83 19.73
N ASP D 30 24.37 7.26 20.62
CA ASP D 30 24.50 7.73 22.00
C ASP D 30 25.40 8.96 22.09
N PRO D 31 24.87 10.06 22.65
CA PRO D 31 25.64 11.30 22.81
C PRO D 31 26.80 11.21 23.80
N ASP D 32 26.78 10.22 24.69
CA ASP D 32 27.88 10.02 25.64
C ASP D 32 29.07 9.28 25.02
N ARG D 33 28.84 8.71 23.83
CA ARG D 33 29.88 8.00 23.08
C ARG D 33 30.72 8.94 22.21
N VAL D 34 30.26 10.19 22.07
CA VAL D 34 30.91 11.19 21.22
C VAL D 34 32.32 11.55 21.72
N GLU D 35 32.45 11.67 23.04
CA GLU D 35 33.75 11.94 23.66
C GLU D 35 34.70 10.74 23.54
N LYS D 36 34.14 9.54 23.66
CA LYS D 36 34.92 8.30 23.59
C LYS D 36 35.62 8.10 22.24
N ILE D 37 34.90 8.36 21.15
CA ILE D 37 35.46 8.25 19.80
C ILE D 37 36.47 9.36 19.52
N ALA D 38 36.16 10.57 19.99
CA ALA D 38 37.02 11.74 19.79
C ALA D 38 38.34 11.63 20.55
N ALA D 39 38.32 10.93 21.68
CA ALA D 39 39.51 10.71 22.50
C ALA D 39 40.49 9.72 21.86
N LEU D 40 39.98 8.90 20.94
CA LEU D 40 40.79 7.94 20.20
C LEU D 40 41.68 8.62 19.16
N MET D 41 41.28 9.83 18.75
CA MET D 41 42.01 10.60 17.75
C MET D 41 42.74 11.79 18.37
N ASP D 42 43.59 12.44 17.58
CA ASP D 42 44.37 13.58 18.05
C ASP D 42 43.54 14.85 18.18
N LYS D 43 43.84 15.64 19.22
CA LYS D 43 43.17 16.92 19.50
C LYS D 43 41.64 16.84 19.62
N PRO D 44 41.13 16.26 20.70
CA PRO D 44 39.68 16.20 20.92
C PRO D 44 39.14 17.52 21.47
N VAL D 45 38.24 18.15 20.71
CA VAL D 45 37.66 19.44 21.08
C VAL D 45 36.14 19.42 21.01
N LYS D 46 35.48 19.84 22.09
CA LYS D 46 34.03 19.97 22.14
C LYS D 46 33.58 21.22 21.37
N LEU D 47 32.58 21.06 20.52
CA LEU D 47 32.08 22.17 19.71
C LEU D 47 30.73 22.70 20.22
N ALA D 48 29.73 21.82 20.26
CA ALA D 48 28.38 22.20 20.68
C ALA D 48 27.61 21.02 21.26
N SER D 49 26.68 21.31 22.16
CA SER D 49 25.79 20.31 22.74
C SER D 49 24.37 20.86 22.89
N HIS D 50 23.55 20.59 21.88
CA HIS D 50 22.16 21.02 21.88
C HIS D 50 21.23 19.83 21.64
N ARG D 51 20.21 19.72 22.49
CA ARG D 51 19.26 18.59 22.47
C ARG D 51 20.00 17.25 22.61
N GLU D 52 19.79 16.36 21.64
CA GLU D 52 20.45 15.06 21.61
C GLU D 52 21.70 15.08 20.73
N PHE D 53 21.99 16.23 20.15
CA PHE D 53 23.12 16.39 19.23
C PHE D 53 24.33 17.00 19.93
N THR D 54 25.33 16.16 20.19
CA THR D 54 26.61 16.61 20.73
C THR D 54 27.68 16.41 19.67
N THR D 55 28.47 17.46 19.42
CA THR D 55 29.49 17.43 18.37
C THR D 55 30.89 17.67 18.91
N TRP D 56 31.82 16.80 18.51
CA TRP D 56 33.23 16.91 18.88
C TRP D 56 34.10 16.85 17.63
N ARG D 57 35.11 17.73 17.59
CA ARG D 57 36.07 17.73 16.49
C ARG D 57 37.38 17.09 16.90
N ALA D 58 37.99 16.34 15.99
CA ALA D 58 39.27 15.70 16.22
C ALA D 58 40.11 15.65 14.94
N GLU D 59 41.32 15.11 15.05
CA GLU D 59 42.23 15.01 13.91
C GLU D 59 42.72 13.59 13.71
N LEU D 60 42.59 13.09 12.48
CA LEU D 60 43.05 11.76 12.11
C LEU D 60 44.01 11.84 10.93
N ASP D 61 45.24 11.38 11.15
CA ASP D 61 46.32 11.44 10.16
C ASP D 61 46.61 12.86 9.64
N GLY D 62 46.41 13.85 10.52
CA GLY D 62 46.60 15.24 10.17
C GLY D 62 45.45 15.86 9.40
N LYS D 63 44.27 15.25 9.51
CA LYS D 63 43.07 15.71 8.83
C LYS D 63 41.88 15.80 9.80
N PRO D 64 41.11 16.90 9.72
CA PRO D 64 39.97 17.11 10.63
C PRO D 64 38.83 16.11 10.44
N VAL D 65 38.31 15.59 11.54
CA VAL D 65 37.21 14.62 11.53
C VAL D 65 36.16 15.04 12.57
N ILE D 66 34.89 14.95 12.18
CA ILE D 66 33.77 15.32 13.05
C ILE D 66 33.14 14.08 13.69
N VAL D 67 32.76 14.21 14.97
CA VAL D 67 31.97 13.18 15.65
C VAL D 67 30.69 13.83 16.17
N CYS D 68 29.55 13.34 15.69
CA CYS D 68 28.26 13.94 16.05
C CYS D 68 27.20 12.88 16.36
N SER D 69 26.52 13.04 17.50
CA SER D 69 25.46 12.12 17.90
C SER D 69 24.17 12.36 17.11
N THR D 70 23.53 11.27 16.71
CA THR D 70 22.29 11.32 15.95
C THR D 70 21.08 11.16 16.86
N GLY D 71 21.29 10.60 18.05
CA GLY D 71 20.20 10.20 18.91
C GLY D 71 19.61 8.90 18.40
N ILE D 72 18.61 8.37 19.11
CA ILE D 72 17.93 7.15 18.69
C ILE D 72 16.88 7.45 17.61
N GLY D 73 16.96 6.74 16.50
CA GLY D 73 15.92 6.77 15.49
C GLY D 73 16.18 7.64 14.28
N GLY D 74 15.45 7.35 13.21
CA GLY D 74 15.55 8.07 11.95
C GLY D 74 15.32 9.57 11.96
N PRO D 75 14.27 10.04 12.64
CA PRO D 75 13.94 11.47 12.69
C PRO D 75 15.08 12.41 13.10
N SER D 76 15.74 12.15 14.22
CA SER D 76 16.85 13.01 14.65
C SER D 76 18.13 12.73 13.86
N THR D 77 18.27 11.49 13.38
CA THR D 77 19.34 11.12 12.48
C THR D 77 19.26 11.92 11.18
N SER D 78 18.05 12.07 10.64
CA SER D 78 17.81 12.83 9.42
C SER D 78 18.13 14.32 9.59
N ILE D 79 17.84 14.86 10.77
CA ILE D 79 18.18 16.25 11.11
C ILE D 79 19.70 16.43 11.18
N ALA D 80 20.37 15.53 11.91
CA ALA D 80 21.81 15.58 12.09
C ALA D 80 22.59 15.43 10.78
N VAL D 81 22.22 14.44 9.96
CA VAL D 81 22.92 14.15 8.72
C VAL D 81 22.73 15.25 7.68
N GLU D 82 21.50 15.77 7.57
CA GLU D 82 21.19 16.86 6.65
C GLU D 82 21.96 18.13 7.00
N GLU D 83 21.98 18.48 8.29
CA GLU D 83 22.64 19.70 8.75
C GLU D 83 24.17 19.60 8.68
N LEU D 84 24.69 18.38 8.83
CA LEU D 84 26.11 18.12 8.65
C LEU D 84 26.51 18.20 7.18
N ALA D 85 25.62 17.73 6.30
CA ALA D 85 25.83 17.82 4.86
C ALA D 85 25.83 19.27 4.37
N GLN D 86 24.98 20.09 4.99
CA GLN D 86 24.95 21.53 4.74
C GLN D 86 26.27 22.19 5.13
N LEU D 87 26.91 21.65 6.17
CA LEU D 87 28.18 22.17 6.68
C LEU D 87 29.38 21.69 5.87
N GLY D 88 29.21 20.62 5.10
CA GLY D 88 30.26 20.14 4.21
C GLY D 88 30.62 18.68 4.32
N ILE D 89 29.98 17.95 5.22
CA ILE D 89 30.25 16.52 5.39
C ILE D 89 29.66 15.71 4.24
N ARG D 90 30.49 14.85 3.66
CA ARG D 90 30.08 14.00 2.53
C ARG D 90 30.10 12.51 2.90
N THR D 91 30.91 12.16 3.88
CA THR D 91 31.03 10.77 4.33
C THR D 91 30.53 10.59 5.76
N PHE D 92 29.58 9.66 5.92
CA PHE D 92 28.99 9.37 7.23
C PHE D 92 29.23 7.91 7.61
N LEU D 93 29.94 7.71 8.72
CA LEU D 93 30.17 6.36 9.23
C LEU D 93 29.47 6.17 10.56
N ARG D 94 28.48 5.29 10.59
CA ARG D 94 27.72 5.03 11.81
C ARG D 94 28.33 3.88 12.62
N ILE D 95 28.48 4.14 13.91
CA ILE D 95 28.85 3.10 14.87
C ILE D 95 27.76 2.97 15.93
N GLY D 96 27.23 1.76 16.08
CA GLY D 96 26.14 1.52 17.01
C GLY D 96 26.25 0.24 17.81
N THR D 97 25.20 -0.02 18.58
CA THR D 97 25.04 -1.27 19.30
C THR D 97 23.93 -2.05 18.61
N THR D 98 23.89 -3.36 18.81
CA THR D 98 22.88 -4.19 18.14
C THR D 98 22.50 -5.46 18.90
N GLY D 99 21.32 -5.97 18.58
CA GLY D 99 20.86 -7.27 19.05
C GLY D 99 20.82 -8.24 17.89
N ALA D 100 21.68 -9.24 17.93
CA ALA D 100 21.75 -10.24 16.86
C ALA D 100 20.58 -11.22 16.95
N ILE D 101 20.10 -11.67 15.79
CA ILE D 101 18.98 -12.62 15.73
C ILE D 101 19.37 -13.96 15.11
N GLN D 102 20.63 -14.09 14.70
CA GLN D 102 21.15 -15.36 14.19
C GLN D 102 21.92 -16.10 15.29
N PRO D 103 21.67 -17.41 15.42
CA PRO D 103 22.29 -18.23 16.48
C PRO D 103 23.81 -18.34 16.37
N HIS D 104 24.36 -18.21 15.16
CA HIS D 104 25.80 -18.36 14.95
C HIS D 104 26.60 -17.09 15.32
N ILE D 105 25.91 -15.97 15.43
CA ILE D 105 26.54 -14.70 15.80
C ILE D 105 26.55 -14.55 17.32
N ASN D 106 27.75 -14.49 17.90
CA ASN D 106 27.90 -14.39 19.35
C ASN D 106 28.02 -12.96 19.85
N VAL D 107 27.80 -12.77 21.15
CA VAL D 107 28.02 -11.49 21.81
C VAL D 107 29.49 -11.13 21.73
N GLY D 108 29.78 -9.90 21.33
CA GLY D 108 31.15 -9.44 21.14
C GLY D 108 31.53 -9.32 19.67
N ASP D 109 30.75 -9.96 18.80
CA ASP D 109 30.99 -9.91 17.36
C ASP D 109 30.75 -8.52 16.79
N VAL D 110 31.36 -8.25 15.65
CA VAL D 110 31.15 -7.00 14.93
C VAL D 110 30.38 -7.26 13.62
N LEU D 111 29.39 -6.43 13.33
CA LEU D 111 28.58 -6.59 12.14
C LEU D 111 28.69 -5.39 11.21
N VAL D 112 29.04 -5.65 9.95
CA VAL D 112 29.06 -4.63 8.92
C VAL D 112 27.82 -4.79 8.04
N THR D 113 27.07 -3.70 7.88
CA THR D 113 25.81 -3.71 7.15
C THR D 113 25.99 -3.34 5.68
N THR D 114 25.62 -4.25 4.80
CA THR D 114 25.63 -3.98 3.35
C THR D 114 24.40 -3.15 2.98
N ALA D 115 23.26 -3.53 3.56
CA ALA D 115 21.98 -2.85 3.32
C ALA D 115 20.98 -3.19 4.43
N SER D 116 19.96 -2.37 4.56
CA SER D 116 19.00 -2.52 5.66
C SER D 116 17.57 -2.78 5.21
N VAL D 117 16.88 -3.64 5.97
CA VAL D 117 15.44 -3.79 5.86
C VAL D 117 14.83 -2.51 6.45
N ARG D 118 14.00 -1.84 5.65
CA ARG D 118 13.48 -0.53 6.02
C ARG D 118 12.20 -0.64 6.84
N LEU D 119 12.36 -0.77 8.16
CA LEU D 119 11.23 -0.81 9.08
C LEU D 119 11.09 0.54 9.77
N ASP D 120 11.47 1.60 9.05
CA ASP D 120 11.44 2.97 9.55
C ASP D 120 10.50 3.84 8.72
N GLY D 121 10.27 5.07 9.17
CA GLY D 121 9.43 6.00 8.44
C GLY D 121 10.20 7.09 7.73
N ALA D 122 11.34 7.47 8.29
CA ALA D 122 12.14 8.59 7.77
C ALA D 122 12.80 8.33 6.42
N SER D 123 13.13 7.06 6.14
CA SER D 123 13.70 6.69 4.84
C SER D 123 12.75 7.00 3.68
N LEU D 124 11.45 6.84 3.92
CA LEU D 124 10.40 7.12 2.94
C LEU D 124 10.31 8.60 2.55
N HIS D 125 10.82 9.46 3.43
CA HIS D 125 10.83 10.90 3.19
C HIS D 125 11.94 11.33 2.22
N PHE D 126 12.76 10.36 1.80
CA PHE D 126 13.86 10.62 0.88
C PHE D 126 13.77 9.78 -0.39
N ALA D 127 13.25 8.56 -0.27
CA ALA D 127 13.10 7.64 -1.39
C ALA D 127 11.99 6.65 -1.12
N PRO D 128 11.23 6.27 -2.14
CA PRO D 128 10.16 5.27 -1.98
C PRO D 128 10.70 3.92 -1.54
N LEU D 129 9.85 3.08 -0.94
CA LEU D 129 10.26 1.84 -0.29
C LEU D 129 11.10 0.90 -1.17
N GLU D 130 10.82 0.92 -2.47
CA GLU D 130 11.52 0.07 -3.45
C GLU D 130 13.00 0.39 -3.59
N PHE D 131 13.38 1.62 -3.26
CA PHE D 131 14.78 2.03 -3.25
C PHE D 131 15.50 1.31 -2.11
N PRO D 132 16.65 0.70 -2.43
CA PRO D 132 17.40 -0.07 -1.43
C PRO D 132 18.18 0.80 -0.44
N ALA D 133 18.03 0.50 0.85
CA ALA D 133 18.80 1.19 1.89
C ALA D 133 20.22 0.61 1.92
N VAL D 134 20.97 0.87 0.86
CA VAL D 134 22.29 0.28 0.67
C VAL D 134 23.42 1.19 1.13
N ALA D 135 24.43 0.60 1.77
CA ALA D 135 25.62 1.32 2.20
C ALA D 135 26.57 1.54 1.01
N ASP D 136 27.40 2.56 1.13
CA ASP D 136 28.42 2.85 0.13
C ASP D 136 29.48 1.75 0.11
N PHE D 137 29.86 1.32 -1.08
CA PHE D 137 30.78 0.21 -1.28
C PHE D 137 32.17 0.48 -0.68
N GLU D 138 32.68 1.69 -0.87
CA GLU D 138 33.99 2.07 -0.34
C GLU D 138 33.99 2.11 1.19
N CYS D 139 32.90 2.63 1.76
CA CYS D 139 32.72 2.67 3.22
C CYS D 139 32.66 1.27 3.80
N THR D 140 31.83 0.41 3.20
CA THR D 140 31.67 -0.98 3.60
C THR D 140 33.00 -1.75 3.48
N THR D 141 33.74 -1.49 2.41
CA THR D 141 35.05 -2.10 2.19
C THR D 141 36.03 -1.68 3.28
N ALA D 142 36.03 -0.39 3.62
CA ALA D 142 36.92 0.17 4.64
C ALA D 142 36.63 -0.42 6.03
N LEU D 143 35.34 -0.63 6.32
CA LEU D 143 34.91 -1.19 7.60
C LEU D 143 35.30 -2.66 7.74
N VAL D 144 35.08 -3.43 6.67
CA VAL D 144 35.44 -4.85 6.62
C VAL D 144 36.96 -5.01 6.79
N GLU D 145 37.72 -4.23 6.02
CA GLU D 145 39.19 -4.26 6.07
C GLU D 145 39.73 -3.83 7.44
N ALA D 146 39.08 -2.84 8.05
CA ALA D 146 39.45 -2.37 9.39
C ALA D 146 39.18 -3.42 10.47
N ALA D 147 38.10 -4.17 10.29
CA ALA D 147 37.73 -5.24 11.21
C ALA D 147 38.73 -6.39 11.18
N LYS D 148 39.25 -6.69 10.00
CA LYS D 148 40.27 -7.73 9.83
C LYS D 148 41.63 -7.26 10.32
N SER D 149 41.87 -5.94 10.23
CA SER D 149 43.13 -5.34 10.63
C SER D 149 43.37 -5.42 12.14
N ILE D 150 42.32 -5.15 12.92
CA ILE D 150 42.41 -5.20 14.37
C ILE D 150 42.12 -6.60 14.92
N GLY D 151 41.64 -7.49 14.05
CA GLY D 151 41.38 -8.87 14.40
C GLY D 151 40.11 -9.06 15.20
N ALA D 152 38.97 -8.99 14.53
CA ALA D 152 37.66 -9.16 15.16
C ALA D 152 36.81 -10.15 14.42
N THR D 153 35.97 -10.89 15.15
CA THR D 153 35.01 -11.81 14.56
C THR D 153 33.92 -11.02 13.85
N THR D 154 33.96 -11.06 12.52
CA THR D 154 33.12 -10.20 11.69
C THR D 154 32.08 -10.99 10.88
N HIS D 155 30.88 -10.44 10.79
CA HIS D 155 29.85 -10.93 9.88
C HIS D 155 29.34 -9.79 9.03
N VAL D 156 29.21 -10.04 7.73
CA VAL D 156 28.76 -9.03 6.77
C VAL D 156 27.42 -9.45 6.19
N GLY D 157 26.47 -8.52 6.13
CA GLY D 157 25.16 -8.81 5.60
C GLY D 157 24.08 -7.78 5.88
N VAL D 158 22.83 -8.25 5.89
CA VAL D 158 21.67 -7.39 5.98
C VAL D 158 21.23 -7.15 7.43
N THR D 159 20.78 -5.93 7.72
CA THR D 159 20.31 -5.52 9.04
C THR D 159 18.85 -5.07 8.96
N ALA D 160 18.07 -5.42 9.97
CA ALA D 160 16.72 -4.90 10.11
C ALA D 160 16.75 -3.61 10.94
N SER D 161 16.36 -2.50 10.32
CA SER D 161 16.39 -1.20 10.99
C SER D 161 14.99 -0.74 11.38
N SER D 162 14.67 -0.83 12.67
CA SER D 162 13.32 -0.59 13.18
C SER D 162 13.12 0.80 13.78
N ASP D 163 11.92 1.33 13.60
CA ASP D 163 11.54 2.63 14.17
C ASP D 163 11.15 2.54 15.63
N THR D 164 11.21 1.34 16.19
CA THR D 164 10.91 1.12 17.59
C THR D 164 11.80 0.01 18.15
N PHE D 165 12.01 0.04 19.46
CA PHE D 165 12.87 -0.92 20.14
C PHE D 165 12.13 -2.20 20.50
N TYR D 166 10.83 -2.08 20.76
CA TYR D 166 10.05 -3.19 21.30
C TYR D 166 9.21 -3.97 20.25
N PRO D 167 8.02 -3.48 19.87
CA PRO D 167 7.15 -4.25 18.96
C PRO D 167 7.74 -4.52 17.57
N GLY D 168 8.50 -3.57 17.03
CA GLY D 168 9.12 -3.73 15.73
C GLY D 168 10.29 -4.70 15.72
N GLN D 169 10.80 -4.99 16.92
CA GLN D 169 11.84 -6.00 17.11
C GLN D 169 11.22 -7.23 17.79
N GLU D 170 9.89 -7.31 17.70
CA GLU D 170 9.08 -8.37 18.29
C GLU D 170 9.46 -8.73 19.72
N ARG D 171 9.52 -7.71 20.58
CA ARG D 171 9.69 -7.90 22.01
C ARG D 171 8.33 -7.97 22.67
N TYR D 172 8.11 -9.02 23.46
CA TYR D 172 6.83 -9.24 24.13
C TYR D 172 6.89 -8.91 25.62
N ASP D 173 8.10 -8.61 26.11
CA ASP D 173 8.33 -8.25 27.50
C ASP D 173 8.02 -6.77 27.74
N THR D 174 6.77 -6.39 27.47
CA THR D 174 6.36 -4.98 27.46
C THR D 174 5.16 -4.74 28.38
N TYR D 175 4.72 -3.48 28.41
CA TYR D 175 3.54 -3.08 29.18
C TYR D 175 2.26 -3.77 28.71
N SER D 176 2.06 -3.77 27.39
CA SER D 176 0.87 -4.39 26.79
C SER D 176 1.05 -5.89 26.57
N GLY D 177 2.29 -6.30 26.31
CA GLY D 177 2.61 -7.70 26.04
C GLY D 177 2.14 -8.16 24.66
N ARG D 178 1.70 -7.22 23.83
CA ARG D 178 1.19 -7.53 22.50
C ARG D 178 2.05 -6.91 21.40
N VAL D 179 2.05 -7.54 20.23
CA VAL D 179 2.71 -7.00 19.04
C VAL D 179 1.71 -6.93 17.90
N VAL D 180 1.62 -5.76 17.26
CA VAL D 180 0.70 -5.54 16.14
C VAL D 180 0.86 -6.61 15.05
N ARG D 181 -0.26 -6.97 14.43
CA ARG D 181 -0.30 -8.06 13.43
C ARG D 181 0.86 -8.00 12.44
N HIS D 182 1.15 -6.81 11.93
CA HIS D 182 2.21 -6.59 10.93
C HIS D 182 3.57 -7.13 11.37
N PHE D 183 3.89 -6.99 12.66
CA PHE D 183 5.18 -7.43 13.18
C PHE D 183 5.13 -8.77 13.94
N LYS D 184 3.94 -9.37 14.00
CA LYS D 184 3.78 -10.69 14.61
C LYS D 184 4.45 -11.76 13.74
N GLY D 185 5.40 -12.48 14.33
CA GLY D 185 6.16 -13.49 13.61
C GLY D 185 7.22 -12.91 12.66
N SER D 186 7.45 -11.60 12.74
CA SER D 186 8.39 -10.92 11.85
C SER D 186 9.85 -11.29 12.08
N MET D 187 10.24 -11.48 13.34
CA MET D 187 11.61 -11.83 13.68
C MET D 187 12.02 -13.16 13.04
N GLU D 188 11.11 -14.14 13.11
CA GLU D 188 11.30 -15.44 12.47
C GLU D 188 11.48 -15.31 10.97
N GLU D 189 10.70 -14.42 10.35
CA GLU D 189 10.78 -14.16 8.91
C GLU D 189 12.16 -13.61 8.53
N TRP D 190 12.61 -12.59 9.26
CA TRP D 190 13.93 -12.00 9.03
C TRP D 190 15.06 -13.02 9.25
N GLN D 191 14.89 -13.87 10.26
CA GLN D 191 15.86 -14.91 10.59
C GLN D 191 16.05 -15.91 9.45
N ALA D 192 14.93 -16.33 8.85
CA ALA D 192 14.94 -17.23 7.71
C ALA D 192 15.54 -16.57 6.47
N MET D 193 15.40 -15.24 6.41
CA MET D 193 15.91 -14.45 5.29
C MET D 193 17.39 -14.08 5.44
N GLY D 194 18.01 -14.50 6.54
CA GLY D 194 19.43 -14.29 6.76
C GLY D 194 19.80 -12.95 7.34
N VAL D 195 18.81 -12.20 7.81
CA VAL D 195 19.03 -10.92 8.48
C VAL D 195 19.81 -11.18 9.78
N MET D 196 20.88 -10.43 9.99
CA MET D 196 21.79 -10.66 11.11
C MET D 196 21.26 -10.13 12.43
N ASN D 197 20.63 -8.96 12.39
CA ASN D 197 20.44 -8.16 13.59
C ASN D 197 19.39 -7.04 13.51
N TYR D 198 19.10 -6.44 14.67
CA TYR D 198 18.22 -5.29 14.78
C TYR D 198 19.00 -4.06 15.24
N GLU D 199 18.68 -2.92 14.64
CA GLU D 199 19.09 -1.61 15.18
C GLU D 199 18.08 -0.55 14.75
N MET D 200 18.37 0.73 14.98
CA MET D 200 17.33 1.74 14.85
C MET D 200 17.63 2.97 13.99
N GLU D 201 18.73 2.97 13.24
CA GLU D 201 19.13 4.16 12.48
C GLU D 201 19.57 3.93 11.03
N SER D 202 20.12 2.75 10.75
CA SER D 202 20.78 2.48 9.47
C SER D 202 19.92 2.71 8.23
N ALA D 203 18.66 2.26 8.27
CA ALA D 203 17.76 2.41 7.14
C ALA D 203 17.62 3.87 6.70
N THR D 204 17.37 4.76 7.66
CA THR D 204 17.29 6.19 7.41
C THR D 204 18.61 6.75 6.87
N LEU D 205 19.71 6.43 7.56
CA LEU D 205 21.04 6.91 7.18
C LEU D 205 21.43 6.44 5.78
N LEU D 206 21.27 5.15 5.52
CA LEU D 206 21.69 4.57 4.24
C LEU D 206 20.83 5.02 3.06
N THR D 207 19.51 5.14 3.27
CA THR D 207 18.60 5.61 2.24
C THR D 207 18.84 7.08 1.89
N MET D 208 18.85 7.93 2.92
CA MET D 208 19.00 9.37 2.70
C MET D 208 20.36 9.76 2.11
N CYS D 209 21.38 8.94 2.35
CA CYS D 209 22.71 9.20 1.81
C CYS D 209 22.87 8.65 0.38
N ALA D 210 22.41 7.43 0.15
CA ALA D 210 22.51 6.79 -1.16
C ALA D 210 21.66 7.47 -2.24
N SER D 211 20.61 8.18 -1.80
CA SER D 211 19.73 8.91 -2.70
C SER D 211 20.12 10.39 -2.84
N GLN D 212 21.22 10.79 -2.23
CA GLN D 212 21.66 12.18 -2.23
C GLN D 212 23.12 12.36 -2.62
N GLY D 213 23.80 11.27 -2.95
CA GLY D 213 25.18 11.31 -3.40
C GLY D 213 26.21 11.29 -2.27
N LEU D 214 25.73 11.11 -1.05
CA LEU D 214 26.60 11.04 0.13
C LEU D 214 27.01 9.60 0.42
N ARG D 215 28.25 9.41 0.86
CA ARG D 215 28.75 8.08 1.19
C ARG D 215 28.41 7.72 2.63
N ALA D 216 27.90 6.51 2.83
CA ALA D 216 27.52 6.05 4.17
C ALA D 216 27.96 4.62 4.46
N GLY D 217 28.40 4.40 5.70
CA GLY D 217 28.80 3.09 6.18
C GLY D 217 28.21 2.80 7.54
N MET D 218 28.02 1.52 7.84
CA MET D 218 27.36 1.10 9.07
C MET D 218 28.09 -0.06 9.74
N VAL D 219 28.49 0.16 11.00
CA VAL D 219 29.16 -0.86 11.82
C VAL D 219 28.54 -0.91 13.22
N ALA D 220 28.41 -2.12 13.77
CA ALA D 220 27.76 -2.31 15.06
C ALA D 220 28.39 -3.42 15.90
N GLY D 221 28.32 -3.26 17.21
CA GLY D 221 28.81 -4.26 18.14
C GLY D 221 27.67 -5.05 18.75
N VAL D 222 27.78 -6.38 18.73
CA VAL D 222 26.77 -7.26 19.29
C VAL D 222 26.90 -7.31 20.81
N ILE D 223 25.92 -6.75 21.50
CA ILE D 223 25.89 -6.80 22.96
C ILE D 223 24.86 -7.81 23.48
N VAL D 224 23.93 -8.20 22.62
CA VAL D 224 22.96 -9.24 22.95
C VAL D 224 22.59 -10.11 21.75
N ASN D 225 22.27 -11.37 22.01
CA ASN D 225 21.71 -12.26 21.00
C ASN D 225 20.32 -12.71 21.43
N ARG D 226 19.33 -12.46 20.57
CA ARG D 226 17.93 -12.69 20.88
C ARG D 226 17.53 -14.17 21.01
N THR D 227 18.36 -15.06 20.46
CA THR D 227 18.07 -16.50 20.48
C THR D 227 18.51 -17.20 21.77
N GLN D 228 19.23 -16.49 22.64
CA GLN D 228 19.76 -17.10 23.86
C GLN D 228 19.31 -16.42 25.17
N GLN D 229 19.56 -15.11 25.29
CA GLN D 229 19.18 -14.36 26.49
C GLN D 229 18.93 -12.87 26.20
N GLU D 230 18.26 -12.20 27.13
CA GLU D 230 17.86 -10.79 26.95
C GLU D 230 18.75 -9.80 27.71
N ILE D 231 19.22 -10.20 28.88
CA ILE D 231 20.02 -9.31 29.74
C ILE D 231 21.53 -9.53 29.56
N PRO D 232 22.22 -8.53 29.00
CA PRO D 232 23.65 -8.63 28.70
C PRO D 232 24.54 -8.40 29.92
N ASN D 233 25.81 -8.78 29.81
CA ASN D 233 26.81 -8.54 30.85
C ASN D 233 27.32 -7.11 30.79
N ALA D 234 27.58 -6.52 31.94
CA ALA D 234 27.99 -5.11 32.05
C ALA D 234 29.37 -4.84 31.46
N GLU D 235 30.36 -5.63 31.86
CA GLU D 235 31.74 -5.45 31.40
C GLU D 235 31.92 -5.79 29.91
N THR D 236 31.21 -6.83 29.46
CA THR D 236 31.23 -7.24 28.06
C THR D 236 30.69 -6.15 27.14
N MET D 237 29.70 -5.41 27.63
CA MET D 237 29.09 -4.30 26.90
C MET D 237 30.08 -3.16 26.63
N LYS D 238 30.98 -2.93 27.58
CA LYS D 238 31.98 -1.86 27.47
C LYS D 238 33.08 -2.21 26.47
N GLN D 239 33.56 -3.45 26.52
CA GLN D 239 34.65 -3.91 25.64
C GLN D 239 34.20 -4.09 24.18
N THR D 240 32.93 -4.43 23.99
CA THR D 240 32.35 -4.58 22.65
C THR D 240 32.22 -3.20 21.98
N GLU D 241 31.82 -2.20 22.78
CA GLU D 241 31.74 -0.82 22.32
C GLU D 241 33.12 -0.33 21.88
N SER D 242 34.14 -0.59 22.72
CA SER D 242 35.52 -0.22 22.43
C SER D 242 36.09 -0.92 21.20
N HIS D 243 35.68 -2.17 21.00
CA HIS D 243 36.08 -2.96 19.83
C HIS D 243 35.53 -2.35 18.54
N ALA D 244 34.24 -1.99 18.57
CA ALA D 244 33.58 -1.38 17.42
C ALA D 244 34.10 0.03 17.12
N VAL D 245 34.34 0.81 18.17
CA VAL D 245 34.86 2.17 18.05
C VAL D 245 36.26 2.17 17.40
N LYS D 246 37.08 1.19 17.77
CA LYS D 246 38.40 1.02 17.19
C LYS D 246 38.33 0.72 15.68
N ILE D 247 37.30 -0.03 15.28
CA ILE D 247 37.10 -0.39 13.88
C ILE D 247 36.66 0.81 13.04
N VAL D 248 35.69 1.58 13.54
CA VAL D 248 35.13 2.72 12.81
C VAL D 248 36.14 3.86 12.63
N VAL D 249 37.07 4.01 13.58
CA VAL D 249 38.13 5.00 13.49
C VAL D 249 39.18 4.54 12.46
N GLU D 250 39.54 3.25 12.53
CA GLU D 250 40.47 2.65 11.57
C GLU D 250 39.93 2.68 10.14
N ALA D 251 38.61 2.51 10.01
CA ALA D 251 37.94 2.60 8.71
C ALA D 251 37.93 4.04 8.19
N ALA D 252 37.76 5.00 9.10
CA ALA D 252 37.77 6.42 8.76
C ALA D 252 39.12 6.88 8.21
N ARG D 253 40.20 6.24 8.70
CA ARG D 253 41.56 6.51 8.24
C ARG D 253 41.73 6.19 6.75
N ARG D 254 41.09 5.11 6.32
CA ARG D 254 41.18 4.64 4.93
C ARG D 254 40.39 5.50 3.95
N LEU D 255 39.36 6.18 4.45
CA LEU D 255 38.42 6.91 3.60
C LEU D 255 38.78 8.38 3.36
N LEU D 256 39.65 8.93 4.21
CA LEU D 256 40.03 10.35 4.11
C LEU D 256 40.95 10.60 2.91
N LYS E 6 15.99 -38.30 -16.61
CA LYS E 6 16.52 -37.30 -17.59
C LYS E 6 16.69 -35.92 -16.96
N SER E 7 15.77 -35.55 -16.07
CA SER E 7 15.79 -34.23 -15.43
C SER E 7 15.35 -34.28 -13.97
N ASP E 8 16.10 -33.59 -13.11
CA ASP E 8 15.77 -33.46 -11.70
C ASP E 8 14.92 -32.23 -11.43
N VAL E 9 14.81 -31.36 -12.44
CA VAL E 9 14.09 -30.09 -12.31
C VAL E 9 13.00 -29.94 -13.38
N PHE E 10 12.07 -29.02 -13.13
CA PHE E 10 10.87 -28.86 -13.96
C PHE E 10 11.11 -28.19 -15.32
N HIS E 11 12.10 -27.31 -15.40
CA HIS E 11 12.28 -26.48 -16.59
C HIS E 11 13.63 -26.58 -17.29
N LEU E 12 14.71 -26.68 -16.52
CA LEU E 12 16.06 -26.56 -17.07
C LEU E 12 16.52 -27.79 -17.86
N GLY E 13 15.97 -28.96 -17.53
CA GLY E 13 16.34 -30.20 -18.19
C GLY E 13 17.71 -30.69 -17.79
N LEU E 14 18.02 -30.57 -16.50
CA LEU E 14 19.33 -30.95 -15.97
C LEU E 14 19.21 -31.88 -14.76
N THR E 15 20.21 -32.74 -14.59
CA THR E 15 20.36 -33.53 -13.37
C THR E 15 21.52 -32.97 -12.55
N LYS E 16 21.64 -33.42 -11.30
CA LYS E 16 22.76 -33.04 -10.43
C LYS E 16 24.10 -33.47 -11.03
N ASN E 17 24.10 -34.64 -11.66
CA ASN E 17 25.30 -35.19 -12.30
C ASN E 17 25.84 -34.34 -13.44
N ASP E 18 24.94 -33.72 -14.20
CA ASP E 18 25.29 -32.81 -15.29
C ASP E 18 26.22 -31.70 -14.83
N LEU E 19 26.01 -31.23 -13.60
CA LEU E 19 26.76 -30.11 -13.03
C LEU E 19 28.17 -30.50 -12.61
N GLN E 20 28.37 -31.78 -12.30
CA GLN E 20 29.66 -32.33 -11.90
C GLN E 20 30.26 -31.64 -10.66
N GLY E 21 29.39 -31.21 -9.75
CA GLY E 21 29.80 -30.57 -8.52
C GLY E 21 29.97 -29.06 -8.59
N ALA E 22 29.44 -28.44 -9.65
CA ALA E 22 29.51 -26.99 -9.82
C ALA E 22 28.68 -26.27 -8.76
N THR E 23 29.23 -25.19 -8.21
CA THR E 23 28.55 -24.37 -7.21
C THR E 23 28.38 -22.92 -7.66
N LEU E 24 28.99 -22.59 -8.81
CA LEU E 24 28.91 -21.25 -9.36
C LEU E 24 28.26 -21.26 -10.74
N ALA E 25 27.41 -20.27 -11.00
CA ALA E 25 26.77 -20.12 -12.30
C ALA E 25 26.81 -18.67 -12.78
N ILE E 26 27.23 -18.48 -14.03
CA ILE E 26 27.11 -17.21 -14.72
C ILE E 26 25.75 -17.22 -15.42
N VAL E 27 24.93 -16.20 -15.16
CA VAL E 27 23.57 -16.17 -15.68
C VAL E 27 23.26 -14.94 -16.55
N PRO E 28 23.46 -15.07 -17.86
CA PRO E 28 23.04 -14.02 -18.81
C PRO E 28 21.55 -14.09 -19.10
N GLY E 29 21.01 -13.04 -19.69
CA GLY E 29 19.61 -13.00 -20.07
C GLY E 29 19.37 -13.65 -21.41
N ASP E 30 20.28 -13.42 -22.35
CA ASP E 30 20.19 -13.95 -23.71
C ASP E 30 20.70 -15.38 -23.78
N PRO E 31 19.84 -16.32 -24.20
CA PRO E 31 20.24 -17.71 -24.46
C PRO E 31 21.41 -17.85 -25.45
N ASP E 32 21.58 -16.88 -26.33
CA ASP E 32 22.66 -16.90 -27.33
C ASP E 32 24.00 -16.46 -26.74
N ARG E 33 23.96 -15.85 -25.56
CA ARG E 33 25.17 -15.42 -24.86
C ARG E 33 25.84 -16.57 -24.11
N VAL E 34 25.12 -17.68 -23.94
CA VAL E 34 25.58 -18.82 -23.15
C VAL E 34 26.84 -19.48 -23.71
N GLU E 35 26.79 -19.86 -25.00
CA GLU E 35 27.94 -20.47 -25.66
C GLU E 35 29.14 -19.51 -25.71
N LYS E 36 28.85 -18.23 -25.94
CA LYS E 36 29.89 -17.20 -26.02
C LYS E 36 30.68 -17.06 -24.72
N ILE E 37 29.97 -17.12 -23.58
CA ILE E 37 30.59 -17.06 -22.27
C ILE E 37 31.38 -18.33 -21.97
N ALA E 38 30.76 -19.48 -22.20
CA ALA E 38 31.38 -20.79 -21.96
C ALA E 38 32.64 -21.02 -22.81
N ALA E 39 32.69 -20.38 -23.98
CA ALA E 39 33.82 -20.50 -24.89
C ALA E 39 35.09 -19.82 -24.37
N LEU E 40 34.91 -18.88 -23.44
CA LEU E 40 36.05 -18.19 -22.82
C LEU E 40 36.74 -19.03 -21.74
N MET E 41 36.10 -20.14 -21.39
CA MET E 41 36.62 -21.04 -20.36
C MET E 41 37.08 -22.37 -20.95
N ASP E 42 37.53 -23.29 -20.08
CA ASP E 42 38.07 -24.57 -20.51
C ASP E 42 37.00 -25.63 -20.68
N LYS E 43 37.22 -26.54 -21.64
CA LYS E 43 36.32 -27.67 -21.92
C LYS E 43 34.84 -27.30 -21.92
N PRO E 44 34.39 -26.50 -22.88
CA PRO E 44 32.99 -26.11 -22.97
C PRO E 44 32.11 -27.23 -23.53
N VAL E 45 30.97 -27.48 -22.88
CA VAL E 45 30.06 -28.56 -23.26
C VAL E 45 28.60 -28.10 -23.11
N LYS E 46 27.81 -28.34 -24.15
CA LYS E 46 26.37 -28.07 -24.12
C LYS E 46 25.67 -29.07 -23.20
N LEU E 47 24.84 -28.56 -22.29
CA LEU E 47 24.09 -29.40 -21.37
C LEU E 47 22.63 -29.59 -21.78
N ALA E 48 21.93 -28.48 -21.99
CA ALA E 48 20.51 -28.51 -22.35
C ALA E 48 20.03 -27.19 -22.95
N SER E 49 18.91 -27.25 -23.66
CA SER E 49 18.19 -26.06 -24.11
C SER E 49 16.69 -26.33 -24.12
N HIS E 50 15.98 -25.65 -23.22
CA HIS E 50 14.53 -25.75 -23.11
C HIS E 50 13.94 -24.37 -22.86
N ARG E 51 12.99 -23.99 -23.70
CA ARG E 51 12.43 -22.63 -23.68
C ARG E 51 13.56 -21.61 -23.79
N GLU E 52 13.56 -20.60 -22.90
CA GLU E 52 14.60 -19.57 -22.88
C GLU E 52 15.81 -19.97 -22.03
N PHE E 53 15.84 -21.22 -21.57
CA PHE E 53 16.91 -21.71 -20.71
C PHE E 53 17.91 -22.59 -21.46
N THR E 54 19.04 -21.98 -21.83
CA THR E 54 20.15 -22.70 -22.43
C THR E 54 21.26 -22.83 -21.41
N THR E 55 21.71 -24.06 -21.18
CA THR E 55 22.75 -24.33 -20.18
C THR E 55 23.99 -24.97 -20.81
N TRP E 56 25.15 -24.42 -20.45
CA TRP E 56 26.44 -24.99 -20.82
C TRP E 56 27.29 -25.19 -19.57
N ARG E 57 28.14 -26.20 -19.61
CA ARG E 57 29.12 -26.45 -18.55
C ARG E 57 30.53 -26.25 -19.09
N ALA E 58 31.39 -25.66 -18.26
CA ALA E 58 32.79 -25.44 -18.61
C ALA E 58 33.68 -25.55 -17.36
N GLU E 59 34.96 -25.31 -17.55
CA GLU E 59 35.93 -25.40 -16.45
C GLU E 59 36.68 -24.09 -16.26
N LEU E 60 36.94 -23.75 -15.00
CA LEU E 60 37.67 -22.54 -14.65
C LEU E 60 38.66 -22.86 -13.53
N ASP E 61 39.95 -22.83 -13.87
CA ASP E 61 41.04 -23.20 -12.96
C ASP E 61 40.88 -24.60 -12.37
N GLY E 62 40.36 -25.53 -13.19
CA GLY E 62 40.16 -26.91 -12.78
C GLY E 62 38.84 -27.19 -12.10
N LYS E 63 38.00 -26.17 -11.97
CA LYS E 63 36.71 -26.30 -11.29
C LYS E 63 35.53 -26.11 -12.25
N PRO E 64 34.56 -27.02 -12.19
CA PRO E 64 33.36 -26.93 -13.04
C PRO E 64 32.51 -25.69 -12.75
N VAL E 65 32.10 -24.99 -13.82
CA VAL E 65 31.29 -23.78 -13.72
C VAL E 65 30.12 -23.88 -14.71
N ILE E 66 28.96 -23.41 -14.29
CA ILE E 66 27.75 -23.42 -15.11
C ILE E 66 27.49 -22.07 -15.78
N VAL E 67 27.01 -22.11 -17.02
CA VAL E 67 26.49 -20.92 -17.69
C VAL E 67 25.05 -21.22 -18.10
N CYS E 68 24.11 -20.42 -17.60
CA CYS E 68 22.68 -20.67 -17.84
C CYS E 68 21.89 -19.38 -18.10
N SER E 69 21.15 -19.36 -19.20
CA SER E 69 20.33 -18.19 -19.54
C SER E 69 19.06 -18.12 -18.70
N THR E 70 18.66 -16.88 -18.38
CA THR E 70 17.47 -16.64 -17.57
C THR E 70 16.27 -16.23 -18.43
N GLY E 71 16.56 -15.63 -19.58
CA GLY E 71 15.53 -14.94 -20.35
C GLY E 71 15.32 -13.55 -19.77
N ILE E 72 14.43 -12.77 -20.39
CA ILE E 72 14.15 -11.42 -19.93
C ILE E 72 13.14 -11.45 -18.78
N GLY E 73 13.48 -10.78 -17.68
CA GLY E 73 12.55 -10.55 -16.59
C GLY E 73 12.70 -11.46 -15.39
N GLY E 74 12.17 -10.99 -14.26
CA GLY E 74 12.21 -11.72 -13.00
C GLY E 74 11.56 -13.10 -12.96
N PRO E 75 10.39 -13.28 -13.58
CA PRO E 75 9.72 -14.58 -13.59
C PRO E 75 10.56 -15.75 -14.11
N SER E 76 11.14 -15.66 -15.30
CA SER E 76 11.96 -16.75 -15.80
C SER E 76 13.30 -16.83 -15.07
N THR E 77 13.80 -15.68 -14.59
CA THR E 77 14.98 -15.63 -13.76
C THR E 77 14.75 -16.43 -12.48
N SER E 78 13.61 -16.22 -11.85
CA SER E 78 13.26 -16.89 -10.59
C SER E 78 13.21 -18.41 -10.74
N ILE E 79 12.74 -18.88 -11.90
CA ILE E 79 12.71 -20.31 -12.21
C ILE E 79 14.12 -20.88 -12.36
N ALA E 80 14.94 -20.23 -13.19
CA ALA E 80 16.30 -20.66 -13.47
C ALA E 80 17.15 -20.73 -12.19
N VAL E 81 17.10 -19.66 -11.40
CA VAL E 81 17.89 -19.55 -10.17
C VAL E 81 17.47 -20.60 -9.13
N GLU E 82 16.17 -20.78 -8.98
CA GLU E 82 15.63 -21.77 -8.04
C GLU E 82 16.06 -23.19 -8.41
N GLU E 83 15.96 -23.52 -9.69
CA GLU E 83 16.25 -24.87 -10.16
C GLU E 83 17.76 -25.15 -10.19
N LEU E 84 18.56 -24.11 -10.44
CA LEU E 84 20.02 -24.19 -10.33
C LEU E 84 20.42 -24.40 -8.86
N ALA E 85 19.72 -23.72 -7.95
CA ALA E 85 19.95 -23.87 -6.52
C ALA E 85 19.63 -25.29 -6.05
N GLN E 86 18.58 -25.87 -6.60
CA GLN E 86 18.19 -27.25 -6.31
C GLN E 86 19.28 -28.23 -6.75
N LEU E 87 19.96 -27.90 -7.85
CA LEU E 87 21.00 -28.75 -8.43
C LEU E 87 22.38 -28.51 -7.81
N GLY E 88 22.48 -27.49 -6.95
CA GLY E 88 23.69 -27.28 -6.16
C GLY E 88 24.40 -25.94 -6.34
N ILE E 89 23.84 -25.03 -7.13
CA ILE E 89 24.46 -23.72 -7.32
C ILE E 89 24.22 -22.82 -6.11
N ARG E 90 25.30 -22.20 -5.62
CA ARG E 90 25.25 -21.32 -4.46
C ARG E 90 25.67 -19.89 -4.77
N THR E 91 26.39 -19.72 -5.88
CA THR E 91 26.85 -18.41 -6.32
C THR E 91 26.38 -18.09 -7.74
N PHE E 92 25.73 -16.93 -7.89
CA PHE E 92 25.14 -16.51 -9.15
C PHE E 92 25.70 -15.17 -9.60
N LEU E 93 26.32 -15.15 -10.78
CA LEU E 93 26.84 -13.91 -11.35
C LEU E 93 26.10 -13.53 -12.62
N ARG E 94 25.33 -12.44 -12.56
CA ARG E 94 24.62 -11.95 -13.73
C ARG E 94 25.44 -10.98 -14.56
N ILE E 95 25.52 -11.26 -15.86
CA ILE E 95 26.05 -10.34 -16.83
C ILE E 95 24.94 -9.99 -17.82
N GLY E 96 24.72 -8.70 -18.05
CA GLY E 96 23.64 -8.26 -18.90
C GLY E 96 23.93 -7.02 -19.72
N THR E 97 22.89 -6.54 -20.42
CA THR E 97 22.94 -5.27 -21.14
C THR E 97 22.16 -4.24 -20.32
N THR E 98 22.46 -2.97 -20.53
CA THR E 98 21.78 -1.90 -19.79
C THR E 98 21.75 -0.55 -20.51
N GLY E 99 20.77 0.26 -20.16
CA GLY E 99 20.68 1.64 -20.63
C GLY E 99 20.94 2.58 -19.47
N ALA E 100 22.00 3.36 -19.58
CA ALA E 100 22.39 4.29 -18.52
C ALA E 100 21.51 5.54 -18.52
N ILE E 101 21.26 6.08 -17.33
CA ILE E 101 20.42 7.28 -17.20
C ILE E 101 21.16 8.51 -16.65
N GLN E 102 22.44 8.34 -16.36
CA GLN E 102 23.30 9.44 -15.92
C GLN E 102 24.17 9.94 -17.07
N PRO E 103 24.31 11.27 -17.19
CA PRO E 103 25.11 11.88 -18.27
C PRO E 103 26.61 11.53 -18.23
N HIS E 104 27.16 11.27 -17.05
CA HIS E 104 28.59 11.00 -16.91
C HIS E 104 28.99 9.56 -17.24
N ILE E 105 27.99 8.70 -17.41
CA ILE E 105 28.23 7.31 -17.81
C ILE E 105 28.10 7.19 -19.34
N ASN E 106 29.15 6.66 -19.98
CA ASN E 106 29.19 6.56 -21.44
C ASN E 106 28.88 5.15 -21.94
N VAL E 107 28.50 5.06 -23.22
CA VAL E 107 28.32 3.78 -23.90
C VAL E 107 29.67 3.04 -23.90
N GLY E 108 29.64 1.77 -23.51
CA GLY E 108 30.85 0.98 -23.41
C GLY E 108 31.34 0.81 -21.99
N ASP E 109 30.84 1.65 -21.09
CA ASP E 109 31.19 1.56 -19.67
C ASP E 109 30.60 0.32 -19.03
N VAL E 110 31.25 -0.13 -17.96
CA VAL E 110 30.78 -1.29 -17.21
C VAL E 110 30.21 -0.85 -15.85
N LEU E 111 29.05 -1.39 -15.50
CA LEU E 111 28.39 -1.05 -14.24
C LEU E 111 28.27 -2.26 -13.32
N VAL E 112 28.72 -2.10 -12.09
CA VAL E 112 28.57 -3.11 -11.04
C VAL E 112 27.52 -2.63 -10.05
N THR E 113 26.50 -3.45 -9.84
CA THR E 113 25.35 -3.10 -9.02
C THR E 113 25.53 -3.55 -7.57
N THR E 114 25.47 -2.59 -6.65
CA THR E 114 25.50 -2.88 -5.22
C THR E 114 24.14 -3.35 -4.74
N ALA E 115 23.10 -2.69 -5.26
CA ALA E 115 21.72 -2.97 -4.89
C ALA E 115 20.78 -2.38 -5.93
N SER E 116 19.54 -2.86 -5.96
CA SER E 116 18.60 -2.45 -7.00
C SER E 116 17.30 -1.84 -6.47
N VAL E 117 16.79 -0.86 -7.20
CA VAL E 117 15.45 -0.34 -7.00
C VAL E 117 14.48 -1.40 -7.51
N ARG E 118 13.53 -1.80 -6.66
CA ARG E 118 12.65 -2.92 -6.95
C ARG E 118 11.38 -2.47 -7.70
N LEU E 119 11.50 -2.38 -9.03
CA LEU E 119 10.35 -2.06 -9.88
C LEU E 119 9.84 -3.33 -10.56
N ASP E 120 9.94 -4.44 -9.84
CA ASP E 120 9.56 -5.74 -10.34
C ASP E 120 8.49 -6.38 -9.46
N GLY E 121 7.96 -7.52 -9.89
CA GLY E 121 6.97 -8.25 -9.11
C GLY E 121 7.54 -9.46 -8.38
N ALA E 122 8.45 -10.17 -9.04
CA ALA E 122 8.95 -11.44 -8.52
C ALA E 122 9.70 -11.34 -7.19
N SER E 123 10.40 -10.23 -6.96
CA SER E 123 11.14 -10.02 -5.71
C SER E 123 10.21 -10.09 -4.48
N LEU E 124 9.00 -9.56 -4.64
CA LEU E 124 7.98 -9.57 -3.58
C LEU E 124 7.54 -10.97 -3.19
N HIS E 125 7.78 -11.94 -4.07
CA HIS E 125 7.41 -13.34 -3.82
C HIS E 125 8.45 -14.04 -2.94
N PHE E 126 9.53 -13.33 -2.62
CA PHE E 126 10.60 -13.87 -1.76
C PHE E 126 10.79 -13.04 -0.50
N ALA E 127 10.53 -11.74 -0.61
CA ALA E 127 10.71 -10.81 0.51
C ALA E 127 9.85 -9.56 0.30
N PRO E 128 9.31 -9.00 1.38
CA PRO E 128 8.53 -7.75 1.29
C PRO E 128 9.38 -6.58 0.79
N LEU E 129 8.74 -5.56 0.24
CA LEU E 129 9.42 -4.45 -0.44
C LEU E 129 10.53 -3.77 0.39
N GLU E 130 10.36 -3.76 1.71
CA GLU E 130 11.33 -3.13 2.62
C GLU E 130 12.67 -3.83 2.68
N PHE E 131 12.69 -5.11 2.30
CA PHE E 131 13.94 -5.87 2.21
C PHE E 131 14.78 -5.36 1.03
N PRO E 132 16.06 -5.09 1.28
CA PRO E 132 16.94 -4.54 0.24
C PRO E 132 17.34 -5.57 -0.81
N ALA E 133 17.19 -5.20 -2.08
CA ALA E 133 17.67 -6.02 -3.19
C ALA E 133 19.18 -5.81 -3.34
N VAL E 134 19.92 -6.28 -2.34
CA VAL E 134 21.35 -6.02 -2.25
C VAL E 134 22.19 -7.19 -2.78
N ALA E 135 23.29 -6.86 -3.45
CA ALA E 135 24.23 -7.85 -3.95
C ALA E 135 25.15 -8.33 -2.83
N ASP E 136 25.67 -9.54 -3.00
CA ASP E 136 26.62 -10.13 -2.06
C ASP E 136 27.94 -9.34 -2.08
N PHE E 137 28.48 -9.08 -0.90
CA PHE E 137 29.71 -8.28 -0.75
C PHE E 137 30.93 -8.88 -1.47
N GLU E 138 31.11 -10.20 -1.34
CA GLU E 138 32.23 -10.89 -1.96
C GLU E 138 32.11 -10.90 -3.48
N CYS E 139 30.88 -11.02 -3.98
CA CYS E 139 30.61 -11.00 -5.41
C CYS E 139 30.83 -9.61 -6.02
N THR E 140 30.34 -8.58 -5.32
CA THR E 140 30.52 -7.20 -5.74
C THR E 140 32.00 -6.80 -5.76
N THR E 141 32.73 -7.21 -4.72
CA THR E 141 34.17 -6.98 -4.63
C THR E 141 34.90 -7.60 -5.82
N ALA E 142 34.59 -8.87 -6.10
CA ALA E 142 35.22 -9.62 -7.18
C ALA E 142 34.99 -8.98 -8.55
N LEU E 143 33.78 -8.44 -8.76
CA LEU E 143 33.43 -7.79 -10.02
C LEU E 143 34.17 -6.46 -10.20
N VAL E 144 34.20 -5.65 -9.13
CA VAL E 144 34.93 -4.38 -9.13
C VAL E 144 36.43 -4.61 -9.36
N GLU E 145 36.98 -5.62 -8.70
CA GLU E 145 38.39 -5.98 -8.84
C GLU E 145 38.71 -6.51 -10.23
N ALA E 146 37.79 -7.30 -10.80
CA ALA E 146 37.95 -7.86 -12.15
C ALA E 146 37.91 -6.78 -13.22
N ALA E 147 37.03 -5.80 -13.03
CA ALA E 147 36.88 -4.68 -13.96
C ALA E 147 38.14 -3.81 -14.00
N LYS E 148 38.74 -3.58 -12.83
CA LYS E 148 39.98 -2.82 -12.71
C LYS E 148 41.17 -3.62 -13.27
N SER E 149 41.07 -4.95 -13.20
CA SER E 149 42.12 -5.84 -13.69
C SER E 149 42.25 -5.82 -15.21
N ILE E 150 41.12 -5.76 -15.92
CA ILE E 150 41.13 -5.75 -17.38
C ILE E 150 41.27 -4.34 -17.97
N GLY E 151 40.86 -3.33 -17.22
CA GLY E 151 41.03 -1.94 -17.61
C GLY E 151 39.83 -1.34 -18.30
N ALA E 152 38.73 -1.23 -17.57
CA ALA E 152 37.49 -0.64 -18.10
C ALA E 152 37.00 0.51 -17.23
N THR E 153 36.20 1.39 -17.83
CA THR E 153 35.56 2.48 -17.09
C THR E 153 34.39 1.92 -16.30
N THR E 154 34.52 1.93 -14.98
CA THR E 154 33.57 1.28 -14.08
C THR E 154 32.81 2.29 -13.21
N HIS E 155 31.52 2.03 -13.02
CA HIS E 155 30.71 2.79 -12.07
C HIS E 155 30.01 1.82 -11.13
N VAL E 156 30.04 2.15 -9.84
CA VAL E 156 29.47 1.30 -8.80
C VAL E 156 28.32 2.04 -8.12
N GLY E 157 27.18 1.37 -7.98
CA GLY E 157 26.03 1.96 -7.32
C GLY E 157 24.70 1.27 -7.59
N VAL E 158 23.64 2.06 -7.53
CA VAL E 158 22.27 1.56 -7.57
C VAL E 158 21.74 1.42 -9.00
N THR E 159 20.99 0.35 -9.24
CA THR E 159 20.36 0.07 -10.52
C THR E 159 18.84 0.01 -10.37
N ALA E 160 18.12 0.61 -11.32
CA ALA E 160 16.67 0.50 -11.36
C ALA E 160 16.27 -0.74 -12.16
N SER E 161 15.60 -1.68 -11.49
CA SER E 161 15.26 -2.98 -12.10
C SER E 161 13.76 -3.10 -12.36
N SER E 162 13.40 -3.04 -13.65
CA SER E 162 12.01 -2.89 -14.08
C SER E 162 11.43 -4.15 -14.72
N ASP E 163 10.17 -4.43 -14.40
CA ASP E 163 9.42 -5.55 -14.97
C ASP E 163 9.00 -5.25 -16.41
N THR E 164 9.39 -4.08 -16.90
CA THR E 164 8.95 -3.62 -18.19
C THR E 164 10.09 -2.87 -18.89
N PHE E 165 10.19 -3.03 -20.20
CA PHE E 165 11.20 -2.33 -20.98
C PHE E 165 10.76 -0.90 -21.30
N TYR E 166 9.46 -0.71 -21.51
CA TYR E 166 8.96 0.58 -21.99
C TYR E 166 8.45 1.53 -20.88
N PRO E 167 7.19 1.40 -20.41
CA PRO E 167 6.64 2.39 -19.44
C PRO E 167 7.40 2.49 -18.12
N GLY E 168 7.86 1.37 -17.57
CA GLY E 168 8.59 1.36 -16.30
C GLY E 168 9.99 1.94 -16.40
N GLN E 169 10.47 2.10 -17.62
CA GLN E 169 11.74 2.79 -17.89
C GLN E 169 11.44 4.16 -18.52
N GLU E 170 10.18 4.58 -18.39
CA GLU E 170 9.65 5.84 -18.93
C GLU E 170 9.97 6.10 -20.40
N ARG E 171 9.71 5.10 -21.24
CA ARG E 171 9.78 5.25 -22.68
C ARG E 171 8.40 5.68 -23.20
N TYR E 172 8.38 6.72 -24.03
CA TYR E 172 7.14 7.25 -24.59
C TYR E 172 6.98 6.90 -26.07
N ASP E 173 8.06 6.39 -26.67
CA ASP E 173 8.07 5.99 -28.08
C ASP E 173 7.37 4.64 -28.28
N THR E 174 6.09 4.59 -27.95
CA THR E 174 5.32 3.34 -27.89
C THR E 174 4.01 3.44 -28.65
N TYR E 175 3.29 2.31 -28.71
CA TYR E 175 1.96 2.26 -29.33
C TYR E 175 0.99 3.25 -28.69
N SER E 176 0.93 3.26 -27.36
CA SER E 176 0.03 4.17 -26.65
C SER E 176 0.59 5.59 -26.56
N GLY E 177 1.90 5.70 -26.36
CA GLY E 177 2.56 6.98 -26.16
C GLY E 177 2.28 7.56 -24.79
N ARG E 178 1.75 6.73 -23.89
CA ARG E 178 1.42 7.15 -22.53
C ARG E 178 2.17 6.32 -21.49
N VAL E 179 2.35 6.91 -20.32
CA VAL E 179 2.94 6.21 -19.17
C VAL E 179 2.00 6.38 -17.99
N VAL E 180 1.71 5.27 -17.31
CA VAL E 180 0.85 5.26 -16.12
C VAL E 180 1.38 6.24 -15.05
N ARG E 181 0.45 6.87 -14.33
CA ARG E 181 0.78 7.90 -13.34
C ARG E 181 1.97 7.54 -12.43
N HIS E 182 1.99 6.31 -11.93
CA HIS E 182 3.04 5.86 -11.01
C HIS E 182 4.44 6.07 -11.58
N PHE E 183 4.60 5.82 -12.87
CA PHE E 183 5.92 5.91 -13.51
C PHE E 183 6.15 7.22 -14.27
N LYS E 184 5.15 8.09 -14.28
CA LYS E 184 5.27 9.41 -14.88
C LYS E 184 6.26 10.26 -14.08
N GLY E 185 7.32 10.70 -14.77
CA GLY E 185 8.38 11.47 -14.14
C GLY E 185 9.30 10.65 -13.25
N SER E 186 9.25 9.32 -13.37
CA SER E 186 10.02 8.42 -12.53
C SER E 186 11.52 8.40 -12.86
N MET E 187 11.86 8.50 -14.14
CA MET E 187 13.25 8.51 -14.57
C MET E 187 14.02 9.68 -13.96
N GLU E 188 13.42 10.87 -14.00
CA GLU E 188 14.00 12.06 -13.40
C GLU E 188 14.22 11.91 -11.89
N GLU E 189 13.29 11.23 -11.22
CA GLU E 189 13.41 10.93 -9.80
C GLU E 189 14.62 10.04 -9.53
N TRP E 190 14.73 8.94 -10.29
CA TRP E 190 15.85 8.01 -10.16
C TRP E 190 17.19 8.69 -10.46
N GLN E 191 17.21 9.53 -11.50
CA GLN E 191 18.39 10.29 -11.89
C GLN E 191 18.91 11.18 -10.76
N ALA E 192 17.99 11.89 -10.12
CA ALA E 192 18.32 12.77 -9.00
C ALA E 192 18.75 11.99 -7.76
N MET E 193 18.33 10.72 -7.68
CA MET E 193 18.70 9.84 -6.57
C MET E 193 20.01 9.08 -6.80
N GLY E 194 20.66 9.34 -7.94
CA GLY E 194 21.95 8.76 -8.24
C GLY E 194 21.91 7.37 -8.86
N VAL E 195 20.72 6.94 -9.27
CA VAL E 195 20.55 5.66 -9.96
C VAL E 195 21.27 5.70 -11.31
N MET E 196 22.06 4.67 -11.59
CA MET E 196 22.92 4.66 -12.77
C MET E 196 22.19 4.28 -14.06
N ASN E 197 21.27 3.32 -13.97
CA ASN E 197 20.80 2.61 -15.15
C ASN E 197 19.51 1.81 -14.95
N TYR E 198 18.96 1.35 -16.07
CA TYR E 198 17.81 0.46 -16.09
C TYR E 198 18.20 -0.91 -16.60
N GLU E 199 17.73 -1.96 -15.92
CA GLU E 199 17.70 -3.31 -16.50
C GLU E 199 16.51 -4.08 -15.93
N MET E 200 16.42 -5.38 -16.21
CA MET E 200 15.15 -6.07 -16.01
C MET E 200 15.15 -7.33 -15.13
N GLU E 201 16.28 -7.67 -14.51
CA GLU E 201 16.38 -8.94 -13.76
C GLU E 201 17.03 -8.84 -12.38
N SER E 202 17.78 -7.76 -12.13
CA SER E 202 18.61 -7.68 -10.91
C SER E 202 17.83 -7.65 -9.59
N ALA E 203 16.71 -6.92 -9.56
CA ALA E 203 15.89 -6.85 -8.35
C ALA E 203 15.43 -8.23 -7.91
N THR E 204 14.96 -9.04 -8.86
CA THR E 204 14.53 -10.41 -8.59
C THR E 204 15.69 -11.27 -8.14
N LEU E 205 16.77 -11.30 -8.93
CA LEU E 205 17.95 -12.11 -8.61
C LEU E 205 18.55 -11.77 -7.26
N LEU E 206 18.78 -10.48 -7.01
CA LEU E 206 19.45 -10.05 -5.78
C LEU E 206 18.59 -10.27 -4.54
N THR E 207 17.29 -10.02 -4.65
CA THR E 207 16.36 -10.23 -3.54
C THR E 207 16.21 -11.71 -3.20
N MET E 208 16.00 -12.54 -4.21
CA MET E 208 15.79 -13.97 -3.99
C MET E 208 17.06 -14.68 -3.47
N CYS E 209 18.23 -14.18 -3.84
CA CYS E 209 19.48 -14.76 -3.38
C CYS E 209 19.83 -14.29 -1.97
N ALA E 210 19.70 -12.98 -1.72
CA ALA E 210 20.05 -12.39 -0.43
C ALA E 210 19.12 -12.83 0.71
N SER E 211 17.91 -13.26 0.36
CA SER E 211 16.94 -13.72 1.35
C SER E 211 16.89 -15.26 1.47
N GLN E 212 17.77 -15.94 0.74
CA GLN E 212 17.80 -17.41 0.74
C GLN E 212 19.18 -18.01 0.97
N GLY E 213 20.14 -17.16 1.37
CA GLY E 213 21.49 -17.61 1.67
C GLY E 213 22.32 -17.95 0.45
N LEU E 214 22.00 -17.34 -0.69
CA LEU E 214 22.76 -17.53 -1.92
C LEU E 214 23.52 -16.24 -2.26
N ARG E 215 24.73 -16.39 -2.77
CA ARG E 215 25.55 -15.25 -3.18
C ARG E 215 25.22 -14.81 -4.60
N ALA E 216 24.97 -13.52 -4.78
CA ALA E 216 24.68 -12.97 -6.11
C ALA E 216 25.45 -11.67 -6.39
N GLY E 217 25.96 -11.56 -7.60
CA GLY E 217 26.59 -10.35 -8.10
C GLY E 217 25.97 -9.93 -9.42
N MET E 218 26.10 -8.65 -9.75
CA MET E 218 25.49 -8.10 -10.96
C MET E 218 26.43 -7.15 -11.70
N VAL E 219 26.68 -7.45 -12.97
CA VAL E 219 27.51 -6.61 -13.84
C VAL E 219 26.83 -6.43 -15.20
N ALA E 220 27.03 -5.27 -15.82
CA ALA E 220 26.39 -4.97 -17.10
C ALA E 220 27.21 -4.02 -17.96
N GLY E 221 27.11 -4.19 -19.27
CA GLY E 221 27.75 -3.29 -20.23
C GLY E 221 26.75 -2.30 -20.79
N VAL E 222 27.11 -1.02 -20.73
CA VAL E 222 26.25 0.06 -21.22
C VAL E 222 26.27 0.13 -22.74
N ILE E 223 25.10 -0.07 -23.36
CA ILE E 223 25.01 0.00 -24.82
C ILE E 223 24.20 1.22 -25.28
N VAL E 224 23.52 1.88 -24.36
CA VAL E 224 22.76 3.09 -24.64
C VAL E 224 22.78 4.04 -23.44
N ASN E 225 22.88 5.34 -23.71
CA ASN E 225 22.63 6.36 -22.69
C ASN E 225 21.34 7.11 -23.00
N ARG E 226 20.39 7.06 -22.07
CA ARG E 226 19.06 7.63 -22.27
C ARG E 226 19.04 9.15 -22.40
N THR E 227 20.05 9.82 -21.84
CA THR E 227 20.17 11.27 -21.95
C THR E 227 20.73 11.68 -23.32
N GLN E 228 21.39 10.73 -23.99
CA GLN E 228 21.92 10.93 -25.34
C GLN E 228 21.02 10.25 -26.37
N GLN E 229 21.60 9.42 -27.23
CA GLN E 229 20.89 8.72 -28.29
C GLN E 229 20.03 7.56 -27.77
N GLU E 230 19.13 7.06 -28.62
CA GLU E 230 18.30 5.89 -28.28
C GLU E 230 18.70 4.66 -29.12
N ILE E 231 19.16 4.90 -30.35
CA ILE E 231 19.58 3.84 -31.26
C ILE E 231 21.04 3.46 -31.03
N PRO E 232 21.29 2.23 -30.60
CA PRO E 232 22.66 1.75 -30.36
C PRO E 232 23.37 1.26 -31.62
N ASN E 233 24.69 1.25 -31.59
CA ASN E 233 25.50 0.73 -32.68
C ASN E 233 25.75 -0.77 -32.52
N ALA E 234 25.49 -1.52 -33.60
CA ALA E 234 25.58 -2.99 -33.58
C ALA E 234 27.00 -3.50 -33.29
N GLU E 235 28.00 -2.87 -33.91
CA GLU E 235 29.40 -3.22 -33.72
C GLU E 235 29.86 -2.91 -32.29
N THR E 236 29.39 -1.78 -31.75
CA THR E 236 29.71 -1.36 -30.38
C THR E 236 29.02 -2.25 -29.34
N MET E 237 27.83 -2.74 -29.69
CA MET E 237 27.04 -3.60 -28.80
C MET E 237 27.73 -4.92 -28.49
N LYS E 238 28.28 -5.56 -29.53
CA LYS E 238 28.97 -6.84 -29.39
C LYS E 238 30.31 -6.67 -28.65
N GLN E 239 30.98 -5.55 -28.89
CA GLN E 239 32.24 -5.22 -28.23
C GLN E 239 32.06 -4.94 -26.74
N THR E 240 30.98 -4.23 -26.40
CA THR E 240 30.63 -3.94 -25.01
C THR E 240 30.25 -5.21 -24.26
N GLU E 241 29.50 -6.08 -24.93
CA GLU E 241 29.14 -7.40 -24.41
C GLU E 241 30.39 -8.22 -24.13
N SER E 242 31.34 -8.20 -25.07
CA SER E 242 32.61 -8.92 -24.94
C SER E 242 33.45 -8.43 -23.75
N HIS E 243 33.42 -7.13 -23.51
CA HIS E 243 34.11 -6.52 -22.37
C HIS E 243 33.52 -7.00 -21.03
N ALA E 244 32.20 -6.95 -20.92
CA ALA E 244 31.49 -7.34 -19.70
C ALA E 244 31.57 -8.85 -19.44
N VAL E 245 31.58 -9.63 -20.52
CA VAL E 245 31.71 -11.09 -20.43
C VAL E 245 33.08 -11.48 -19.87
N LYS E 246 34.12 -10.75 -20.31
CA LYS E 246 35.48 -10.98 -19.81
C LYS E 246 35.57 -10.68 -18.31
N ILE E 247 34.89 -9.62 -17.85
CA ILE E 247 34.90 -9.22 -16.46
C ILE E 247 34.22 -10.25 -15.56
N VAL E 248 33.05 -10.75 -15.99
CA VAL E 248 32.27 -11.69 -15.20
C VAL E 248 32.95 -13.06 -15.03
N VAL E 249 33.69 -13.48 -16.05
CA VAL E 249 34.45 -14.73 -16.01
C VAL E 249 35.65 -14.57 -15.08
N GLU E 250 36.29 -13.40 -15.15
CA GLU E 250 37.41 -13.04 -14.27
C GLU E 250 36.97 -12.93 -12.81
N ALA E 251 35.78 -12.40 -12.60
CA ALA E 251 35.20 -12.29 -11.26
C ALA E 251 34.86 -13.67 -10.70
N ALA E 252 34.39 -14.56 -11.57
CA ALA E 252 34.09 -15.94 -11.21
C ALA E 252 35.35 -16.69 -10.75
N ARG E 253 36.48 -16.37 -11.37
CA ARG E 253 37.78 -16.93 -10.99
C ARG E 253 38.11 -16.66 -9.53
N ARG E 254 37.78 -15.44 -9.08
CA ARG E 254 38.10 -14.98 -7.73
C ARG E 254 37.14 -15.54 -6.67
N LEU E 255 36.01 -16.09 -7.11
CA LEU E 255 34.97 -16.55 -6.20
C LEU E 255 34.92 -18.07 -6.04
N LEU E 256 35.74 -18.78 -6.82
CA LEU E 256 35.77 -20.24 -6.78
C LEU E 256 36.41 -20.77 -5.49
N SER F 7 14.76 -4.28 -39.15
CA SER F 7 13.69 -4.42 -38.11
C SER F 7 13.09 -3.07 -37.73
N ASP F 8 11.77 -3.07 -37.52
CA ASP F 8 11.04 -1.87 -37.09
C ASP F 8 10.98 -1.77 -35.58
N VAL F 9 11.32 -2.87 -34.90
CA VAL F 9 11.21 -2.96 -33.44
C VAL F 9 12.52 -3.38 -32.77
N PHE F 10 12.58 -3.21 -31.45
CA PHE F 10 13.82 -3.40 -30.69
C PHE F 10 14.20 -4.86 -30.43
N HIS F 11 13.22 -5.75 -30.36
CA HIS F 11 13.48 -7.13 -29.93
C HIS F 11 13.02 -8.23 -30.89
N LEU F 12 11.87 -8.04 -31.54
CA LEU F 12 11.25 -9.09 -32.32
C LEU F 12 11.96 -9.41 -33.64
N GLY F 13 12.70 -8.44 -34.17
CA GLY F 13 13.37 -8.59 -35.45
C GLY F 13 12.41 -8.64 -36.61
N LEU F 14 11.33 -7.88 -36.51
CA LEU F 14 10.28 -7.87 -37.54
C LEU F 14 10.01 -6.46 -38.07
N THR F 15 9.58 -6.40 -39.33
CA THR F 15 9.13 -5.17 -39.96
C THR F 15 7.62 -5.25 -40.20
N LYS F 16 7.01 -4.10 -40.46
CA LYS F 16 5.59 -4.03 -40.80
C LYS F 16 5.22 -4.90 -42.01
N ASN F 17 6.09 -4.92 -43.02
CA ASN F 17 5.89 -5.72 -44.22
C ASN F 17 5.83 -7.24 -43.95
N ASP F 18 6.59 -7.69 -42.97
CA ASP F 18 6.63 -9.11 -42.58
C ASP F 18 5.24 -9.65 -42.19
N LEU F 19 4.43 -8.78 -41.59
CA LEU F 19 3.12 -9.16 -41.08
C LEU F 19 2.05 -9.23 -42.17
N GLN F 20 2.30 -8.54 -43.29
CA GLN F 20 1.41 -8.53 -44.46
C GLN F 20 -0.04 -8.09 -44.14
N GLY F 21 -0.18 -7.21 -43.17
CA GLY F 21 -1.48 -6.67 -42.80
C GLY F 21 -2.19 -7.42 -41.68
N ALA F 22 -1.46 -8.30 -41.00
CA ALA F 22 -2.01 -9.06 -39.88
C ALA F 22 -2.38 -8.15 -38.71
N THR F 23 -3.50 -8.45 -38.07
CA THR F 23 -3.95 -7.71 -36.88
C THR F 23 -4.22 -8.66 -35.71
N LEU F 24 -4.06 -9.97 -35.96
CA LEU F 24 -4.27 -10.97 -34.92
C LEU F 24 -3.02 -11.81 -34.68
N ALA F 25 -2.67 -11.96 -33.41
CA ALA F 25 -1.55 -12.80 -33.01
C ALA F 25 -1.95 -13.82 -31.96
N ILE F 26 -1.50 -15.06 -32.15
CA ILE F 26 -1.58 -16.08 -31.13
C ILE F 26 -0.26 -16.09 -30.38
N VAL F 27 -0.31 -15.93 -29.07
CA VAL F 27 0.90 -15.71 -28.28
C VAL F 27 1.13 -16.77 -27.18
N PRO F 28 1.81 -17.86 -27.52
CA PRO F 28 2.20 -18.87 -26.54
C PRO F 28 3.41 -18.41 -25.72
N GLY F 29 3.67 -19.07 -24.60
CA GLY F 29 4.85 -18.77 -23.81
C GLY F 29 6.09 -19.44 -24.37
N ASP F 30 5.93 -20.68 -24.83
CA ASP F 30 7.04 -21.51 -25.31
C ASP F 30 7.33 -21.22 -26.79
N PRO F 31 8.56 -20.79 -27.09
CA PRO F 31 8.99 -20.59 -28.49
C PRO F 31 8.89 -21.84 -29.37
N ASP F 32 8.99 -23.02 -28.76
CA ASP F 32 8.87 -24.28 -29.50
C ASP F 32 7.42 -24.59 -29.91
N ARG F 33 6.46 -23.89 -29.31
CA ARG F 33 5.05 -24.07 -29.62
C ARG F 33 4.63 -23.29 -30.87
N VAL F 34 5.43 -22.30 -31.25
CA VAL F 34 5.11 -21.39 -32.35
C VAL F 34 4.91 -22.13 -33.69
N GLU F 35 5.83 -23.02 -34.03
CA GLU F 35 5.73 -23.82 -35.24
C GLU F 35 4.51 -24.74 -35.21
N LYS F 36 4.22 -25.30 -34.03
CA LYS F 36 3.09 -26.22 -33.84
C LYS F 36 1.74 -25.55 -34.12
N ILE F 37 1.60 -24.29 -33.69
CA ILE F 37 0.37 -23.52 -33.90
C ILE F 37 0.24 -23.10 -35.36
N ALA F 38 1.34 -22.56 -35.91
CA ALA F 38 1.39 -22.14 -37.30
C ALA F 38 1.07 -23.26 -38.29
N ALA F 39 1.50 -24.48 -37.96
CA ALA F 39 1.32 -25.65 -38.83
C ALA F 39 -0.16 -26.07 -39.00
N LEU F 40 -1.00 -25.68 -38.04
CA LEU F 40 -2.43 -25.96 -38.11
C LEU F 40 -3.15 -25.06 -39.10
N MET F 41 -2.50 -23.95 -39.48
CA MET F 41 -3.05 -22.99 -40.43
C MET F 41 -2.42 -23.14 -41.81
N ASP F 42 -2.91 -22.37 -42.77
CA ASP F 42 -2.43 -22.42 -44.15
C ASP F 42 -1.17 -21.57 -44.35
N LYS F 43 -0.32 -22.03 -45.28
CA LYS F 43 0.91 -21.34 -45.68
C LYS F 43 1.80 -20.87 -44.52
N PRO F 44 2.13 -21.77 -43.58
CA PRO F 44 2.96 -21.38 -42.42
C PRO F 44 4.40 -21.08 -42.81
N VAL F 45 4.90 -19.93 -42.37
CA VAL F 45 6.25 -19.47 -42.68
C VAL F 45 6.93 -18.89 -41.44
N LYS F 46 8.17 -19.31 -41.20
CA LYS F 46 8.99 -18.73 -40.15
C LYS F 46 9.37 -17.30 -40.53
N LEU F 47 9.33 -16.39 -39.56
CA LEU F 47 9.72 -15.00 -39.80
C LEU F 47 11.04 -14.66 -39.12
N ALA F 48 11.11 -14.89 -37.81
CA ALA F 48 12.29 -14.53 -37.02
C ALA F 48 12.39 -15.31 -35.71
N SER F 49 13.59 -15.32 -35.15
CA SER F 49 13.84 -15.88 -33.82
C SER F 49 14.97 -15.11 -33.14
N HIS F 50 14.62 -14.38 -32.08
CA HIS F 50 15.59 -13.62 -31.30
C HIS F 50 15.23 -13.77 -29.83
N ARG F 51 16.20 -14.21 -29.04
CA ARG F 51 15.98 -14.55 -27.63
C ARG F 51 14.80 -15.52 -27.51
N GLU F 52 13.89 -15.25 -26.57
CA GLU F 52 12.71 -16.10 -26.38
C GLU F 52 11.55 -15.77 -27.33
N PHE F 53 11.79 -14.86 -28.26
CA PHE F 53 10.76 -14.42 -29.20
C PHE F 53 10.91 -15.08 -30.57
N THR F 54 10.16 -16.15 -30.80
CA THR F 54 10.09 -16.81 -32.10
C THR F 54 8.79 -16.41 -32.78
N THR F 55 8.90 -15.92 -34.01
CA THR F 55 7.73 -15.47 -34.76
C THR F 55 7.52 -16.25 -36.05
N TRP F 56 6.28 -16.70 -36.25
CA TRP F 56 5.86 -17.31 -37.51
C TRP F 56 4.65 -16.55 -38.05
N ARG F 57 4.49 -16.58 -39.36
CA ARG F 57 3.29 -16.05 -40.01
C ARG F 57 2.57 -17.17 -40.73
N ALA F 58 1.24 -17.14 -40.67
CA ALA F 58 0.41 -18.13 -41.34
C ALA F 58 -0.85 -17.48 -41.92
N GLU F 59 -1.73 -18.29 -42.49
CA GLU F 59 -2.95 -17.80 -43.12
C GLU F 59 -4.18 -18.56 -42.66
N LEU F 60 -5.16 -17.81 -42.16
CA LEU F 60 -6.43 -18.39 -41.71
C LEU F 60 -7.58 -17.78 -42.52
N ASP F 61 -8.25 -18.63 -43.30
CA ASP F 61 -9.32 -18.22 -44.22
C ASP F 61 -8.91 -17.07 -45.15
N GLY F 62 -7.71 -17.17 -45.72
CA GLY F 62 -7.19 -16.16 -46.62
C GLY F 62 -6.61 -14.92 -45.96
N LYS F 63 -6.63 -14.89 -44.62
CA LYS F 63 -6.15 -13.73 -43.86
C LYS F 63 -4.88 -14.07 -43.09
N PRO F 64 -3.87 -13.19 -43.17
CA PRO F 64 -2.59 -13.39 -42.46
C PRO F 64 -2.73 -13.31 -40.94
N VAL F 65 -2.11 -14.28 -40.25
CA VAL F 65 -2.13 -14.34 -38.80
C VAL F 65 -0.69 -14.55 -38.29
N ILE F 66 -0.38 -13.95 -37.14
CA ILE F 66 0.94 -14.04 -36.53
C ILE F 66 0.92 -14.99 -35.33
N VAL F 67 1.95 -15.82 -35.22
CA VAL F 67 2.19 -16.58 -33.99
C VAL F 67 3.54 -16.14 -33.44
N CYS F 68 3.56 -15.75 -32.16
CA CYS F 68 4.74 -15.17 -31.55
C CYS F 68 4.87 -15.56 -30.07
N SER F 69 6.01 -16.14 -29.70
CA SER F 69 6.25 -16.53 -28.31
C SER F 69 6.62 -15.35 -27.42
N THR F 70 6.13 -15.38 -26.18
CA THR F 70 6.38 -14.32 -25.20
C THR F 70 7.51 -14.68 -24.24
N GLY F 71 7.80 -15.97 -24.12
CA GLY F 71 8.62 -16.47 -23.04
C GLY F 71 7.79 -16.55 -21.77
N ILE F 72 8.40 -16.99 -20.67
CA ILE F 72 7.72 -17.07 -19.38
C ILE F 72 7.70 -15.70 -18.72
N GLY F 73 6.51 -15.26 -18.30
CA GLY F 73 6.38 -14.10 -17.45
C GLY F 73 5.98 -12.80 -18.12
N GLY F 74 5.41 -11.91 -17.31
CA GLY F 74 4.96 -10.60 -17.74
C GLY F 74 5.96 -9.70 -18.44
N PRO F 75 7.20 -9.60 -17.93
CA PRO F 75 8.21 -8.73 -18.54
C PRO F 75 8.50 -9.00 -20.01
N SER F 76 8.77 -10.25 -20.38
CA SER F 76 8.99 -10.57 -21.78
C SER F 76 7.71 -10.54 -22.59
N THR F 77 6.59 -10.89 -21.95
CA THR F 77 5.27 -10.75 -22.55
C THR F 77 4.99 -9.30 -22.94
N SER F 78 5.28 -8.38 -22.01
CA SER F 78 5.06 -6.95 -22.22
C SER F 78 5.86 -6.42 -23.42
N ILE F 79 7.08 -6.91 -23.59
CA ILE F 79 7.91 -6.56 -24.75
C ILE F 79 7.27 -7.07 -26.04
N ALA F 80 6.93 -8.36 -26.05
CA ALA F 80 6.35 -9.00 -27.23
C ALA F 80 5.04 -8.35 -27.66
N VAL F 81 4.16 -8.07 -26.69
CA VAL F 81 2.86 -7.48 -26.98
C VAL F 81 2.98 -6.04 -27.48
N GLU F 82 3.86 -5.27 -26.83
CA GLU F 82 4.08 -3.87 -27.20
C GLU F 82 4.61 -3.74 -28.64
N GLU F 83 5.59 -4.56 -28.97
CA GLU F 83 6.22 -4.49 -30.29
C GLU F 83 5.32 -5.03 -31.39
N LEU F 84 4.52 -6.06 -31.09
CA LEU F 84 3.50 -6.56 -32.02
C LEU F 84 2.41 -5.51 -32.27
N ALA F 85 2.02 -4.81 -31.21
CA ALA F 85 1.07 -3.70 -31.33
C ALA F 85 1.61 -2.59 -32.23
N GLN F 86 2.90 -2.28 -32.06
CA GLN F 86 3.58 -1.30 -32.91
C GLN F 86 3.54 -1.71 -34.38
N LEU F 87 3.58 -3.01 -34.63
CA LEU F 87 3.58 -3.57 -35.98
C LEU F 87 2.18 -3.75 -36.58
N GLY F 88 1.15 -3.53 -35.77
CA GLY F 88 -0.23 -3.53 -36.26
C GLY F 88 -1.20 -4.54 -35.65
N ILE F 89 -0.71 -5.36 -34.72
CA ILE F 89 -1.58 -6.35 -34.07
C ILE F 89 -2.56 -5.67 -33.10
N ARG F 90 -3.84 -6.02 -33.22
CA ARG F 90 -4.90 -5.45 -32.39
C ARG F 90 -5.56 -6.50 -31.51
N THR F 91 -5.47 -7.77 -31.92
CA THR F 91 -6.05 -8.88 -31.18
C THR F 91 -4.99 -9.88 -30.75
N PHE F 92 -4.98 -10.20 -29.45
CA PHE F 92 -4.00 -11.10 -28.86
C PHE F 92 -4.68 -12.29 -28.19
N LEU F 93 -4.36 -13.49 -28.66
CA LEU F 93 -4.91 -14.70 -28.05
C LEU F 93 -3.80 -15.54 -27.43
N ARG F 94 -3.78 -15.62 -26.11
CA ARG F 94 -2.78 -16.41 -25.41
C ARG F 94 -3.24 -17.86 -25.24
N ILE F 95 -2.37 -18.79 -25.69
CA ILE F 95 -2.53 -20.20 -25.41
C ILE F 95 -1.42 -20.64 -24.47
N GLY F 96 -1.79 -21.25 -23.35
CA GLY F 96 -0.82 -21.61 -22.32
C GLY F 96 -1.05 -22.95 -21.64
N THR F 97 -0.14 -23.26 -20.71
CA THR F 97 -0.25 -24.45 -19.87
C THR F 97 -0.57 -23.95 -18.47
N THR F 98 -1.17 -24.81 -17.65
CA THR F 98 -1.63 -24.40 -16.33
C THR F 98 -1.77 -25.52 -15.31
N GLY F 99 -1.70 -25.14 -14.03
CA GLY F 99 -1.97 -26.04 -12.93
C GLY F 99 -3.26 -25.62 -12.27
N ALA F 100 -4.25 -26.51 -12.26
CA ALA F 100 -5.55 -26.24 -11.67
C ALA F 100 -5.49 -26.35 -10.14
N ILE F 101 -6.26 -25.51 -9.45
CA ILE F 101 -6.29 -25.55 -7.98
C ILE F 101 -7.66 -25.92 -7.40
N GLN F 102 -8.66 -26.09 -8.26
CA GLN F 102 -9.97 -26.56 -7.85
C GLN F 102 -10.07 -28.08 -8.00
N PRO F 103 -10.64 -28.75 -6.99
CA PRO F 103 -10.77 -30.22 -7.00
C PRO F 103 -11.61 -30.76 -8.15
N HIS F 104 -12.60 -29.97 -8.61
CA HIS F 104 -13.53 -30.44 -9.65
C HIS F 104 -12.99 -30.36 -11.08
N ILE F 105 -11.87 -29.66 -11.26
CA ILE F 105 -11.26 -29.54 -12.58
C ILE F 105 -10.30 -30.70 -12.84
N ASN F 106 -10.47 -31.37 -13.98
CA ASN F 106 -9.65 -32.52 -14.33
C ASN F 106 -8.43 -32.17 -15.18
N VAL F 107 -7.42 -33.03 -15.14
CA VAL F 107 -6.29 -32.94 -16.07
C VAL F 107 -6.84 -33.20 -17.48
N GLY F 108 -6.45 -32.35 -18.43
CA GLY F 108 -6.96 -32.44 -19.79
C GLY F 108 -8.09 -31.47 -20.07
N ASP F 109 -8.64 -30.87 -19.00
CA ASP F 109 -9.68 -29.86 -19.13
C ASP F 109 -9.09 -28.57 -19.67
N VAL F 110 -9.92 -27.78 -20.34
CA VAL F 110 -9.49 -26.50 -20.89
C VAL F 110 -10.14 -25.35 -20.11
N LEU F 111 -9.36 -24.33 -19.83
CA LEU F 111 -9.83 -23.18 -19.04
C LEU F 111 -9.80 -21.89 -19.84
N VAL F 112 -10.91 -21.18 -19.80
CA VAL F 112 -11.02 -19.85 -20.42
C VAL F 112 -11.07 -18.80 -19.33
N THR F 113 -10.15 -17.85 -19.38
CA THR F 113 -10.00 -16.83 -18.36
C THR F 113 -10.84 -15.58 -18.67
N THR F 114 -11.77 -15.27 -17.76
CA THR F 114 -12.54 -14.04 -17.85
C THR F 114 -11.69 -12.86 -17.39
N ALA F 115 -10.94 -13.09 -16.30
CA ALA F 115 -10.07 -12.08 -15.72
C ALA F 115 -9.07 -12.74 -14.77
N SER F 116 -8.02 -12.01 -14.42
CA SER F 116 -6.94 -12.57 -13.62
C SER F 116 -6.69 -11.85 -12.30
N VAL F 117 -6.32 -12.61 -11.28
CA VAL F 117 -5.74 -12.07 -10.07
C VAL F 117 -4.33 -11.61 -10.40
N ARG F 118 -4.04 -10.34 -10.13
CA ARG F 118 -2.77 -9.75 -10.51
C ARG F 118 -1.68 -9.98 -9.45
N LEU F 119 -1.00 -11.13 -9.55
CA LEU F 119 0.12 -11.44 -8.67
C LEU F 119 1.43 -11.22 -9.43
N ASP F 120 1.41 -10.23 -10.31
CA ASP F 120 2.54 -9.88 -11.17
C ASP F 120 2.95 -8.43 -10.94
N GLY F 121 4.11 -8.06 -11.49
CA GLY F 121 4.59 -6.69 -11.39
C GLY F 121 4.33 -5.85 -12.63
N ALA F 122 4.41 -6.49 -13.80
CA ALA F 122 4.33 -5.77 -15.08
C ALA F 122 2.98 -5.10 -15.35
N SER F 123 1.90 -5.69 -14.86
CA SER F 123 0.57 -5.11 -15.04
C SER F 123 0.46 -3.73 -14.42
N LEU F 124 1.19 -3.52 -13.31
CA LEU F 124 1.23 -2.24 -12.59
C LEU F 124 1.90 -1.12 -13.39
N HIS F 125 2.68 -1.51 -14.39
CA HIS F 125 3.38 -0.54 -15.24
C HIS F 125 2.45 0.01 -16.32
N PHE F 126 1.22 -0.49 -16.37
CA PHE F 126 0.21 -0.06 -17.34
C PHE F 126 -1.04 0.50 -16.70
N ALA F 127 -1.42 -0.04 -15.55
CA ALA F 127 -2.59 0.41 -14.82
C ALA F 127 -2.42 0.07 -13.34
N PRO F 128 -2.94 0.91 -12.44
CA PRO F 128 -2.85 0.64 -11.00
C PRO F 128 -3.65 -0.62 -10.63
N LEU F 129 -3.34 -1.21 -9.47
CA LEU F 129 -3.89 -2.50 -9.08
C LEU F 129 -5.42 -2.62 -9.14
N GLU F 130 -6.10 -1.50 -8.88
CA GLU F 130 -7.57 -1.47 -8.85
C GLU F 130 -8.22 -1.73 -10.21
N PHE F 131 -7.46 -1.51 -11.28
CA PHE F 131 -7.91 -1.80 -12.64
C PHE F 131 -7.95 -3.32 -12.84
N PRO F 132 -9.05 -3.82 -13.40
CA PRO F 132 -9.22 -5.26 -13.59
C PRO F 132 -8.41 -5.82 -14.75
N ALA F 133 -7.69 -6.92 -14.50
CA ALA F 133 -7.01 -7.66 -15.57
C ALA F 133 -8.04 -8.50 -16.30
N VAL F 134 -8.93 -7.84 -17.04
CA VAL F 134 -10.07 -8.47 -17.68
C VAL F 134 -9.82 -8.77 -19.17
N ALA F 135 -10.31 -9.94 -19.61
CA ALA F 135 -10.24 -10.32 -21.01
C ALA F 135 -11.31 -9.62 -21.82
N ASP F 136 -11.04 -9.44 -23.11
CA ASP F 136 -12.00 -8.85 -24.05
C ASP F 136 -13.18 -9.80 -24.24
N PHE F 137 -14.38 -9.24 -24.22
CA PHE F 137 -15.63 -10.01 -24.29
C PHE F 137 -15.75 -10.86 -25.55
N GLU F 138 -15.39 -10.27 -26.69
CA GLU F 138 -15.45 -10.97 -27.99
C GLU F 138 -14.46 -12.12 -28.06
N CYS F 139 -13.25 -11.91 -27.54
CA CYS F 139 -12.20 -12.93 -27.51
C CYS F 139 -12.60 -14.11 -26.61
N THR F 140 -13.12 -13.79 -25.42
CA THR F 140 -13.60 -14.78 -24.47
C THR F 140 -14.75 -15.59 -25.06
N THR F 141 -15.68 -14.92 -25.72
CA THR F 141 -16.81 -15.56 -26.40
C THR F 141 -16.31 -16.52 -27.47
N ALA F 142 -15.37 -16.05 -28.29
CA ALA F 142 -14.78 -16.85 -29.36
C ALA F 142 -14.16 -18.14 -28.83
N LEU F 143 -13.41 -18.03 -27.74
CA LEU F 143 -12.74 -19.17 -27.12
C LEU F 143 -13.73 -20.16 -26.53
N VAL F 144 -14.76 -19.65 -25.84
CA VAL F 144 -15.80 -20.48 -25.26
C VAL F 144 -16.59 -21.23 -26.34
N GLU F 145 -16.90 -20.54 -27.43
CA GLU F 145 -17.59 -21.14 -28.57
C GLU F 145 -16.71 -22.14 -29.30
N ALA F 146 -15.42 -21.84 -29.40
CA ALA F 146 -14.44 -22.72 -30.03
C ALA F 146 -14.21 -23.99 -29.23
N ALA F 147 -14.24 -23.87 -27.91
CA ALA F 147 -14.12 -25.02 -27.02
C ALA F 147 -15.36 -25.90 -27.08
N LYS F 148 -16.53 -25.26 -27.23
CA LYS F 148 -17.81 -25.97 -27.34
C LYS F 148 -17.94 -26.71 -28.67
N SER F 149 -17.30 -26.16 -29.70
CA SER F 149 -17.34 -26.74 -31.05
C SER F 149 -16.57 -28.04 -31.16
N ILE F 150 -15.38 -28.09 -30.55
CA ILE F 150 -14.54 -29.29 -30.60
C ILE F 150 -14.93 -30.33 -29.54
N GLY F 151 -15.69 -29.89 -28.53
CA GLY F 151 -16.28 -30.80 -27.55
C GLY F 151 -15.45 -31.03 -26.29
N ALA F 152 -14.63 -30.06 -25.93
CA ALA F 152 -13.77 -30.16 -24.76
C ALA F 152 -14.51 -29.84 -23.46
N THR F 153 -14.01 -30.39 -22.35
CA THR F 153 -14.50 -30.03 -21.02
C THR F 153 -13.91 -28.68 -20.66
N THR F 154 -14.78 -27.68 -20.54
CA THR F 154 -14.36 -26.29 -20.38
C THR F 154 -14.85 -25.67 -19.08
N HIS F 155 -13.96 -24.93 -18.42
CA HIS F 155 -14.31 -24.14 -17.24
C HIS F 155 -13.98 -22.67 -17.52
N VAL F 156 -14.89 -21.80 -17.10
CA VAL F 156 -14.79 -20.36 -17.37
C VAL F 156 -14.76 -19.62 -16.03
N GLY F 157 -13.73 -18.80 -15.83
CA GLY F 157 -13.62 -18.02 -14.61
C GLY F 157 -12.29 -17.33 -14.40
N VAL F 158 -11.96 -17.11 -13.13
CA VAL F 158 -10.80 -16.32 -12.73
C VAL F 158 -9.53 -17.15 -12.62
N THR F 159 -8.41 -16.55 -13.04
CA THR F 159 -7.10 -17.17 -13.03
C THR F 159 -6.15 -16.36 -12.16
N ALA F 160 -5.34 -17.04 -11.33
CA ALA F 160 -4.29 -16.38 -10.57
C ALA F 160 -3.02 -16.32 -11.42
N SER F 161 -2.57 -15.11 -11.73
CA SER F 161 -1.41 -14.92 -12.59
C SER F 161 -0.20 -14.44 -11.79
N SER F 162 0.78 -15.33 -11.64
CA SER F 162 1.89 -15.15 -10.72
C SER F 162 3.22 -14.85 -11.42
N ASP F 163 3.97 -13.91 -10.88
CA ASP F 163 5.30 -13.58 -11.38
C ASP F 163 6.33 -14.68 -11.07
N THR F 164 5.86 -15.73 -10.41
CA THR F 164 6.75 -16.77 -9.94
C THR F 164 6.07 -18.15 -10.05
N PHE F 165 6.86 -19.18 -10.37
CA PHE F 165 6.35 -20.54 -10.49
C PHE F 165 6.25 -21.22 -9.13
N TYR F 166 7.14 -20.86 -8.21
CA TYR F 166 7.21 -21.55 -6.93
C TYR F 166 6.48 -20.87 -5.76
N PRO F 167 7.08 -19.87 -5.08
CA PRO F 167 6.42 -19.28 -3.89
C PRO F 167 5.07 -18.61 -4.15
N GLY F 168 4.93 -17.92 -5.28
CA GLY F 168 3.70 -17.22 -5.63
C GLY F 168 2.55 -18.16 -5.97
N GLN F 169 2.90 -19.42 -6.20
CA GLN F 169 1.93 -20.48 -6.42
C GLN F 169 1.93 -21.42 -5.20
N GLU F 170 2.54 -20.94 -4.12
CA GLU F 170 2.70 -21.66 -2.86
C GLU F 170 3.21 -23.10 -3.02
N ARG F 171 4.30 -23.22 -3.76
CA ARG F 171 5.04 -24.48 -3.82
C ARG F 171 6.09 -24.48 -2.71
N TYR F 172 6.15 -25.59 -1.97
CA TYR F 172 7.08 -25.73 -0.85
C TYR F 172 8.22 -26.69 -1.18
N ASP F 173 8.08 -27.42 -2.28
CA ASP F 173 9.10 -28.36 -2.74
C ASP F 173 10.25 -27.62 -3.43
N THR F 174 10.99 -26.85 -2.63
CA THR F 174 11.98 -25.91 -3.16
C THR F 174 13.28 -25.95 -2.36
N TYR F 175 14.29 -25.21 -2.84
CA TYR F 175 15.57 -25.09 -2.16
C TYR F 175 15.42 -24.62 -0.70
N SER F 176 14.65 -23.54 -0.51
CA SER F 176 14.45 -22.97 0.82
C SER F 176 13.38 -23.70 1.62
N GLY F 177 12.34 -24.18 0.93
CA GLY F 177 11.21 -24.83 1.57
C GLY F 177 10.33 -23.84 2.31
N ARG F 178 10.55 -22.55 2.08
CA ARG F 178 9.77 -21.49 2.72
C ARG F 178 9.00 -20.68 1.70
N VAL F 179 7.89 -20.08 2.15
CA VAL F 179 7.13 -19.14 1.34
C VAL F 179 6.95 -17.87 2.16
N VAL F 180 7.19 -16.73 1.53
CA VAL F 180 7.08 -15.42 2.17
C VAL F 180 5.68 -15.21 2.77
N ARG F 181 5.63 -14.48 3.89
CA ARG F 181 4.38 -14.24 4.62
C ARG F 181 3.18 -13.90 3.72
N HIS F 182 3.40 -13.00 2.77
CA HIS F 182 2.33 -12.53 1.88
C HIS F 182 1.62 -13.65 1.12
N PHE F 183 2.36 -14.69 0.75
CA PHE F 183 1.81 -15.80 -0.02
C PHE F 183 1.50 -17.05 0.79
N LYS F 184 1.82 -17.02 2.09
CA LYS F 184 1.52 -18.13 3.00
C LYS F 184 0.00 -18.27 3.13
N GLY F 185 -0.50 -19.46 2.78
CA GLY F 185 -1.93 -19.73 2.82
C GLY F 185 -2.71 -19.14 1.66
N SER F 186 -2.00 -18.60 0.67
CA SER F 186 -2.64 -17.89 -0.44
C SER F 186 -3.43 -18.80 -1.39
N MET F 187 -2.91 -20.01 -1.65
CA MET F 187 -3.60 -20.96 -2.52
C MET F 187 -4.99 -21.32 -1.96
N GLU F 188 -5.04 -21.54 -0.65
CA GLU F 188 -6.29 -21.79 0.07
C GLU F 188 -7.29 -20.64 -0.10
N GLU F 189 -6.79 -19.41 -0.04
CA GLU F 189 -7.62 -18.21 -0.22
C GLU F 189 -8.21 -18.16 -1.64
N TRP F 190 -7.36 -18.33 -2.65
CA TRP F 190 -7.82 -18.32 -4.05
C TRP F 190 -8.83 -19.43 -4.32
N GLN F 191 -8.58 -20.61 -3.76
CA GLN F 191 -9.48 -21.77 -3.89
C GLN F 191 -10.88 -21.45 -3.38
N ALA F 192 -10.95 -20.85 -2.18
CA ALA F 192 -12.21 -20.44 -1.58
C ALA F 192 -12.91 -19.36 -2.40
N MET F 193 -12.12 -18.55 -3.10
CA MET F 193 -12.63 -17.47 -3.95
C MET F 193 -13.03 -17.93 -5.36
N GLY F 194 -12.88 -19.22 -5.63
CA GLY F 194 -13.30 -19.80 -6.90
C GLY F 194 -12.29 -19.68 -8.02
N VAL F 195 -11.07 -19.27 -7.70
CA VAL F 195 -9.98 -19.17 -8.69
C VAL F 195 -9.64 -20.57 -9.21
N MET F 196 -9.60 -20.71 -10.54
CA MET F 196 -9.48 -22.02 -11.17
C MET F 196 -8.06 -22.57 -11.16
N ASN F 197 -7.07 -21.69 -11.37
CA ASN F 197 -5.74 -22.11 -11.76
C ASN F 197 -4.65 -21.06 -11.60
N TYR F 198 -3.40 -21.51 -11.72
CA TYR F 198 -2.23 -20.65 -11.74
C TYR F 198 -1.58 -20.67 -13.13
N GLU F 199 -1.28 -19.49 -13.66
CA GLU F 199 -0.30 -19.37 -14.74
C GLU F 199 0.52 -18.08 -14.55
N MET F 200 1.29 -17.67 -15.56
CA MET F 200 2.32 -16.67 -15.32
C MET F 200 2.35 -15.43 -16.24
N GLU F 201 1.38 -15.31 -17.15
CA GLU F 201 1.41 -14.21 -18.14
C GLU F 201 0.11 -13.42 -18.30
N SER F 202 -1.03 -14.03 -17.93
CA SER F 202 -2.34 -13.44 -18.22
C SER F 202 -2.61 -12.09 -17.56
N ALA F 203 -2.19 -11.91 -16.31
CA ALA F 203 -2.38 -10.62 -15.63
C ALA F 203 -1.74 -9.47 -16.42
N THR F 204 -0.51 -9.68 -16.87
CA THR F 204 0.20 -8.68 -17.68
C THR F 204 -0.51 -8.47 -19.02
N LEU F 205 -0.72 -9.55 -19.76
CA LEU F 205 -1.38 -9.48 -21.06
C LEU F 205 -2.73 -8.78 -20.99
N LEU F 206 -3.59 -9.27 -20.09
CA LEU F 206 -4.95 -8.75 -19.99
C LEU F 206 -4.99 -7.29 -19.54
N THR F 207 -4.15 -6.93 -18.58
CA THR F 207 -4.07 -5.55 -18.09
C THR F 207 -3.59 -4.61 -19.18
N MET F 208 -2.48 -4.94 -19.81
CA MET F 208 -1.87 -4.06 -20.80
C MET F 208 -2.74 -3.88 -22.05
N CYS F 209 -3.50 -4.91 -22.41
CA CYS F 209 -4.40 -4.84 -23.56
C CYS F 209 -5.68 -4.08 -23.25
N ALA F 210 -6.29 -4.39 -22.11
CA ALA F 210 -7.55 -3.77 -21.71
C ALA F 210 -7.42 -2.27 -21.45
N SER F 211 -6.22 -1.84 -21.05
CA SER F 211 -5.96 -0.44 -20.73
C SER F 211 -5.34 0.35 -21.90
N GLN F 212 -5.20 -0.30 -23.06
CA GLN F 212 -4.61 0.34 -24.24
C GLN F 212 -5.46 0.16 -25.51
N GLY F 213 -6.68 -0.32 -25.34
CA GLY F 213 -7.60 -0.49 -26.46
C GLY F 213 -7.28 -1.67 -27.34
N LEU F 214 -6.63 -2.67 -26.77
CA LEU F 214 -6.30 -3.91 -27.49
C LEU F 214 -7.14 -5.06 -26.97
N ARG F 215 -7.54 -5.96 -27.87
CA ARG F 215 -8.35 -7.11 -27.50
C ARG F 215 -7.47 -8.29 -27.12
N ALA F 216 -7.76 -8.88 -25.96
CA ALA F 216 -7.02 -10.04 -25.49
C ALA F 216 -7.93 -11.15 -24.97
N GLY F 217 -7.56 -12.39 -25.28
CA GLY F 217 -8.22 -13.57 -24.76
C GLY F 217 -7.20 -14.53 -24.19
N MET F 218 -7.64 -15.39 -23.29
CA MET F 218 -6.75 -16.32 -22.60
C MET F 218 -7.36 -17.71 -22.45
N VAL F 219 -6.66 -18.71 -22.97
CA VAL F 219 -7.06 -20.10 -22.87
C VAL F 219 -5.87 -20.97 -22.45
N ALA F 220 -6.14 -22.03 -21.69
CA ALA F 220 -5.09 -22.92 -21.19
C ALA F 220 -5.57 -24.35 -20.98
N GLY F 221 -4.69 -25.31 -21.24
CA GLY F 221 -4.98 -26.71 -20.99
C GLY F 221 -4.42 -27.15 -19.66
N VAL F 222 -5.21 -27.88 -18.88
CA VAL F 222 -4.80 -28.34 -17.56
C VAL F 222 -3.91 -29.57 -17.69
N ILE F 223 -2.67 -29.45 -17.24
CA ILE F 223 -1.73 -30.57 -17.25
C ILE F 223 -1.44 -31.10 -15.85
N VAL F 224 -1.87 -30.35 -14.83
CA VAL F 224 -1.72 -30.75 -13.43
C VAL F 224 -2.83 -30.17 -12.55
N ASN F 225 -3.33 -30.99 -11.63
CA ASN F 225 -4.21 -30.51 -10.58
C ASN F 225 -3.48 -30.56 -9.25
N ARG F 226 -3.33 -29.41 -8.61
CA ARG F 226 -2.52 -29.28 -7.39
C ARG F 226 -3.11 -30.01 -6.17
N THR F 227 -4.38 -30.39 -6.24
CA THR F 227 -5.05 -31.07 -5.13
C THR F 227 -4.93 -32.59 -5.17
N GLN F 228 -4.36 -33.13 -6.25
CA GLN F 228 -4.15 -34.57 -6.35
C GLN F 228 -2.68 -34.99 -6.52
N GLN F 229 -2.00 -34.44 -7.53
CA GLN F 229 -0.60 -34.76 -7.79
C GLN F 229 0.18 -33.63 -8.47
N GLU F 230 1.50 -33.60 -8.25
CA GLU F 230 2.35 -32.53 -8.76
C GLU F 230 3.01 -32.88 -10.10
N ILE F 231 3.36 -34.16 -10.29
CA ILE F 231 4.09 -34.61 -11.47
C ILE F 231 3.17 -34.84 -12.68
N PRO F 232 3.38 -34.06 -13.75
CA PRO F 232 2.57 -34.18 -14.96
C PRO F 232 2.96 -35.41 -15.80
N ASN F 233 1.96 -36.03 -16.42
CA ASN F 233 2.17 -37.21 -17.26
C ASN F 233 2.73 -36.85 -18.64
N ALA F 234 3.77 -37.56 -19.05
CA ALA F 234 4.47 -37.29 -20.31
C ALA F 234 3.78 -37.91 -21.52
N GLU F 235 2.46 -37.74 -21.60
CA GLU F 235 1.64 -38.19 -22.73
C GLU F 235 0.39 -37.31 -22.82
N THR F 236 -0.23 -37.08 -21.66
CA THR F 236 -1.37 -36.17 -21.55
C THR F 236 -0.93 -34.74 -21.83
N MET F 237 0.32 -34.42 -21.48
CA MET F 237 0.91 -33.10 -21.70
C MET F 237 0.87 -32.69 -23.17
N LYS F 238 1.23 -33.61 -24.07
CA LYS F 238 1.20 -33.36 -25.50
C LYS F 238 -0.23 -33.34 -26.05
N GLN F 239 -1.08 -34.19 -25.49
CA GLN F 239 -2.48 -34.29 -25.91
C GLN F 239 -3.28 -33.05 -25.51
N THR F 240 -3.09 -32.58 -24.29
CA THR F 240 -3.77 -31.39 -23.77
C THR F 240 -3.31 -30.13 -24.51
N GLU F 241 -2.01 -30.05 -24.80
CA GLU F 241 -1.44 -28.92 -25.52
C GLU F 241 -2.02 -28.81 -26.94
N SER F 242 -2.07 -29.93 -27.66
CA SER F 242 -2.63 -29.95 -29.02
C SER F 242 -4.15 -29.71 -29.02
N HIS F 243 -4.81 -30.14 -27.94
CA HIS F 243 -6.24 -29.93 -27.73
C HIS F 243 -6.57 -28.45 -27.57
N ALA F 244 -5.76 -27.76 -26.79
CA ALA F 244 -5.94 -26.34 -26.54
C ALA F 244 -5.45 -25.47 -27.70
N VAL F 245 -4.47 -26.00 -28.45
CA VAL F 245 -3.96 -25.32 -29.64
C VAL F 245 -5.04 -25.26 -30.73
N LYS F 246 -5.82 -26.33 -30.85
CA LYS F 246 -6.93 -26.38 -31.79
C LYS F 246 -8.03 -25.37 -31.41
N ILE F 247 -8.27 -25.23 -30.10
CA ILE F 247 -9.27 -24.29 -29.60
C ILE F 247 -8.91 -22.83 -29.92
N VAL F 248 -7.65 -22.46 -29.67
CA VAL F 248 -7.19 -21.10 -29.90
C VAL F 248 -7.18 -20.72 -31.39
N VAL F 249 -6.87 -21.69 -32.25
CA VAL F 249 -6.85 -21.49 -33.69
C VAL F 249 -8.29 -21.32 -34.23
N GLU F 250 -9.21 -22.11 -33.71
CA GLU F 250 -10.63 -22.01 -34.06
C GLU F 250 -11.24 -20.70 -33.57
N ALA F 251 -10.82 -20.24 -32.40
CA ALA F 251 -11.26 -18.96 -31.86
C ALA F 251 -10.73 -17.80 -32.70
N ALA F 252 -9.50 -17.94 -33.17
CA ALA F 252 -8.88 -16.95 -34.06
C ALA F 252 -9.66 -16.82 -35.37
N ARG F 253 -10.23 -17.93 -35.82
CA ARG F 253 -11.07 -17.96 -37.03
C ARG F 253 -12.32 -17.11 -36.87
N ARG F 254 -12.85 -17.06 -35.65
CA ARG F 254 -14.08 -16.34 -35.34
C ARG F 254 -13.85 -14.84 -35.16
N LEU F 255 -12.59 -14.44 -34.93
CA LEU F 255 -12.25 -13.06 -34.63
C LEU F 255 -11.62 -12.29 -35.79
N LEU F 256 -11.50 -12.95 -36.94
CA LEU F 256 -10.90 -12.32 -38.12
C LEU F 256 -11.87 -11.39 -38.83
P PO4 G . -27.23 3.76 11.64
O1 PO4 G . -27.13 3.44 10.16
O2 PO4 G . -27.66 5.19 11.81
O3 PO4 G . -28.26 2.84 12.26
O4 PO4 G . -25.89 3.56 12.30
K K H . -26.56 3.41 1.07
OAC 182 I . -27.83 -2.00 10.61
CAJ 182 I . -27.09 -1.17 9.72
CAK 182 I . -25.74 -0.84 10.35
OAN 182 I . -26.00 -0.32 11.67
CAL 182 I . -24.80 -0.27 12.48
NAT 182 I . -24.35 -1.44 13.10
CAS 182 I . -23.13 -2.07 12.73
OAB 182 I . -22.39 -1.62 11.85
NAM 182 I . -22.73 -3.25 13.40
CAR 182 I . -23.55 -3.81 14.41
OAA 182 I . -23.20 -4.86 14.93
CAI 182 I . -25.16 -2.02 14.12
CAQ 182 I . -24.77 -3.19 14.78
SE 182 I . -25.85 -3.86 16.00
CAP 182 I . -26.79 -5.08 15.18
CAH 182 I . -26.49 -6.47 15.26
CAF 182 I . -27.23 -7.41 14.50
CAD 182 I . -28.29 -6.96 13.68
CAE 182 I . -28.62 -5.57 13.59
CAG 182 I . -27.86 -4.64 14.36
P PO4 J . -28.08 3.58 -9.49
O1 PO4 J . -27.82 3.77 -8.01
O2 PO4 J . -28.89 2.31 -9.70
O3 PO4 J . -28.86 4.76 -10.01
O4 PO4 J . -26.77 3.47 -10.23
OAC 182 K . -26.80 9.11 -8.50
CAJ 182 K . -26.12 8.21 -7.62
CAK 182 K . -25.05 7.45 -8.41
OAN 182 K . -25.65 6.95 -9.62
CAL 182 K . -24.64 6.71 -10.63
NAT 182 K . -24.00 7.77 -11.25
CAS 182 K . -22.66 8.14 -10.95
OAB 182 K . -22.00 7.60 -10.05
NAM 182 K . -22.07 9.23 -11.64
CAR 182 K . -22.82 9.95 -12.60
OAA 182 K . -22.26 10.86 -13.20
CAI 182 K . -24.73 8.51 -12.23
CAQ 182 K . -24.15 9.60 -12.89
SE 182 K . -25.15 10.52 -14.03
CAP 182 K . -25.73 11.91 -13.14
CAH 182 K . -25.22 13.22 -13.35
CAF 182 K . -25.70 14.32 -12.59
CAD 182 K . -26.71 14.09 -11.61
CAE 182 K . -27.22 12.79 -11.37
CAG 182 K . -26.72 11.70 -12.15
P PO4 L . 9.67 19.61 20.53
O1 PO4 L . 10.60 18.52 20.04
O2 PO4 L . 9.30 19.33 21.98
O3 PO4 L . 10.36 20.94 20.44
O4 PO4 L . 8.42 19.64 19.69
K K M . 15.73 10.96 19.07
OAC 182 N . 12.96 21.25 16.12
CAJ 182 N . 12.58 19.91 16.42
CAK 182 N . 11.12 19.68 16.04
OAN 182 N . 10.32 20.70 16.67
CAL 182 N . 9.04 20.83 16.02
NAT 182 N . 8.92 21.64 14.89
CAS 182 N . 8.66 21.10 13.60
OAB 182 N . 8.55 19.89 13.39
NAM 182 N . 8.55 21.97 12.49
CAR 182 N . 8.73 23.36 12.66
OAA 182 N . 8.64 24.09 11.68
CAI 182 N . 9.09 23.05 15.04
CAQ 182 N . 8.99 23.91 13.95
SE 182 N . 9.33 25.62 14.19
CAP 182 N . 11.02 25.83 13.81
CAH 182 N . 11.47 26.56 12.67
CAF 182 N . 12.85 26.68 12.39
CAD 182 N . 13.80 26.07 13.26
CAE 182 N . 13.37 25.33 14.39
CAG 182 N . 11.98 25.22 14.67
P PO4 O . 23.19 3.20 19.02
O1 PO4 O . 22.16 4.19 19.51
O2 PO4 O . 24.27 3.93 18.26
O3 PO4 O . 23.80 2.50 20.21
O4 PO4 O . 22.53 2.18 18.13
OAC 182 P . 19.24 1.11 22.72
CAJ 182 P . 18.82 1.89 21.61
CAK 182 P . 18.85 1.04 20.33
OAN 182 P . 20.19 0.51 20.20
CAL 182 P . 20.22 -0.58 19.23
NAT 182 P . 19.69 -1.82 19.59
CAS 182 P . 18.47 -2.32 19.06
OAB 182 P . 17.78 -1.67 18.27
NAM 182 P . 17.99 -3.57 19.47
CAR 182 P . 18.74 -4.34 20.41
OAA 182 P . 18.27 -5.42 20.78
CAI 182 P . 20.41 -2.59 20.53
CAQ 182 P . 19.95 -3.86 20.94
SE 182 P . 20.86 -4.72 22.17
CAP 182 P . 20.09 -4.34 23.70
CAH 182 P . 19.37 -5.31 24.45
CAF 182 P . 18.72 -4.95 25.67
CAD 182 P . 18.80 -3.61 26.13
CAE 182 P . 19.52 -2.62 25.39
CAG 182 P . 20.17 -3.01 24.17
P PO4 Q . 20.20 -9.07 -20.58
O1 PO4 Q . 18.84 -9.70 -20.75
O2 PO4 Q . 21.13 -10.08 -19.93
O3 PO4 Q . 20.76 -8.69 -21.92
O4 PO4 Q . 20.10 -7.84 -19.71
K K R . 11.16 -14.50 -19.99
OAC 182 S . 16.56 -5.83 -24.00
CAJ 182 S . 16.07 -6.62 -22.92
CAK 182 S . 16.49 -5.96 -21.59
OAN 182 S . 17.89 -5.65 -21.67
CAL 182 S . 18.26 -4.65 -20.70
NAT 182 S . 18.06 -3.31 -21.00
CAS 182 S . 17.09 -2.51 -20.32
OAB 182 S . 16.33 -2.99 -19.46
NAM 182 S . 16.93 -1.15 -20.67
CAR 182 S . 17.72 -0.60 -21.71
OAA 182 S . 17.51 0.57 -22.02
CAI 182 S . 18.84 -2.72 -22.02
CAQ 182 S . 18.69 -1.37 -22.38
SE 182 S . 19.69 -0.76 -23.70
CAP 182 S . 18.70 -0.93 -25.14
CAH 182 S . 18.10 0.18 -25.79
CAF 182 S . 17.29 0.00 -26.95
CAD 182 S . 17.09 -1.32 -27.45
CAE 182 S . 17.67 -2.45 -26.81
CAG 182 S . 18.47 -2.24 -25.65
P PO4 T . 3.01 -21.25 -21.25
O1 PO4 T . 4.29 -20.52 -20.94
O2 PO4 T . 2.47 -20.77 -22.57
O3 PO4 T . 3.28 -22.74 -21.31
O4 PO4 T . 1.99 -20.99 -20.17
OAC 182 U . 6.11 -23.83 -16.93
CAJ 182 U . 6.07 -22.41 -17.10
CAK 182 U . 4.75 -21.88 -16.54
OAN 182 U . 3.68 -22.58 -17.20
CAL 182 U . 2.42 -22.40 -16.49
NAT 182 U . 2.16 -23.14 -15.34
CAS 182 U . 2.08 -22.53 -14.06
OAB 182 U . 2.26 -21.32 -13.88
NAM 182 U . 1.81 -23.32 -12.92
CAR 182 U . 1.64 -24.72 -13.07
OAA 182 U . 1.38 -25.38 -12.06
CAI 182 U . 1.98 -24.53 -15.46
CAQ 182 U . 1.72 -25.34 -14.34
SE 182 U . 1.57 -27.09 -14.55
CAP 182 U . 3.17 -27.73 -14.23
CAH 182 U . 3.45 -28.53 -13.10
CAF 182 U . 4.77 -29.05 -12.89
CAD 182 U . 5.78 -28.76 -13.83
CAE 182 U . 5.53 -27.96 -14.97
CAG 182 U . 4.20 -27.45 -15.16
#